data_3MTT
# 
_entry.id   3MTT 
# 
_audit_conform.dict_name       mmcif_pdbx.dic 
_audit_conform.dict_version    5.399 
_audit_conform.dict_location   http://mmcif.pdb.org/dictionaries/ascii/mmcif_pdbx.dic 
# 
loop_
_database_2.database_id 
_database_2.database_code 
_database_2.pdbx_database_accession 
_database_2.pdbx_DOI 
PDB   3MTT         pdb_00003mtt 10.2210/pdb3mtt/pdb 
RCSB  RCSB058986   ?            ?                   
WWPDB D_1000058986 ?            ?                   
# 
loop_
_pdbx_audit_revision_history.ordinal 
_pdbx_audit_revision_history.data_content_type 
_pdbx_audit_revision_history.major_revision 
_pdbx_audit_revision_history.minor_revision 
_pdbx_audit_revision_history.revision_date 
1 'Structure model' 1 0 2010-05-19 
2 'Structure model' 1 1 2011-07-13 
3 'Structure model' 1 2 2023-09-06 
4 'Structure model' 1 3 2024-11-27 
# 
_pdbx_audit_revision_details.ordinal             1 
_pdbx_audit_revision_details.revision_ordinal    1 
_pdbx_audit_revision_details.data_content_type   'Structure model' 
_pdbx_audit_revision_details.provider            repository 
_pdbx_audit_revision_details.type                'Initial release' 
_pdbx_audit_revision_details.description         ? 
_pdbx_audit_revision_details.details             ? 
# 
loop_
_pdbx_audit_revision_group.ordinal 
_pdbx_audit_revision_group.revision_ordinal 
_pdbx_audit_revision_group.data_content_type 
_pdbx_audit_revision_group.group 
1 2 'Structure model' 'Version format compliance' 
2 3 'Structure model' 'Data collection'           
3 3 'Structure model' 'Database references'       
4 3 'Structure model' 'Refinement description'    
5 4 'Structure model' 'Structure summary'         
# 
loop_
_pdbx_audit_revision_category.ordinal 
_pdbx_audit_revision_category.revision_ordinal 
_pdbx_audit_revision_category.data_content_type 
_pdbx_audit_revision_category.category 
1 3 'Structure model' chem_comp_atom                
2 3 'Structure model' chem_comp_bond                
3 3 'Structure model' database_2                    
4 3 'Structure model' pdbx_initial_refinement_model 
5 4 'Structure model' pdbx_entry_details            
6 4 'Structure model' pdbx_modification_feature     
# 
loop_
_pdbx_audit_revision_item.ordinal 
_pdbx_audit_revision_item.revision_ordinal 
_pdbx_audit_revision_item.data_content_type 
_pdbx_audit_revision_item.item 
1 3 'Structure model' '_database_2.pdbx_DOI'                
2 3 'Structure model' '_database_2.pdbx_database_accession' 
# 
_pdbx_database_status.status_code                     REL 
_pdbx_database_status.entry_id                        3MTT 
_pdbx_database_status.recvd_initial_deposition_date   2010-04-30 
_pdbx_database_status.deposit_site                    RCSB 
_pdbx_database_status.process_site                    RCSB 
_pdbx_database_status.status_code_sf                  REL 
_pdbx_database_status.status_code_mr                  ? 
_pdbx_database_status.SG_entry                        Y 
_pdbx_database_status.status_code_cs                  ? 
_pdbx_database_status.pdb_format_compatible           Y 
_pdbx_database_status.status_code_nmr_data            ? 
_pdbx_database_status.methods_development_category    ? 
# 
_pdbx_database_related.db_name        TargetDB 
_pdbx_database_related.db_id          HR5531C 
_pdbx_database_related.details        . 
_pdbx_database_related.content_type   unspecified 
# 
loop_
_audit_author.name 
_audit_author.pdbx_ordinal 
'Guan, R.'                                        1 
'Schauder, C.'                                    2 
'Ma, L.C.'                                        3 
'Krug, R.M.'                                      4 
'Montelione, G.T.'                                5 
'Northeast Structural Genomics Consortium (NESG)' 6 
# 
_citation.id                        primary 
_citation.title                     
;Structure of the iSH2 domain of human phosphatidylinositol 3-kinase p85beta subunit reveals conformational plasticity in the interhelical turn region
;
_citation.journal_abbrev            'Acta Crystallogr.,Sect.F' 
_citation.journal_volume            66 
_citation.page_first                1567 
_citation.page_last                 1571 
_citation.year                      2010 
_citation.journal_id_ASTM           ? 
_citation.country                   DK 
_citation.journal_id_ISSN           1744-3091 
_citation.journal_id_CSD            ? 
_citation.book_publisher            ? 
_citation.pdbx_database_id_PubMed   21139197 
_citation.pdbx_database_id_DOI      10.1107/S1744309110041333 
# 
loop_
_citation_author.citation_id 
_citation_author.name 
_citation_author.ordinal 
_citation_author.identifier_ORCID 
primary 'Schauder, C.'     1 ? 
primary 'Ma, L.C.'         2 ? 
primary 'Krug, R.M.'       3 ? 
primary 'Montelione, G.T.' 4 ? 
primary 'Guan, R.'         5 ? 
# 
loop_
_entity.id 
_entity.type 
_entity.src_method 
_entity.pdbx_description 
_entity.formula_weight 
_entity.pdbx_number_of_molecules 
_entity.pdbx_ec 
_entity.pdbx_mutation 
_entity.pdbx_fragment 
_entity.details 
1 polymer man 'Phosphatidylinositol 3-kinase regulatory subunit beta' 22748.605 1  ? ? 'iSH2 domain, residues 433-610' ? 
2 water   nat water                                                   18.015    14 ? ? ?                               ? 
# 
_entity_name_com.entity_id   1 
_entity_name_com.name        
;PtdIns-3-kinase regulatory subunit beta, PI3-kinase regulatory subunit beta, PI3K regulatory subunit beta, Phosphatidylinositol 3-kinase 85 kDa regulatory subunit beta, PtdIns-3-kinase regulatory subunit p85-beta, PI3-kinase subunit p85-beta
;
# 
_entity_poly.entity_id                      1 
_entity_poly.type                           'polypeptide(L)' 
_entity_poly.nstd_linkage                   no 
_entity_poly.nstd_monomer                   no 
_entity_poly.pdbx_seq_one_letter_code       
;MIVKEDSVEAVGAQLKVYHQQYQDKSREYDQLYEEYTRTSQELQMKRTAIEAFNETIKIFEEQGQTQEKCSKEYLERFRR
EGNEKEMQRILLNSERLKSRIAEIHESRTKLEQQLRAQASDNREIDKRMNSLKPDLMQLRKIRDQYLVWLTQKGARQKKI
NEWLGIKNETEDQYALMEDLEHHHHHH
;
_entity_poly.pdbx_seq_one_letter_code_can   
;MIVKEDSVEAVGAQLKVYHQQYQDKSREYDQLYEEYTRTSQELQMKRTAIEAFNETIKIFEEQGQTQEKCSKEYLERFRR
EGNEKEMQRILLNSERLKSRIAEIHESRTKLEQQLRAQASDNREIDKRMNSLKPDLMQLRKIRDQYLVWLTQKGARQKKI
NEWLGIKNETEDQYALMEDLEHHHHHH
;
_entity_poly.pdbx_strand_id                 A 
_entity_poly.pdbx_target_identifier         HR5531C 
# 
_pdbx_entity_nonpoly.entity_id   2 
_pdbx_entity_nonpoly.name        water 
_pdbx_entity_nonpoly.comp_id     HOH 
# 
loop_
_entity_poly_seq.entity_id 
_entity_poly_seq.num 
_entity_poly_seq.mon_id 
_entity_poly_seq.hetero 
1 1   MET n 
1 2   ILE n 
1 3   VAL n 
1 4   LYS n 
1 5   GLU n 
1 6   ASP n 
1 7   SER n 
1 8   VAL n 
1 9   GLU n 
1 10  ALA n 
1 11  VAL n 
1 12  GLY n 
1 13  ALA n 
1 14  GLN n 
1 15  LEU n 
1 16  LYS n 
1 17  VAL n 
1 18  TYR n 
1 19  HIS n 
1 20  GLN n 
1 21  GLN n 
1 22  TYR n 
1 23  GLN n 
1 24  ASP n 
1 25  LYS n 
1 26  SER n 
1 27  ARG n 
1 28  GLU n 
1 29  TYR n 
1 30  ASP n 
1 31  GLN n 
1 32  LEU n 
1 33  TYR n 
1 34  GLU n 
1 35  GLU n 
1 36  TYR n 
1 37  THR n 
1 38  ARG n 
1 39  THR n 
1 40  SER n 
1 41  GLN n 
1 42  GLU n 
1 43  LEU n 
1 44  GLN n 
1 45  MET n 
1 46  LYS n 
1 47  ARG n 
1 48  THR n 
1 49  ALA n 
1 50  ILE n 
1 51  GLU n 
1 52  ALA n 
1 53  PHE n 
1 54  ASN n 
1 55  GLU n 
1 56  THR n 
1 57  ILE n 
1 58  LYS n 
1 59  ILE n 
1 60  PHE n 
1 61  GLU n 
1 62  GLU n 
1 63  GLN n 
1 64  GLY n 
1 65  GLN n 
1 66  THR n 
1 67  GLN n 
1 68  GLU n 
1 69  LYS n 
1 70  CYS n 
1 71  SER n 
1 72  LYS n 
1 73  GLU n 
1 74  TYR n 
1 75  LEU n 
1 76  GLU n 
1 77  ARG n 
1 78  PHE n 
1 79  ARG n 
1 80  ARG n 
1 81  GLU n 
1 82  GLY n 
1 83  ASN n 
1 84  GLU n 
1 85  LYS n 
1 86  GLU n 
1 87  MET n 
1 88  GLN n 
1 89  ARG n 
1 90  ILE n 
1 91  LEU n 
1 92  LEU n 
1 93  ASN n 
1 94  SER n 
1 95  GLU n 
1 96  ARG n 
1 97  LEU n 
1 98  LYS n 
1 99  SER n 
1 100 ARG n 
1 101 ILE n 
1 102 ALA n 
1 103 GLU n 
1 104 ILE n 
1 105 HIS n 
1 106 GLU n 
1 107 SER n 
1 108 ARG n 
1 109 THR n 
1 110 LYS n 
1 111 LEU n 
1 112 GLU n 
1 113 GLN n 
1 114 GLN n 
1 115 LEU n 
1 116 ARG n 
1 117 ALA n 
1 118 GLN n 
1 119 ALA n 
1 120 SER n 
1 121 ASP n 
1 122 ASN n 
1 123 ARG n 
1 124 GLU n 
1 125 ILE n 
1 126 ASP n 
1 127 LYS n 
1 128 ARG n 
1 129 MET n 
1 130 ASN n 
1 131 SER n 
1 132 LEU n 
1 133 LYS n 
1 134 PRO n 
1 135 ASP n 
1 136 LEU n 
1 137 MET n 
1 138 GLN n 
1 139 LEU n 
1 140 ARG n 
1 141 LYS n 
1 142 ILE n 
1 143 ARG n 
1 144 ASP n 
1 145 GLN n 
1 146 TYR n 
1 147 LEU n 
1 148 VAL n 
1 149 TRP n 
1 150 LEU n 
1 151 THR n 
1 152 GLN n 
1 153 LYS n 
1 154 GLY n 
1 155 ALA n 
1 156 ARG n 
1 157 GLN n 
1 158 LYS n 
1 159 LYS n 
1 160 ILE n 
1 161 ASN n 
1 162 GLU n 
1 163 TRP n 
1 164 LEU n 
1 165 GLY n 
1 166 ILE n 
1 167 LYS n 
1 168 ASN n 
1 169 GLU n 
1 170 THR n 
1 171 GLU n 
1 172 ASP n 
1 173 GLN n 
1 174 TYR n 
1 175 ALA n 
1 176 LEU n 
1 177 MET n 
1 178 GLU n 
1 179 ASP n 
1 180 LEU n 
1 181 GLU n 
1 182 HIS n 
1 183 HIS n 
1 184 HIS n 
1 185 HIS n 
1 186 HIS n 
1 187 HIS n 
# 
_entity_src_gen.entity_id                          1 
_entity_src_gen.pdbx_src_id                        1 
_entity_src_gen.pdbx_alt_source_flag               sample 
_entity_src_gen.pdbx_seq_type                      ? 
_entity_src_gen.pdbx_beg_seq_num                   ? 
_entity_src_gen.pdbx_end_seq_num                   ? 
_entity_src_gen.gene_src_common_name               human 
_entity_src_gen.gene_src_genus                     ? 
_entity_src_gen.pdbx_gene_src_gene                 PIK3R2 
_entity_src_gen.gene_src_species                   ? 
_entity_src_gen.gene_src_strain                    ? 
_entity_src_gen.gene_src_tissue                    ? 
_entity_src_gen.gene_src_tissue_fraction           ? 
_entity_src_gen.gene_src_details                   ? 
_entity_src_gen.pdbx_gene_src_fragment             ? 
_entity_src_gen.pdbx_gene_src_scientific_name      'Homo sapiens' 
_entity_src_gen.pdbx_gene_src_ncbi_taxonomy_id     9606 
_entity_src_gen.pdbx_gene_src_variant              ? 
_entity_src_gen.pdbx_gene_src_cell_line            ? 
_entity_src_gen.pdbx_gene_src_atcc                 ? 
_entity_src_gen.pdbx_gene_src_organ                ? 
_entity_src_gen.pdbx_gene_src_organelle            ? 
_entity_src_gen.pdbx_gene_src_cell                 ? 
_entity_src_gen.pdbx_gene_src_cellular_location    ? 
_entity_src_gen.host_org_common_name               ? 
_entity_src_gen.pdbx_host_org_scientific_name      'Escherichia coli' 
_entity_src_gen.pdbx_host_org_ncbi_taxonomy_id     511693 
_entity_src_gen.host_org_genus                     ? 
_entity_src_gen.pdbx_host_org_gene                 ? 
_entity_src_gen.pdbx_host_org_organ                ? 
_entity_src_gen.host_org_species                   ? 
_entity_src_gen.pdbx_host_org_tissue               ? 
_entity_src_gen.pdbx_host_org_tissue_fraction      ? 
_entity_src_gen.pdbx_host_org_strain               BL21 
_entity_src_gen.pdbx_host_org_variant              ? 
_entity_src_gen.pdbx_host_org_cell_line            ? 
_entity_src_gen.pdbx_host_org_atcc                 ? 
_entity_src_gen.pdbx_host_org_culture_collection   ? 
_entity_src_gen.pdbx_host_org_cell                 ? 
_entity_src_gen.pdbx_host_org_organelle            ? 
_entity_src_gen.pdbx_host_org_cellular_location    ? 
_entity_src_gen.pdbx_host_org_vector_type          Plasmid 
_entity_src_gen.pdbx_host_org_vector               ? 
_entity_src_gen.host_org_details                   ? 
_entity_src_gen.expression_system_id               ? 
_entity_src_gen.plasmid_name                       pet21C 
_entity_src_gen.plasmid_details                    ? 
_entity_src_gen.pdbx_description                   ? 
# 
loop_
_chem_comp.id 
_chem_comp.type 
_chem_comp.mon_nstd_flag 
_chem_comp.name 
_chem_comp.pdbx_synonyms 
_chem_comp.formula 
_chem_comp.formula_weight 
ALA 'L-peptide linking' y ALANINE         ? 'C3 H7 N O2'     89.093  
ARG 'L-peptide linking' y ARGININE        ? 'C6 H15 N4 O2 1' 175.209 
ASN 'L-peptide linking' y ASPARAGINE      ? 'C4 H8 N2 O3'    132.118 
ASP 'L-peptide linking' y 'ASPARTIC ACID' ? 'C4 H7 N O4'     133.103 
CYS 'L-peptide linking' y CYSTEINE        ? 'C3 H7 N O2 S'   121.158 
GLN 'L-peptide linking' y GLUTAMINE       ? 'C5 H10 N2 O3'   146.144 
GLU 'L-peptide linking' y 'GLUTAMIC ACID' ? 'C5 H9 N O4'     147.129 
GLY 'peptide linking'   y GLYCINE         ? 'C2 H5 N O2'     75.067  
HIS 'L-peptide linking' y HISTIDINE       ? 'C6 H10 N3 O2 1' 156.162 
HOH non-polymer         . WATER           ? 'H2 O'           18.015  
ILE 'L-peptide linking' y ISOLEUCINE      ? 'C6 H13 N O2'    131.173 
LEU 'L-peptide linking' y LEUCINE         ? 'C6 H13 N O2'    131.173 
LYS 'L-peptide linking' y LYSINE          ? 'C6 H15 N2 O2 1' 147.195 
MET 'L-peptide linking' y METHIONINE      ? 'C5 H11 N O2 S'  149.211 
PHE 'L-peptide linking' y PHENYLALANINE   ? 'C9 H11 N O2'    165.189 
PRO 'L-peptide linking' y PROLINE         ? 'C5 H9 N O2'     115.130 
SER 'L-peptide linking' y SERINE          ? 'C3 H7 N O3'     105.093 
THR 'L-peptide linking' y THREONINE       ? 'C4 H9 N O3'     119.119 
TRP 'L-peptide linking' y TRYPTOPHAN      ? 'C11 H12 N2 O2'  204.225 
TYR 'L-peptide linking' y TYROSINE        ? 'C9 H11 N O3'    181.189 
VAL 'L-peptide linking' y VALINE          ? 'C5 H11 N O2'    117.146 
# 
loop_
_pdbx_poly_seq_scheme.asym_id 
_pdbx_poly_seq_scheme.entity_id 
_pdbx_poly_seq_scheme.seq_id 
_pdbx_poly_seq_scheme.mon_id 
_pdbx_poly_seq_scheme.ndb_seq_num 
_pdbx_poly_seq_scheme.pdb_seq_num 
_pdbx_poly_seq_scheme.auth_seq_num 
_pdbx_poly_seq_scheme.pdb_mon_id 
_pdbx_poly_seq_scheme.auth_mon_id 
_pdbx_poly_seq_scheme.pdb_strand_id 
_pdbx_poly_seq_scheme.pdb_ins_code 
_pdbx_poly_seq_scheme.hetero 
A 1 1   MET 1   432 ?   ?   ?   A . n 
A 1 2   ILE 2   433 ?   ?   ?   A . n 
A 1 3   VAL 3   434 ?   ?   ?   A . n 
A 1 4   LYS 4   435 ?   ?   ?   A . n 
A 1 5   GLU 5   436 436 GLU GLU A . n 
A 1 6   ASP 6   437 437 ASP ASP A . n 
A 1 7   SER 7   438 438 SER SER A . n 
A 1 8   VAL 8   439 439 VAL VAL A . n 
A 1 9   GLU 9   440 440 GLU GLU A . n 
A 1 10  ALA 10  441 441 ALA ALA A . n 
A 1 11  VAL 11  442 442 VAL VAL A . n 
A 1 12  GLY 12  443 443 GLY GLY A . n 
A 1 13  ALA 13  444 444 ALA ALA A . n 
A 1 14  GLN 14  445 445 GLN GLN A . n 
A 1 15  LEU 15  446 446 LEU LEU A . n 
A 1 16  LYS 16  447 447 LYS LYS A . n 
A 1 17  VAL 17  448 448 VAL VAL A . n 
A 1 18  TYR 18  449 449 TYR TYR A . n 
A 1 19  HIS 19  450 450 HIS HIS A . n 
A 1 20  GLN 20  451 451 GLN GLN A . n 
A 1 21  GLN 21  452 452 GLN GLN A . n 
A 1 22  TYR 22  453 453 TYR TYR A . n 
A 1 23  GLN 23  454 454 GLN GLN A . n 
A 1 24  ASP 24  455 455 ASP ASP A . n 
A 1 25  LYS 25  456 456 LYS LYS A . n 
A 1 26  SER 26  457 457 SER SER A . n 
A 1 27  ARG 27  458 458 ARG ARG A . n 
A 1 28  GLU 28  459 459 GLU GLU A . n 
A 1 29  TYR 29  460 460 TYR TYR A . n 
A 1 30  ASP 30  461 461 ASP ASP A . n 
A 1 31  GLN 31  462 462 GLN GLN A . n 
A 1 32  LEU 32  463 463 LEU LEU A . n 
A 1 33  TYR 33  464 464 TYR TYR A . n 
A 1 34  GLU 34  465 465 GLU GLU A . n 
A 1 35  GLU 35  466 466 GLU GLU A . n 
A 1 36  TYR 36  467 467 TYR TYR A . n 
A 1 37  THR 37  468 468 THR THR A . n 
A 1 38  ARG 38  469 469 ARG ARG A . n 
A 1 39  THR 39  470 470 THR THR A . n 
A 1 40  SER 40  471 471 SER SER A . n 
A 1 41  GLN 41  472 472 GLN GLN A . n 
A 1 42  GLU 42  473 473 GLU GLU A . n 
A 1 43  LEU 43  474 474 LEU LEU A . n 
A 1 44  GLN 44  475 475 GLN GLN A . n 
A 1 45  MET 45  476 476 MET MET A . n 
A 1 46  LYS 46  477 477 LYS LYS A . n 
A 1 47  ARG 47  478 478 ARG ARG A . n 
A 1 48  THR 48  479 479 THR THR A . n 
A 1 49  ALA 49  480 480 ALA ALA A . n 
A 1 50  ILE 50  481 481 ILE ILE A . n 
A 1 51  GLU 51  482 482 GLU GLU A . n 
A 1 52  ALA 52  483 483 ALA ALA A . n 
A 1 53  PHE 53  484 484 PHE PHE A . n 
A 1 54  ASN 54  485 485 ASN ASN A . n 
A 1 55  GLU 55  486 486 GLU GLU A . n 
A 1 56  THR 56  487 487 THR THR A . n 
A 1 57  ILE 57  488 488 ILE ILE A . n 
A 1 58  LYS 58  489 489 LYS LYS A . n 
A 1 59  ILE 59  490 490 ILE ILE A . n 
A 1 60  PHE 60  491 491 PHE PHE A . n 
A 1 61  GLU 61  492 492 GLU GLU A . n 
A 1 62  GLU 62  493 493 GLU GLU A . n 
A 1 63  GLN 63  494 494 GLN GLN A . n 
A 1 64  GLY 64  495 495 GLY GLY A . n 
A 1 65  GLN 65  496 496 GLN GLN A . n 
A 1 66  THR 66  497 497 THR THR A . n 
A 1 67  GLN 67  498 498 GLN GLN A . n 
A 1 68  GLU 68  499 499 GLU GLU A . n 
A 1 69  LYS 69  500 500 LYS LYS A . n 
A 1 70  CYS 70  501 501 CYS CYS A . n 
A 1 71  SER 71  502 502 SER SER A . n 
A 1 72  LYS 72  503 503 LYS LYS A . n 
A 1 73  GLU 73  504 504 GLU GLU A . n 
A 1 74  TYR 74  505 505 TYR TYR A . n 
A 1 75  LEU 75  506 506 LEU LEU A . n 
A 1 76  GLU 76  507 507 GLU GLU A . n 
A 1 77  ARG 77  508 508 ARG ARG A . n 
A 1 78  PHE 78  509 509 PHE PHE A . n 
A 1 79  ARG 79  510 510 ARG ARG A . n 
A 1 80  ARG 80  511 511 ARG ARG A . n 
A 1 81  GLU 81  512 512 GLU GLU A . n 
A 1 82  GLY 82  513 513 GLY GLY A . n 
A 1 83  ASN 83  514 514 ASN ASN A . n 
A 1 84  GLU 84  515 515 GLU GLU A . n 
A 1 85  LYS 85  516 516 LYS LYS A . n 
A 1 86  GLU 86  517 517 GLU GLU A . n 
A 1 87  MET 87  518 518 MET MET A . n 
A 1 88  GLN 88  519 519 GLN GLN A . n 
A 1 89  ARG 89  520 520 ARG ARG A . n 
A 1 90  ILE 90  521 521 ILE ILE A . n 
A 1 91  LEU 91  522 522 LEU LEU A . n 
A 1 92  LEU 92  523 523 LEU LEU A . n 
A 1 93  ASN 93  524 524 ASN ASN A . n 
A 1 94  SER 94  525 525 SER SER A . n 
A 1 95  GLU 95  526 526 GLU GLU A . n 
A 1 96  ARG 96  527 527 ARG ARG A . n 
A 1 97  LEU 97  528 528 LEU LEU A . n 
A 1 98  LYS 98  529 529 LYS LYS A . n 
A 1 99  SER 99  530 530 SER SER A . n 
A 1 100 ARG 100 531 531 ARG ARG A . n 
A 1 101 ILE 101 532 532 ILE ILE A . n 
A 1 102 ALA 102 533 533 ALA ALA A . n 
A 1 103 GLU 103 534 534 GLU GLU A . n 
A 1 104 ILE 104 535 535 ILE ILE A . n 
A 1 105 HIS 105 536 536 HIS HIS A . n 
A 1 106 GLU 106 537 537 GLU GLU A . n 
A 1 107 SER 107 538 538 SER SER A . n 
A 1 108 ARG 108 539 539 ARG ARG A . n 
A 1 109 THR 109 540 540 THR THR A . n 
A 1 110 LYS 110 541 541 LYS LYS A . n 
A 1 111 LEU 111 542 542 LEU LEU A . n 
A 1 112 GLU 112 543 543 GLU GLU A . n 
A 1 113 GLN 113 544 544 GLN GLN A . n 
A 1 114 GLN 114 545 545 GLN GLN A . n 
A 1 115 LEU 115 546 546 LEU LEU A . n 
A 1 116 ARG 116 547 547 ARG ARG A . n 
A 1 117 ALA 117 548 548 ALA ALA A . n 
A 1 118 GLN 118 549 549 GLN GLN A . n 
A 1 119 ALA 119 550 550 ALA ALA A . n 
A 1 120 SER 120 551 551 SER SER A . n 
A 1 121 ASP 121 552 552 ASP ASP A . n 
A 1 122 ASN 122 553 553 ASN ASN A . n 
A 1 123 ARG 123 554 554 ARG ARG A . n 
A 1 124 GLU 124 555 555 GLU GLU A . n 
A 1 125 ILE 125 556 556 ILE ILE A . n 
A 1 126 ASP 126 557 557 ASP ASP A . n 
A 1 127 LYS 127 558 558 LYS LYS A . n 
A 1 128 ARG 128 559 559 ARG ARG A . n 
A 1 129 MET 129 560 560 MET MET A . n 
A 1 130 ASN 130 561 561 ASN ASN A . n 
A 1 131 SER 131 562 562 SER SER A . n 
A 1 132 LEU 132 563 563 LEU LEU A . n 
A 1 133 LYS 133 564 564 LYS LYS A . n 
A 1 134 PRO 134 565 565 PRO PRO A . n 
A 1 135 ASP 135 566 566 ASP ASP A . n 
A 1 136 LEU 136 567 567 LEU LEU A . n 
A 1 137 MET 137 568 568 MET MET A . n 
A 1 138 GLN 138 569 569 GLN GLN A . n 
A 1 139 LEU 139 570 570 LEU LEU A . n 
A 1 140 ARG 140 571 571 ARG ARG A . n 
A 1 141 LYS 141 572 572 LYS LYS A . n 
A 1 142 ILE 142 573 573 ILE ILE A . n 
A 1 143 ARG 143 574 574 ARG ARG A . n 
A 1 144 ASP 144 575 575 ASP ASP A . n 
A 1 145 GLN 145 576 576 GLN GLN A . n 
A 1 146 TYR 146 577 577 TYR TYR A . n 
A 1 147 LEU 147 578 578 LEU LEU A . n 
A 1 148 VAL 148 579 579 VAL VAL A . n 
A 1 149 TRP 149 580 580 TRP TRP A . n 
A 1 150 LEU 150 581 581 LEU LEU A . n 
A 1 151 THR 151 582 582 THR THR A . n 
A 1 152 GLN 152 583 583 GLN GLN A . n 
A 1 153 LYS 153 584 584 LYS LYS A . n 
A 1 154 GLY 154 585 585 GLY GLY A . n 
A 1 155 ALA 155 586 586 ALA ALA A . n 
A 1 156 ARG 156 587 587 ARG ARG A . n 
A 1 157 GLN 157 588 588 GLN GLN A . n 
A 1 158 LYS 158 589 589 LYS LYS A . n 
A 1 159 LYS 159 590 590 LYS LYS A . n 
A 1 160 ILE 160 591 591 ILE ILE A . n 
A 1 161 ASN 161 592 592 ASN ASN A . n 
A 1 162 GLU 162 593 593 GLU GLU A . n 
A 1 163 TRP 163 594 594 TRP TRP A . n 
A 1 164 LEU 164 595 595 LEU LEU A . n 
A 1 165 GLY 165 596 596 GLY GLY A . n 
A 1 166 ILE 166 597 597 ILE ILE A . n 
A 1 167 LYS 167 598 598 LYS LYS A . n 
A 1 168 ASN 168 599 ?   ?   ?   A . n 
A 1 169 GLU 169 600 ?   ?   ?   A . n 
A 1 170 THR 170 601 ?   ?   ?   A . n 
A 1 171 GLU 171 602 ?   ?   ?   A . n 
A 1 172 ASP 172 603 ?   ?   ?   A . n 
A 1 173 GLN 173 604 ?   ?   ?   A . n 
A 1 174 TYR 174 605 ?   ?   ?   A . n 
A 1 175 ALA 175 606 ?   ?   ?   A . n 
A 1 176 LEU 176 607 ?   ?   ?   A . n 
A 1 177 MET 177 608 ?   ?   ?   A . n 
A 1 178 GLU 178 609 ?   ?   ?   A . n 
A 1 179 ASP 179 610 ?   ?   ?   A . n 
A 1 180 LEU 180 611 ?   ?   ?   A . n 
A 1 181 GLU 181 612 ?   ?   ?   A . n 
A 1 182 HIS 182 613 ?   ?   ?   A . n 
A 1 183 HIS 183 614 ?   ?   ?   A . n 
A 1 184 HIS 184 615 ?   ?   ?   A . n 
A 1 185 HIS 185 616 ?   ?   ?   A . n 
A 1 186 HIS 186 617 ?   ?   ?   A . n 
A 1 187 HIS 187 618 ?   ?   ?   A . n 
# 
loop_
_pdbx_nonpoly_scheme.asym_id 
_pdbx_nonpoly_scheme.entity_id 
_pdbx_nonpoly_scheme.mon_id 
_pdbx_nonpoly_scheme.ndb_seq_num 
_pdbx_nonpoly_scheme.pdb_seq_num 
_pdbx_nonpoly_scheme.auth_seq_num 
_pdbx_nonpoly_scheme.pdb_mon_id 
_pdbx_nonpoly_scheme.auth_mon_id 
_pdbx_nonpoly_scheme.pdb_strand_id 
_pdbx_nonpoly_scheme.pdb_ins_code 
B 2 HOH 1  1  1  HOH HOH A . 
B 2 HOH 2  2  2  HOH HOH A . 
B 2 HOH 3  3  3  HOH HOH A . 
B 2 HOH 4  4  4  HOH HOH A . 
B 2 HOH 5  5  5  HOH HOH A . 
B 2 HOH 6  6  6  HOH HOH A . 
B 2 HOH 7  7  7  HOH HOH A . 
B 2 HOH 8  8  8  HOH HOH A . 
B 2 HOH 9  9  9  HOH HOH A . 
B 2 HOH 10 10 10 HOH HOH A . 
B 2 HOH 11 11 11 HOH HOH A . 
B 2 HOH 12 12 12 HOH HOH A . 
B 2 HOH 13 13 13 HOH HOH A . 
B 2 HOH 14 14 14 HOH HOH A . 
# 
loop_
_software.name 
_software.classification 
_software.version 
_software.citation_id 
_software.pdbx_ordinal 
HKL-2000 'data collection' .                          ? 1 
PHASER   phasing           .                          ? 2 
PHENIX   refinement        '(phenix.refine: dev_377)' ? 3 
HKL-2000 'data reduction'  .                          ? 4 
HKL-2000 'data scaling'    .                          ? 5 
# 
_cell.entry_id           3MTT 
_cell.length_a           174.588 
_cell.length_b           174.588 
_cell.length_c           102.699 
_cell.angle_alpha        90.00 
_cell.angle_beta         90.00 
_cell.angle_gamma        120.00 
_cell.Z_PDB              18 
_cell.pdbx_unique_axis   ? 
_cell.length_a_esd       ? 
_cell.length_b_esd       ? 
_cell.length_c_esd       ? 
_cell.angle_alpha_esd    ? 
_cell.angle_beta_esd     ? 
_cell.angle_gamma_esd    ? 
# 
_symmetry.entry_id                         3MTT 
_symmetry.space_group_name_H-M             'H 3 2' 
_symmetry.pdbx_full_space_group_name_H-M   ? 
_symmetry.cell_setting                     ? 
_symmetry.Int_Tables_number                155 
_symmetry.space_group_name_Hall            ? 
# 
_exptl.entry_id          3MTT 
_exptl.method            'X-RAY DIFFRACTION' 
_exptl.crystals_number   1 
# 
_exptl_crystal.id                    1 
_exptl_crystal.density_meas          ? 
_exptl_crystal.density_Matthews      6.62 
_exptl_crystal.density_percent_sol   81.42 
_exptl_crystal.description           ? 
_exptl_crystal.F_000                 ? 
_exptl_crystal.preparation           ? 
# 
_exptl_crystal_grow.crystal_id      1 
_exptl_crystal_grow.method          'VAPOR DIFFUSION, HANGING DROP' 
_exptl_crystal_grow.temp            277 
_exptl_crystal_grow.temp_details    ? 
_exptl_crystal_grow.pH              7.6 
_exptl_crystal_grow.pdbx_details    '0.5 M Sodium Malonate, 0.1 M HEPES, , pH 7.6, VAPOR DIFFUSION, HANGING DROP, temperature 277K' 
_exptl_crystal_grow.pdbx_pH_range   ? 
# 
_diffrn.id                     1 
_diffrn.ambient_temp           100 
_diffrn.ambient_temp_details   ? 
_diffrn.crystal_id             1 
# 
_diffrn_detector.diffrn_id              1 
_diffrn_detector.detector               CCD 
_diffrn_detector.type                   'ADSC QUANTUM 315r' 
_diffrn_detector.pdbx_collection_date   2010-03-05 
_diffrn_detector.details                ? 
# 
_diffrn_radiation.diffrn_id                        1 
_diffrn_radiation.wavelength_id                    1 
_diffrn_radiation.pdbx_monochromatic_or_laue_m_l   M 
_diffrn_radiation.monochromator                    'Si(iii)' 
_diffrn_radiation.pdbx_diffrn_protocol             'SINGLE WAVELENGTH' 
_diffrn_radiation.pdbx_scattering_type             x-ray 
# 
_diffrn_radiation_wavelength.id           1 
_diffrn_radiation_wavelength.wavelength   1.075 
_diffrn_radiation_wavelength.wt           1.0 
# 
_diffrn_source.diffrn_id                   1 
_diffrn_source.source                      SYNCHROTRON 
_diffrn_source.type                        'NSLS BEAMLINE X29A' 
_diffrn_source.pdbx_synchrotron_site       NSLS 
_diffrn_source.pdbx_synchrotron_beamline   X29A 
_diffrn_source.pdbx_wavelength             ? 
_diffrn_source.pdbx_wavelength_list        1.075 
# 
_reflns.entry_id                     3MTT 
_reflns.observed_criterion_sigma_I   2 
_reflns.observed_criterion_sigma_F   2 
_reflns.d_resolution_low             48.6 
_reflns.d_resolution_high            3.3 
_reflns.number_obs                   9161 
_reflns.number_all                   9170 
_reflns.percent_possible_obs         99.9 
_reflns.pdbx_Rmerge_I_obs            0.088 
_reflns.pdbx_Rsym_value              ? 
_reflns.pdbx_netI_over_sigmaI        39 
_reflns.B_iso_Wilson_estimate        110 
_reflns.pdbx_redundancy              22.1 
_reflns.R_free_details               ? 
_reflns.limit_h_max                  ? 
_reflns.limit_h_min                  ? 
_reflns.limit_k_max                  ? 
_reflns.limit_k_min                  ? 
_reflns.limit_l_max                  ? 
_reflns.limit_l_min                  ? 
_reflns.observed_criterion_F_max     ? 
_reflns.observed_criterion_F_min     ? 
_reflns.pdbx_chi_squared             ? 
_reflns.pdbx_scaling_rejects         ? 
_reflns.pdbx_diffrn_id               1 
_reflns.pdbx_ordinal                 1 
# 
_reflns_shell.d_res_high             3.30 
_reflns_shell.d_res_low              3.42 
_reflns_shell.percent_possible_all   100 
_reflns_shell.Rmerge_I_obs           0.567 
_reflns_shell.pdbx_Rsym_value        ? 
_reflns_shell.meanI_over_sigI_obs    6.83 
_reflns_shell.pdbx_redundancy        22.5 
_reflns_shell.percent_possible_obs   ? 
_reflns_shell.number_unique_all      897 
_reflns_shell.number_measured_all    ? 
_reflns_shell.number_measured_obs    ? 
_reflns_shell.number_unique_obs      ? 
_reflns_shell.pdbx_chi_squared       ? 
_reflns_shell.pdbx_diffrn_id         ? 
_reflns_shell.pdbx_ordinal           1 
# 
_refine.entry_id                                 3MTT 
_refine.ls_number_reflns_obs                     8955 
_refine.ls_number_reflns_all                     ? 
_refine.pdbx_ls_sigma_I                          ? 
_refine.pdbx_ls_sigma_F                          0.22 
_refine.pdbx_data_cutoff_high_absF               ? 
_refine.pdbx_data_cutoff_low_absF                ? 
_refine.pdbx_data_cutoff_high_rms_absF           ? 
_refine.ls_d_res_low                             48.6 
_refine.ls_d_res_high                            3.3 
_refine.ls_percent_reflns_obs                    97.51 
_refine.ls_R_factor_obs                          0.2501 
_refine.ls_R_factor_all                          ? 
_refine.ls_R_factor_R_work                       0.2487 
_refine.ls_R_factor_R_free                       0.2773 
_refine.ls_R_factor_R_free_error                 ? 
_refine.ls_R_factor_R_free_error_details         ? 
_refine.ls_percent_reflns_R_free                 4.77 
_refine.ls_number_reflns_R_free                  427 
_refine.ls_number_parameters                     ? 
_refine.ls_number_restraints                     ? 
_refine.occupancy_min                            ? 
_refine.occupancy_max                            ? 
_refine.correlation_coeff_Fo_to_Fc               ? 
_refine.correlation_coeff_Fo_to_Fc_free          ? 
_refine.B_iso_mean                               ? 
_refine.aniso_B[1][1]                            -6.4193 
_refine.aniso_B[2][2]                            -6.4193 
_refine.aniso_B[3][3]                            12.8386 
_refine.aniso_B[1][2]                            -0.0000 
_refine.aniso_B[1][3]                            0.0000 
_refine.aniso_B[2][3]                            0.0000 
_refine.solvent_model_details                    'FLAT BULK SOLVENT MODEL' 
_refine.solvent_model_param_ksol                 0.341 
_refine.solvent_model_param_bsol                 75.281 
_refine.pdbx_solvent_vdw_probe_radii             1.10 
_refine.pdbx_solvent_ion_probe_radii             ? 
_refine.pdbx_solvent_shrinkage_radii             0.83 
_refine.pdbx_ls_cross_valid_method               THROUGHOUT 
_refine.details                                  ? 
_refine.pdbx_starting_model                      'PDB ENTRY 3L4Q chain D' 
_refine.pdbx_method_to_determine_struct          'MOLECULAR REPLACEMENT' 
_refine.pdbx_isotropic_thermal_model             ? 
_refine.pdbx_stereochemistry_target_values       ML 
_refine.pdbx_stereochem_target_val_spec_case     ? 
_refine.pdbx_R_Free_selection_details            random 
_refine.pdbx_overall_ESU_R_Free                  ? 
_refine.overall_SU_ML                            0.36 
_refine.overall_SU_B                             ? 
_refine.overall_SU_R_Cruickshank_DPI             ? 
_refine.ls_redundancy_reflns_obs                 ? 
_refine.B_iso_min                                ? 
_refine.B_iso_max                                ? 
_refine.overall_SU_R_free                        ? 
_refine.ls_wR_factor_R_free                      ? 
_refine.ls_wR_factor_R_work                      ? 
_refine.overall_FOM_free_R_set                   ? 
_refine.overall_FOM_work_R_set                   ? 
_refine.pdbx_overall_phase_error                 ? 
_refine.pdbx_refine_id                           'X-RAY DIFFRACTION' 
_refine.pdbx_overall_ESU_R                       ? 
_refine.pdbx_diffrn_id                           1 
_refine.pdbx_TLS_residual_ADP_flag               ? 
_refine.pdbx_overall_SU_R_free_Cruickshank_DPI   ? 
_refine.pdbx_overall_SU_R_Blow_DPI               ? 
_refine.pdbx_overall_SU_R_free_Blow_DPI          ? 
# 
_refine_hist.pdbx_refine_id                   'X-RAY DIFFRACTION' 
_refine_hist.cycle_id                         LAST 
_refine_hist.pdbx_number_atoms_protein        1385 
_refine_hist.pdbx_number_atoms_nucleic_acid   0 
_refine_hist.pdbx_number_atoms_ligand         0 
_refine_hist.number_atoms_solvent             14 
_refine_hist.number_atoms_total               1399 
_refine_hist.d_res_high                       3.3 
_refine_hist.d_res_low                        48.6 
# 
loop_
_refine_ls_restr.type 
_refine_ls_restr.dev_ideal 
_refine_ls_restr.dev_ideal_target 
_refine_ls_restr.weight 
_refine_ls_restr.number 
_refine_ls_restr.pdbx_refine_id 
_refine_ls_restr.pdbx_restraint_function 
f_bond_d           0.003  ? ? 1402 'X-RAY DIFFRACTION' ? 
f_angle_d          0.625  ? ? 1868 'X-RAY DIFFRACTION' ? 
f_dihedral_angle_d 15.461 ? ? 573  'X-RAY DIFFRACTION' ? 
f_chiral_restr     0.050  ? ? 194  'X-RAY DIFFRACTION' ? 
f_plane_restr      0.002  ? ? 246  'X-RAY DIFFRACTION' ? 
# 
loop_
_refine_ls_shell.pdbx_total_number_of_bins_used 
_refine_ls_shell.d_res_high 
_refine_ls_shell.d_res_low 
_refine_ls_shell.number_reflns_R_work 
_refine_ls_shell.R_factor_R_work 
_refine_ls_shell.percent_reflns_obs 
_refine_ls_shell.R_factor_R_free 
_refine_ls_shell.R_factor_R_free_error 
_refine_ls_shell.percent_reflns_R_free 
_refine_ls_shell.number_reflns_R_free 
_refine_ls_shell.number_reflns_all 
_refine_ls_shell.R_factor_all 
_refine_ls_shell.number_reflns_obs 
_refine_ls_shell.redundancy_reflns_obs 
_refine_ls_shell.pdbx_refine_id 
. 3.2970 3.7739  2718 0.3231 95.00 0.3524 . . 143 . . . . 'X-RAY DIFFRACTION' 
. 3.7739 4.7540  2837 0.2524 98.00 0.2657 . . 149 . . . . 'X-RAY DIFFRACTION' 
. 4.7540 48.6272 2973 0.2240 99.00 0.2590 . . 135 . . . . 'X-RAY DIFFRACTION' 
# 
_struct.entry_id                  3MTT 
_struct.title                     
'Crystal structure of iSH2 domain of human p85beta, Northeast Structural Genomics Consortium Target HR5531C' 
_struct.pdbx_model_details        ? 
_struct.pdbx_CASP_flag            ? 
_struct.pdbx_model_type_details   ? 
# 
_struct_keywords.entry_id        3MTT 
_struct_keywords.pdbx_keywords   'SIGNALING PROTEIN, PROTEIN BINDING' 
_struct_keywords.text            
;PI3-kinase subunit p85-beta, inter-SH2 domain, Structural Genomics, PSI-2, Protein Structure Initiative, Northeast Structural Genomics Consortium, NESG, SIGNALING PROTEIN, PROTEIN BINDING
;
# 
loop_
_struct_asym.id 
_struct_asym.pdbx_blank_PDB_chainid_flag 
_struct_asym.pdbx_modified 
_struct_asym.entity_id 
_struct_asym.details 
A N N 1 ? 
B N N 2 ? 
# 
_struct_ref.id                         1 
_struct_ref.db_name                    UNP 
_struct_ref.db_code                    P85B_HUMAN 
_struct_ref.pdbx_db_accession          O00459 
_struct_ref.entity_id                  1 
_struct_ref.pdbx_seq_one_letter_code   
;IVKEDSVEAVGAQLKVYHQQYQDKSREYDQLYEEYTRTSQELQMKRTAIEAFNETIKIFEEQGQTQEKCSKEYLERFRRE
GNEKEMQRILLNSERLKSRIAEIHESRTKLEQQLRAQASDNREIDKRMNSLKPDLMQLRKIRDQYLVWLTQKGARQKKIN
EWLGIKNETEDQYALMED
;
_struct_ref.pdbx_align_begin           433 
_struct_ref.pdbx_db_isoform            ? 
# 
_struct_ref_seq.align_id                      1 
_struct_ref_seq.ref_id                        1 
_struct_ref_seq.pdbx_PDB_id_code              3MTT 
_struct_ref_seq.pdbx_strand_id                A 
_struct_ref_seq.seq_align_beg                 2 
_struct_ref_seq.pdbx_seq_align_beg_ins_code   ? 
_struct_ref_seq.seq_align_end                 179 
_struct_ref_seq.pdbx_seq_align_end_ins_code   ? 
_struct_ref_seq.pdbx_db_accession             O00459 
_struct_ref_seq.db_align_beg                  433 
_struct_ref_seq.pdbx_db_align_beg_ins_code    ? 
_struct_ref_seq.db_align_end                  610 
_struct_ref_seq.pdbx_db_align_end_ins_code    ? 
_struct_ref_seq.pdbx_auth_seq_align_beg       433 
_struct_ref_seq.pdbx_auth_seq_align_end       610 
# 
loop_
_struct_ref_seq_dif.align_id 
_struct_ref_seq_dif.pdbx_pdb_id_code 
_struct_ref_seq_dif.mon_id 
_struct_ref_seq_dif.pdbx_pdb_strand_id 
_struct_ref_seq_dif.seq_num 
_struct_ref_seq_dif.pdbx_pdb_ins_code 
_struct_ref_seq_dif.pdbx_seq_db_name 
_struct_ref_seq_dif.pdbx_seq_db_accession_code 
_struct_ref_seq_dif.db_mon_id 
_struct_ref_seq_dif.pdbx_seq_db_seq_num 
_struct_ref_seq_dif.details 
_struct_ref_seq_dif.pdbx_auth_seq_num 
_struct_ref_seq_dif.pdbx_ordinal 
1 3MTT MET A 1   ? UNP O00459 ? ? 'expression tag' 432 1 
1 3MTT LEU A 180 ? UNP O00459 ? ? 'expression tag' 611 2 
1 3MTT GLU A 181 ? UNP O00459 ? ? 'expression tag' 612 3 
1 3MTT HIS A 182 ? UNP O00459 ? ? 'expression tag' 613 4 
1 3MTT HIS A 183 ? UNP O00459 ? ? 'expression tag' 614 5 
1 3MTT HIS A 184 ? UNP O00459 ? ? 'expression tag' 615 6 
1 3MTT HIS A 185 ? UNP O00459 ? ? 'expression tag' 616 7 
1 3MTT HIS A 186 ? UNP O00459 ? ? 'expression tag' 617 8 
1 3MTT HIS A 187 ? UNP O00459 ? ? 'expression tag' 618 9 
# 
_pdbx_struct_assembly.id                   1 
_pdbx_struct_assembly.details              author_and_software_defined_assembly 
_pdbx_struct_assembly.method_details       PISA 
_pdbx_struct_assembly.oligomeric_details   monomeric 
_pdbx_struct_assembly.oligomeric_count     1 
# 
_pdbx_struct_assembly_gen.assembly_id       1 
_pdbx_struct_assembly_gen.oper_expression   1 
_pdbx_struct_assembly_gen.asym_id_list      A,B 
# 
_pdbx_struct_oper_list.id                   1 
_pdbx_struct_oper_list.type                 'identity operation' 
_pdbx_struct_oper_list.name                 1_555 
_pdbx_struct_oper_list.symmetry_operation   x,y,z 
_pdbx_struct_oper_list.matrix[1][1]         1.0000000000 
_pdbx_struct_oper_list.matrix[1][2]         0.0000000000 
_pdbx_struct_oper_list.matrix[1][3]         0.0000000000 
_pdbx_struct_oper_list.vector[1]            0.0000000000 
_pdbx_struct_oper_list.matrix[2][1]         0.0000000000 
_pdbx_struct_oper_list.matrix[2][2]         1.0000000000 
_pdbx_struct_oper_list.matrix[2][3]         0.0000000000 
_pdbx_struct_oper_list.vector[2]            0.0000000000 
_pdbx_struct_oper_list.matrix[3][1]         0.0000000000 
_pdbx_struct_oper_list.matrix[3][2]         0.0000000000 
_pdbx_struct_oper_list.matrix[3][3]         1.0000000000 
_pdbx_struct_oper_list.vector[3]            0.0000000000 
# 
_struct_biol.id        1 
_struct_biol.details   ? 
# 
loop_
_struct_conf.conf_type_id 
_struct_conf.id 
_struct_conf.pdbx_PDB_helix_id 
_struct_conf.beg_label_comp_id 
_struct_conf.beg_label_asym_id 
_struct_conf.beg_label_seq_id 
_struct_conf.pdbx_beg_PDB_ins_code 
_struct_conf.end_label_comp_id 
_struct_conf.end_label_asym_id 
_struct_conf.end_label_seq_id 
_struct_conf.pdbx_end_PDB_ins_code 
_struct_conf.beg_auth_comp_id 
_struct_conf.beg_auth_asym_id 
_struct_conf.beg_auth_seq_id 
_struct_conf.end_auth_comp_id 
_struct_conf.end_auth_asym_id 
_struct_conf.end_auth_seq_id 
_struct_conf.pdbx_PDB_helix_class 
_struct_conf.details 
_struct_conf.pdbx_PDB_helix_length 
HELX_P HELX_P1 1 SER A 7   ? GLY A 82  ? SER A 438 GLY A 513 1 ? 76 
HELX_P HELX_P2 2 ASN A 83  ? LYS A 153 ? ASN A 514 LYS A 584 1 ? 71 
HELX_P HELX_P3 3 ARG A 156 ? LEU A 164 ? ARG A 587 LEU A 595 1 ? 9  
# 
_struct_conf_type.id          HELX_P 
_struct_conf_type.criteria    ? 
_struct_conf_type.reference   ? 
# 
_struct_conn.id                            disulf1 
_struct_conn.conn_type_id                  disulf 
_struct_conn.pdbx_leaving_atom_flag        ? 
_struct_conn.pdbx_PDB_id                   ? 
_struct_conn.ptnr1_label_asym_id           A 
_struct_conn.ptnr1_label_comp_id           CYS 
_struct_conn.ptnr1_label_seq_id            70 
_struct_conn.ptnr1_label_atom_id           SG 
_struct_conn.pdbx_ptnr1_label_alt_id       ? 
_struct_conn.pdbx_ptnr1_PDB_ins_code       ? 
_struct_conn.pdbx_ptnr1_standard_comp_id   ? 
_struct_conn.ptnr1_symmetry                1_555 
_struct_conn.ptnr2_label_asym_id           A 
_struct_conn.ptnr2_label_comp_id           CYS 
_struct_conn.ptnr2_label_seq_id            70 
_struct_conn.ptnr2_label_atom_id           SG 
_struct_conn.pdbx_ptnr2_label_alt_id       ? 
_struct_conn.pdbx_ptnr2_PDB_ins_code       ? 
_struct_conn.ptnr1_auth_asym_id            A 
_struct_conn.ptnr1_auth_comp_id            CYS 
_struct_conn.ptnr1_auth_seq_id             501 
_struct_conn.ptnr2_auth_asym_id            A 
_struct_conn.ptnr2_auth_comp_id            CYS 
_struct_conn.ptnr2_auth_seq_id             501 
_struct_conn.ptnr2_symmetry                4_556 
_struct_conn.pdbx_ptnr3_label_atom_id      ? 
_struct_conn.pdbx_ptnr3_label_seq_id       ? 
_struct_conn.pdbx_ptnr3_label_comp_id      ? 
_struct_conn.pdbx_ptnr3_label_asym_id      ? 
_struct_conn.pdbx_ptnr3_label_alt_id       ? 
_struct_conn.pdbx_ptnr3_PDB_ins_code       ? 
_struct_conn.details                       ? 
_struct_conn.pdbx_dist_value               2.050 
_struct_conn.pdbx_value_order              ? 
_struct_conn.pdbx_role                     ? 
# 
_struct_conn_type.id          disulf 
_struct_conn_type.criteria    ? 
_struct_conn_type.reference   ? 
# 
_pdbx_modification_feature.ordinal                            1 
_pdbx_modification_feature.label_comp_id                      CYS 
_pdbx_modification_feature.label_asym_id                      A 
_pdbx_modification_feature.label_seq_id                       70 
_pdbx_modification_feature.label_alt_id                       ? 
_pdbx_modification_feature.modified_residue_label_comp_id     CYS 
_pdbx_modification_feature.modified_residue_label_asym_id     A 
_pdbx_modification_feature.modified_residue_label_seq_id      70 
_pdbx_modification_feature.modified_residue_label_alt_id      ? 
_pdbx_modification_feature.auth_comp_id                       CYS 
_pdbx_modification_feature.auth_asym_id                       A 
_pdbx_modification_feature.auth_seq_id                        501 
_pdbx_modification_feature.PDB_ins_code                       ? 
_pdbx_modification_feature.symmetry                           1_555 
_pdbx_modification_feature.modified_residue_auth_comp_id      CYS 
_pdbx_modification_feature.modified_residue_auth_asym_id      A 
_pdbx_modification_feature.modified_residue_auth_seq_id       501 
_pdbx_modification_feature.modified_residue_PDB_ins_code      ? 
_pdbx_modification_feature.modified_residue_symmetry          4_556 
_pdbx_modification_feature.comp_id_linking_atom               SG 
_pdbx_modification_feature.modified_residue_id_linking_atom   SG 
_pdbx_modification_feature.modified_residue_id                . 
_pdbx_modification_feature.ref_pcm_id                         . 
_pdbx_modification_feature.ref_comp_id                        . 
_pdbx_modification_feature.type                               None 
_pdbx_modification_feature.category                           'Disulfide bridge' 
# 
_struct_mon_prot_cis.pdbx_id                1 
_struct_mon_prot_cis.label_comp_id          GLU 
_struct_mon_prot_cis.label_seq_id           81 
_struct_mon_prot_cis.label_asym_id          A 
_struct_mon_prot_cis.label_alt_id           . 
_struct_mon_prot_cis.pdbx_PDB_ins_code      ? 
_struct_mon_prot_cis.auth_comp_id           GLU 
_struct_mon_prot_cis.auth_seq_id            512 
_struct_mon_prot_cis.auth_asym_id           A 
_struct_mon_prot_cis.pdbx_label_comp_id_2   GLY 
_struct_mon_prot_cis.pdbx_label_seq_id_2    82 
_struct_mon_prot_cis.pdbx_label_asym_id_2   A 
_struct_mon_prot_cis.pdbx_PDB_ins_code_2    ? 
_struct_mon_prot_cis.pdbx_auth_comp_id_2    GLY 
_struct_mon_prot_cis.pdbx_auth_seq_id_2     513 
_struct_mon_prot_cis.pdbx_auth_asym_id_2    A 
_struct_mon_prot_cis.pdbx_PDB_model_num     1 
_struct_mon_prot_cis.pdbx_omega_angle       -4.51 
# 
_pdbx_entry_details.entry_id                   3MTT 
_pdbx_entry_details.compound_details           ? 
_pdbx_entry_details.source_details             ? 
_pdbx_entry_details.nonpolymer_details         ? 
_pdbx_entry_details.sequence_details           ? 
_pdbx_entry_details.has_ligand_of_interest     ? 
_pdbx_entry_details.has_protein_modification   Y 
# 
_pdbx_validate_torsion.id              1 
_pdbx_validate_torsion.PDB_model_num   1 
_pdbx_validate_torsion.auth_comp_id    GLN 
_pdbx_validate_torsion.auth_asym_id    A 
_pdbx_validate_torsion.auth_seq_id     588 
_pdbx_validate_torsion.PDB_ins_code    ? 
_pdbx_validate_torsion.label_alt_id    ? 
_pdbx_validate_torsion.phi             -36.82 
_pdbx_validate_torsion.psi             -79.02 
# 
_pdbx_SG_project.id                    1 
_pdbx_SG_project.project_name          'PSI, Protein Structure Initiative' 
_pdbx_SG_project.full_name_of_center   'Northeast Structural Genomics Consortium' 
_pdbx_SG_project.initial_of_center     NESG 
# 
loop_
_pdbx_struct_special_symmetry.id 
_pdbx_struct_special_symmetry.PDB_model_num 
_pdbx_struct_special_symmetry.auth_asym_id 
_pdbx_struct_special_symmetry.auth_comp_id 
_pdbx_struct_special_symmetry.auth_seq_id 
_pdbx_struct_special_symmetry.PDB_ins_code 
_pdbx_struct_special_symmetry.label_asym_id 
_pdbx_struct_special_symmetry.label_comp_id 
_pdbx_struct_special_symmetry.label_seq_id 
1 1 A HOH 6 ? B HOH . 
2 1 A HOH 9 ? B HOH . 
# 
loop_
_pdbx_unobs_or_zero_occ_residues.id 
_pdbx_unobs_or_zero_occ_residues.PDB_model_num 
_pdbx_unobs_or_zero_occ_residues.polymer_flag 
_pdbx_unobs_or_zero_occ_residues.occupancy_flag 
_pdbx_unobs_or_zero_occ_residues.auth_asym_id 
_pdbx_unobs_or_zero_occ_residues.auth_comp_id 
_pdbx_unobs_or_zero_occ_residues.auth_seq_id 
_pdbx_unobs_or_zero_occ_residues.PDB_ins_code 
_pdbx_unobs_or_zero_occ_residues.label_asym_id 
_pdbx_unobs_or_zero_occ_residues.label_comp_id 
_pdbx_unobs_or_zero_occ_residues.label_seq_id 
1  1 Y 1 A MET 432 ? A MET 1   
2  1 Y 1 A ILE 433 ? A ILE 2   
3  1 Y 1 A VAL 434 ? A VAL 3   
4  1 Y 1 A LYS 435 ? A LYS 4   
5  1 Y 1 A ASN 599 ? A ASN 168 
6  1 Y 1 A GLU 600 ? A GLU 169 
7  1 Y 1 A THR 601 ? A THR 170 
8  1 Y 1 A GLU 602 ? A GLU 171 
9  1 Y 1 A ASP 603 ? A ASP 172 
10 1 Y 1 A GLN 604 ? A GLN 173 
11 1 Y 1 A TYR 605 ? A TYR 174 
12 1 Y 1 A ALA 606 ? A ALA 175 
13 1 Y 1 A LEU 607 ? A LEU 176 
14 1 Y 1 A MET 608 ? A MET 177 
15 1 Y 1 A GLU 609 ? A GLU 178 
16 1 Y 1 A ASP 610 ? A ASP 179 
17 1 Y 1 A LEU 611 ? A LEU 180 
18 1 Y 1 A GLU 612 ? A GLU 181 
19 1 Y 1 A HIS 613 ? A HIS 182 
20 1 Y 1 A HIS 614 ? A HIS 183 
21 1 Y 1 A HIS 615 ? A HIS 184 
22 1 Y 1 A HIS 616 ? A HIS 185 
23 1 Y 1 A HIS 617 ? A HIS 186 
24 1 Y 1 A HIS 618 ? A HIS 187 
# 
loop_
_chem_comp_atom.comp_id 
_chem_comp_atom.atom_id 
_chem_comp_atom.type_symbol 
_chem_comp_atom.pdbx_aromatic_flag 
_chem_comp_atom.pdbx_stereo_config 
_chem_comp_atom.pdbx_ordinal 
ALA N    N N N 1   
ALA CA   C N S 2   
ALA C    C N N 3   
ALA O    O N N 4   
ALA CB   C N N 5   
ALA OXT  O N N 6   
ALA H    H N N 7   
ALA H2   H N N 8   
ALA HA   H N N 9   
ALA HB1  H N N 10  
ALA HB2  H N N 11  
ALA HB3  H N N 12  
ALA HXT  H N N 13  
ARG N    N N N 14  
ARG CA   C N S 15  
ARG C    C N N 16  
ARG O    O N N 17  
ARG CB   C N N 18  
ARG CG   C N N 19  
ARG CD   C N N 20  
ARG NE   N N N 21  
ARG CZ   C N N 22  
ARG NH1  N N N 23  
ARG NH2  N N N 24  
ARG OXT  O N N 25  
ARG H    H N N 26  
ARG H2   H N N 27  
ARG HA   H N N 28  
ARG HB2  H N N 29  
ARG HB3  H N N 30  
ARG HG2  H N N 31  
ARG HG3  H N N 32  
ARG HD2  H N N 33  
ARG HD3  H N N 34  
ARG HE   H N N 35  
ARG HH11 H N N 36  
ARG HH12 H N N 37  
ARG HH21 H N N 38  
ARG HH22 H N N 39  
ARG HXT  H N N 40  
ASN N    N N N 41  
ASN CA   C N S 42  
ASN C    C N N 43  
ASN O    O N N 44  
ASN CB   C N N 45  
ASN CG   C N N 46  
ASN OD1  O N N 47  
ASN ND2  N N N 48  
ASN OXT  O N N 49  
ASN H    H N N 50  
ASN H2   H N N 51  
ASN HA   H N N 52  
ASN HB2  H N N 53  
ASN HB3  H N N 54  
ASN HD21 H N N 55  
ASN HD22 H N N 56  
ASN HXT  H N N 57  
ASP N    N N N 58  
ASP CA   C N S 59  
ASP C    C N N 60  
ASP O    O N N 61  
ASP CB   C N N 62  
ASP CG   C N N 63  
ASP OD1  O N N 64  
ASP OD2  O N N 65  
ASP OXT  O N N 66  
ASP H    H N N 67  
ASP H2   H N N 68  
ASP HA   H N N 69  
ASP HB2  H N N 70  
ASP HB3  H N N 71  
ASP HD2  H N N 72  
ASP HXT  H N N 73  
CYS N    N N N 74  
CYS CA   C N R 75  
CYS C    C N N 76  
CYS O    O N N 77  
CYS CB   C N N 78  
CYS SG   S N N 79  
CYS OXT  O N N 80  
CYS H    H N N 81  
CYS H2   H N N 82  
CYS HA   H N N 83  
CYS HB2  H N N 84  
CYS HB3  H N N 85  
CYS HG   H N N 86  
CYS HXT  H N N 87  
GLN N    N N N 88  
GLN CA   C N S 89  
GLN C    C N N 90  
GLN O    O N N 91  
GLN CB   C N N 92  
GLN CG   C N N 93  
GLN CD   C N N 94  
GLN OE1  O N N 95  
GLN NE2  N N N 96  
GLN OXT  O N N 97  
GLN H    H N N 98  
GLN H2   H N N 99  
GLN HA   H N N 100 
GLN HB2  H N N 101 
GLN HB3  H N N 102 
GLN HG2  H N N 103 
GLN HG3  H N N 104 
GLN HE21 H N N 105 
GLN HE22 H N N 106 
GLN HXT  H N N 107 
GLU N    N N N 108 
GLU CA   C N S 109 
GLU C    C N N 110 
GLU O    O N N 111 
GLU CB   C N N 112 
GLU CG   C N N 113 
GLU CD   C N N 114 
GLU OE1  O N N 115 
GLU OE2  O N N 116 
GLU OXT  O N N 117 
GLU H    H N N 118 
GLU H2   H N N 119 
GLU HA   H N N 120 
GLU HB2  H N N 121 
GLU HB3  H N N 122 
GLU HG2  H N N 123 
GLU HG3  H N N 124 
GLU HE2  H N N 125 
GLU HXT  H N N 126 
GLY N    N N N 127 
GLY CA   C N N 128 
GLY C    C N N 129 
GLY O    O N N 130 
GLY OXT  O N N 131 
GLY H    H N N 132 
GLY H2   H N N 133 
GLY HA2  H N N 134 
GLY HA3  H N N 135 
GLY HXT  H N N 136 
HIS N    N N N 137 
HIS CA   C N S 138 
HIS C    C N N 139 
HIS O    O N N 140 
HIS CB   C N N 141 
HIS CG   C Y N 142 
HIS ND1  N Y N 143 
HIS CD2  C Y N 144 
HIS CE1  C Y N 145 
HIS NE2  N Y N 146 
HIS OXT  O N N 147 
HIS H    H N N 148 
HIS H2   H N N 149 
HIS HA   H N N 150 
HIS HB2  H N N 151 
HIS HB3  H N N 152 
HIS HD1  H N N 153 
HIS HD2  H N N 154 
HIS HE1  H N N 155 
HIS HE2  H N N 156 
HIS HXT  H N N 157 
HOH O    O N N 158 
HOH H1   H N N 159 
HOH H2   H N N 160 
ILE N    N N N 161 
ILE CA   C N S 162 
ILE C    C N N 163 
ILE O    O N N 164 
ILE CB   C N S 165 
ILE CG1  C N N 166 
ILE CG2  C N N 167 
ILE CD1  C N N 168 
ILE OXT  O N N 169 
ILE H    H N N 170 
ILE H2   H N N 171 
ILE HA   H N N 172 
ILE HB   H N N 173 
ILE HG12 H N N 174 
ILE HG13 H N N 175 
ILE HG21 H N N 176 
ILE HG22 H N N 177 
ILE HG23 H N N 178 
ILE HD11 H N N 179 
ILE HD12 H N N 180 
ILE HD13 H N N 181 
ILE HXT  H N N 182 
LEU N    N N N 183 
LEU CA   C N S 184 
LEU C    C N N 185 
LEU O    O N N 186 
LEU CB   C N N 187 
LEU CG   C N N 188 
LEU CD1  C N N 189 
LEU CD2  C N N 190 
LEU OXT  O N N 191 
LEU H    H N N 192 
LEU H2   H N N 193 
LEU HA   H N N 194 
LEU HB2  H N N 195 
LEU HB3  H N N 196 
LEU HG   H N N 197 
LEU HD11 H N N 198 
LEU HD12 H N N 199 
LEU HD13 H N N 200 
LEU HD21 H N N 201 
LEU HD22 H N N 202 
LEU HD23 H N N 203 
LEU HXT  H N N 204 
LYS N    N N N 205 
LYS CA   C N S 206 
LYS C    C N N 207 
LYS O    O N N 208 
LYS CB   C N N 209 
LYS CG   C N N 210 
LYS CD   C N N 211 
LYS CE   C N N 212 
LYS NZ   N N N 213 
LYS OXT  O N N 214 
LYS H    H N N 215 
LYS H2   H N N 216 
LYS HA   H N N 217 
LYS HB2  H N N 218 
LYS HB3  H N N 219 
LYS HG2  H N N 220 
LYS HG3  H N N 221 
LYS HD2  H N N 222 
LYS HD3  H N N 223 
LYS HE2  H N N 224 
LYS HE3  H N N 225 
LYS HZ1  H N N 226 
LYS HZ2  H N N 227 
LYS HZ3  H N N 228 
LYS HXT  H N N 229 
MET N    N N N 230 
MET CA   C N S 231 
MET C    C N N 232 
MET O    O N N 233 
MET CB   C N N 234 
MET CG   C N N 235 
MET SD   S N N 236 
MET CE   C N N 237 
MET OXT  O N N 238 
MET H    H N N 239 
MET H2   H N N 240 
MET HA   H N N 241 
MET HB2  H N N 242 
MET HB3  H N N 243 
MET HG2  H N N 244 
MET HG3  H N N 245 
MET HE1  H N N 246 
MET HE2  H N N 247 
MET HE3  H N N 248 
MET HXT  H N N 249 
PHE N    N N N 250 
PHE CA   C N S 251 
PHE C    C N N 252 
PHE O    O N N 253 
PHE CB   C N N 254 
PHE CG   C Y N 255 
PHE CD1  C Y N 256 
PHE CD2  C Y N 257 
PHE CE1  C Y N 258 
PHE CE2  C Y N 259 
PHE CZ   C Y N 260 
PHE OXT  O N N 261 
PHE H    H N N 262 
PHE H2   H N N 263 
PHE HA   H N N 264 
PHE HB2  H N N 265 
PHE HB3  H N N 266 
PHE HD1  H N N 267 
PHE HD2  H N N 268 
PHE HE1  H N N 269 
PHE HE2  H N N 270 
PHE HZ   H N N 271 
PHE HXT  H N N 272 
PRO N    N N N 273 
PRO CA   C N S 274 
PRO C    C N N 275 
PRO O    O N N 276 
PRO CB   C N N 277 
PRO CG   C N N 278 
PRO CD   C N N 279 
PRO OXT  O N N 280 
PRO H    H N N 281 
PRO HA   H N N 282 
PRO HB2  H N N 283 
PRO HB3  H N N 284 
PRO HG2  H N N 285 
PRO HG3  H N N 286 
PRO HD2  H N N 287 
PRO HD3  H N N 288 
PRO HXT  H N N 289 
SER N    N N N 290 
SER CA   C N S 291 
SER C    C N N 292 
SER O    O N N 293 
SER CB   C N N 294 
SER OG   O N N 295 
SER OXT  O N N 296 
SER H    H N N 297 
SER H2   H N N 298 
SER HA   H N N 299 
SER HB2  H N N 300 
SER HB3  H N N 301 
SER HG   H N N 302 
SER HXT  H N N 303 
THR N    N N N 304 
THR CA   C N S 305 
THR C    C N N 306 
THR O    O N N 307 
THR CB   C N R 308 
THR OG1  O N N 309 
THR CG2  C N N 310 
THR OXT  O N N 311 
THR H    H N N 312 
THR H2   H N N 313 
THR HA   H N N 314 
THR HB   H N N 315 
THR HG1  H N N 316 
THR HG21 H N N 317 
THR HG22 H N N 318 
THR HG23 H N N 319 
THR HXT  H N N 320 
TRP N    N N N 321 
TRP CA   C N S 322 
TRP C    C N N 323 
TRP O    O N N 324 
TRP CB   C N N 325 
TRP CG   C Y N 326 
TRP CD1  C Y N 327 
TRP CD2  C Y N 328 
TRP NE1  N Y N 329 
TRP CE2  C Y N 330 
TRP CE3  C Y N 331 
TRP CZ2  C Y N 332 
TRP CZ3  C Y N 333 
TRP CH2  C Y N 334 
TRP OXT  O N N 335 
TRP H    H N N 336 
TRP H2   H N N 337 
TRP HA   H N N 338 
TRP HB2  H N N 339 
TRP HB3  H N N 340 
TRP HD1  H N N 341 
TRP HE1  H N N 342 
TRP HE3  H N N 343 
TRP HZ2  H N N 344 
TRP HZ3  H N N 345 
TRP HH2  H N N 346 
TRP HXT  H N N 347 
TYR N    N N N 348 
TYR CA   C N S 349 
TYR C    C N N 350 
TYR O    O N N 351 
TYR CB   C N N 352 
TYR CG   C Y N 353 
TYR CD1  C Y N 354 
TYR CD2  C Y N 355 
TYR CE1  C Y N 356 
TYR CE2  C Y N 357 
TYR CZ   C Y N 358 
TYR OH   O N N 359 
TYR OXT  O N N 360 
TYR H    H N N 361 
TYR H2   H N N 362 
TYR HA   H N N 363 
TYR HB2  H N N 364 
TYR HB3  H N N 365 
TYR HD1  H N N 366 
TYR HD2  H N N 367 
TYR HE1  H N N 368 
TYR HE2  H N N 369 
TYR HH   H N N 370 
TYR HXT  H N N 371 
VAL N    N N N 372 
VAL CA   C N S 373 
VAL C    C N N 374 
VAL O    O N N 375 
VAL CB   C N N 376 
VAL CG1  C N N 377 
VAL CG2  C N N 378 
VAL OXT  O N N 379 
VAL H    H N N 380 
VAL H2   H N N 381 
VAL HA   H N N 382 
VAL HB   H N N 383 
VAL HG11 H N N 384 
VAL HG12 H N N 385 
VAL HG13 H N N 386 
VAL HG21 H N N 387 
VAL HG22 H N N 388 
VAL HG23 H N N 389 
VAL HXT  H N N 390 
# 
loop_
_chem_comp_bond.comp_id 
_chem_comp_bond.atom_id_1 
_chem_comp_bond.atom_id_2 
_chem_comp_bond.value_order 
_chem_comp_bond.pdbx_aromatic_flag 
_chem_comp_bond.pdbx_stereo_config 
_chem_comp_bond.pdbx_ordinal 
ALA N   CA   sing N N 1   
ALA N   H    sing N N 2   
ALA N   H2   sing N N 3   
ALA CA  C    sing N N 4   
ALA CA  CB   sing N N 5   
ALA CA  HA   sing N N 6   
ALA C   O    doub N N 7   
ALA C   OXT  sing N N 8   
ALA CB  HB1  sing N N 9   
ALA CB  HB2  sing N N 10  
ALA CB  HB3  sing N N 11  
ALA OXT HXT  sing N N 12  
ARG N   CA   sing N N 13  
ARG N   H    sing N N 14  
ARG N   H2   sing N N 15  
ARG CA  C    sing N N 16  
ARG CA  CB   sing N N 17  
ARG CA  HA   sing N N 18  
ARG C   O    doub N N 19  
ARG C   OXT  sing N N 20  
ARG CB  CG   sing N N 21  
ARG CB  HB2  sing N N 22  
ARG CB  HB3  sing N N 23  
ARG CG  CD   sing N N 24  
ARG CG  HG2  sing N N 25  
ARG CG  HG3  sing N N 26  
ARG CD  NE   sing N N 27  
ARG CD  HD2  sing N N 28  
ARG CD  HD3  sing N N 29  
ARG NE  CZ   sing N N 30  
ARG NE  HE   sing N N 31  
ARG CZ  NH1  sing N N 32  
ARG CZ  NH2  doub N N 33  
ARG NH1 HH11 sing N N 34  
ARG NH1 HH12 sing N N 35  
ARG NH2 HH21 sing N N 36  
ARG NH2 HH22 sing N N 37  
ARG OXT HXT  sing N N 38  
ASN N   CA   sing N N 39  
ASN N   H    sing N N 40  
ASN N   H2   sing N N 41  
ASN CA  C    sing N N 42  
ASN CA  CB   sing N N 43  
ASN CA  HA   sing N N 44  
ASN C   O    doub N N 45  
ASN C   OXT  sing N N 46  
ASN CB  CG   sing N N 47  
ASN CB  HB2  sing N N 48  
ASN CB  HB3  sing N N 49  
ASN CG  OD1  doub N N 50  
ASN CG  ND2  sing N N 51  
ASN ND2 HD21 sing N N 52  
ASN ND2 HD22 sing N N 53  
ASN OXT HXT  sing N N 54  
ASP N   CA   sing N N 55  
ASP N   H    sing N N 56  
ASP N   H2   sing N N 57  
ASP CA  C    sing N N 58  
ASP CA  CB   sing N N 59  
ASP CA  HA   sing N N 60  
ASP C   O    doub N N 61  
ASP C   OXT  sing N N 62  
ASP CB  CG   sing N N 63  
ASP CB  HB2  sing N N 64  
ASP CB  HB3  sing N N 65  
ASP CG  OD1  doub N N 66  
ASP CG  OD2  sing N N 67  
ASP OD2 HD2  sing N N 68  
ASP OXT HXT  sing N N 69  
CYS N   CA   sing N N 70  
CYS N   H    sing N N 71  
CYS N   H2   sing N N 72  
CYS CA  C    sing N N 73  
CYS CA  CB   sing N N 74  
CYS CA  HA   sing N N 75  
CYS C   O    doub N N 76  
CYS C   OXT  sing N N 77  
CYS CB  SG   sing N N 78  
CYS CB  HB2  sing N N 79  
CYS CB  HB3  sing N N 80  
CYS SG  HG   sing N N 81  
CYS OXT HXT  sing N N 82  
GLN N   CA   sing N N 83  
GLN N   H    sing N N 84  
GLN N   H2   sing N N 85  
GLN CA  C    sing N N 86  
GLN CA  CB   sing N N 87  
GLN CA  HA   sing N N 88  
GLN C   O    doub N N 89  
GLN C   OXT  sing N N 90  
GLN CB  CG   sing N N 91  
GLN CB  HB2  sing N N 92  
GLN CB  HB3  sing N N 93  
GLN CG  CD   sing N N 94  
GLN CG  HG2  sing N N 95  
GLN CG  HG3  sing N N 96  
GLN CD  OE1  doub N N 97  
GLN CD  NE2  sing N N 98  
GLN NE2 HE21 sing N N 99  
GLN NE2 HE22 sing N N 100 
GLN OXT HXT  sing N N 101 
GLU N   CA   sing N N 102 
GLU N   H    sing N N 103 
GLU N   H2   sing N N 104 
GLU CA  C    sing N N 105 
GLU CA  CB   sing N N 106 
GLU CA  HA   sing N N 107 
GLU C   O    doub N N 108 
GLU C   OXT  sing N N 109 
GLU CB  CG   sing N N 110 
GLU CB  HB2  sing N N 111 
GLU CB  HB3  sing N N 112 
GLU CG  CD   sing N N 113 
GLU CG  HG2  sing N N 114 
GLU CG  HG3  sing N N 115 
GLU CD  OE1  doub N N 116 
GLU CD  OE2  sing N N 117 
GLU OE2 HE2  sing N N 118 
GLU OXT HXT  sing N N 119 
GLY N   CA   sing N N 120 
GLY N   H    sing N N 121 
GLY N   H2   sing N N 122 
GLY CA  C    sing N N 123 
GLY CA  HA2  sing N N 124 
GLY CA  HA3  sing N N 125 
GLY C   O    doub N N 126 
GLY C   OXT  sing N N 127 
GLY OXT HXT  sing N N 128 
HIS N   CA   sing N N 129 
HIS N   H    sing N N 130 
HIS N   H2   sing N N 131 
HIS CA  C    sing N N 132 
HIS CA  CB   sing N N 133 
HIS CA  HA   sing N N 134 
HIS C   O    doub N N 135 
HIS C   OXT  sing N N 136 
HIS CB  CG   sing N N 137 
HIS CB  HB2  sing N N 138 
HIS CB  HB3  sing N N 139 
HIS CG  ND1  sing Y N 140 
HIS CG  CD2  doub Y N 141 
HIS ND1 CE1  doub Y N 142 
HIS ND1 HD1  sing N N 143 
HIS CD2 NE2  sing Y N 144 
HIS CD2 HD2  sing N N 145 
HIS CE1 NE2  sing Y N 146 
HIS CE1 HE1  sing N N 147 
HIS NE2 HE2  sing N N 148 
HIS OXT HXT  sing N N 149 
HOH O   H1   sing N N 150 
HOH O   H2   sing N N 151 
ILE N   CA   sing N N 152 
ILE N   H    sing N N 153 
ILE N   H2   sing N N 154 
ILE CA  C    sing N N 155 
ILE CA  CB   sing N N 156 
ILE CA  HA   sing N N 157 
ILE C   O    doub N N 158 
ILE C   OXT  sing N N 159 
ILE CB  CG1  sing N N 160 
ILE CB  CG2  sing N N 161 
ILE CB  HB   sing N N 162 
ILE CG1 CD1  sing N N 163 
ILE CG1 HG12 sing N N 164 
ILE CG1 HG13 sing N N 165 
ILE CG2 HG21 sing N N 166 
ILE CG2 HG22 sing N N 167 
ILE CG2 HG23 sing N N 168 
ILE CD1 HD11 sing N N 169 
ILE CD1 HD12 sing N N 170 
ILE CD1 HD13 sing N N 171 
ILE OXT HXT  sing N N 172 
LEU N   CA   sing N N 173 
LEU N   H    sing N N 174 
LEU N   H2   sing N N 175 
LEU CA  C    sing N N 176 
LEU CA  CB   sing N N 177 
LEU CA  HA   sing N N 178 
LEU C   O    doub N N 179 
LEU C   OXT  sing N N 180 
LEU CB  CG   sing N N 181 
LEU CB  HB2  sing N N 182 
LEU CB  HB3  sing N N 183 
LEU CG  CD1  sing N N 184 
LEU CG  CD2  sing N N 185 
LEU CG  HG   sing N N 186 
LEU CD1 HD11 sing N N 187 
LEU CD1 HD12 sing N N 188 
LEU CD1 HD13 sing N N 189 
LEU CD2 HD21 sing N N 190 
LEU CD2 HD22 sing N N 191 
LEU CD2 HD23 sing N N 192 
LEU OXT HXT  sing N N 193 
LYS N   CA   sing N N 194 
LYS N   H    sing N N 195 
LYS N   H2   sing N N 196 
LYS CA  C    sing N N 197 
LYS CA  CB   sing N N 198 
LYS CA  HA   sing N N 199 
LYS C   O    doub N N 200 
LYS C   OXT  sing N N 201 
LYS CB  CG   sing N N 202 
LYS CB  HB2  sing N N 203 
LYS CB  HB3  sing N N 204 
LYS CG  CD   sing N N 205 
LYS CG  HG2  sing N N 206 
LYS CG  HG3  sing N N 207 
LYS CD  CE   sing N N 208 
LYS CD  HD2  sing N N 209 
LYS CD  HD3  sing N N 210 
LYS CE  NZ   sing N N 211 
LYS CE  HE2  sing N N 212 
LYS CE  HE3  sing N N 213 
LYS NZ  HZ1  sing N N 214 
LYS NZ  HZ2  sing N N 215 
LYS NZ  HZ3  sing N N 216 
LYS OXT HXT  sing N N 217 
MET N   CA   sing N N 218 
MET N   H    sing N N 219 
MET N   H2   sing N N 220 
MET CA  C    sing N N 221 
MET CA  CB   sing N N 222 
MET CA  HA   sing N N 223 
MET C   O    doub N N 224 
MET C   OXT  sing N N 225 
MET CB  CG   sing N N 226 
MET CB  HB2  sing N N 227 
MET CB  HB3  sing N N 228 
MET CG  SD   sing N N 229 
MET CG  HG2  sing N N 230 
MET CG  HG3  sing N N 231 
MET SD  CE   sing N N 232 
MET CE  HE1  sing N N 233 
MET CE  HE2  sing N N 234 
MET CE  HE3  sing N N 235 
MET OXT HXT  sing N N 236 
PHE N   CA   sing N N 237 
PHE N   H    sing N N 238 
PHE N   H2   sing N N 239 
PHE CA  C    sing N N 240 
PHE CA  CB   sing N N 241 
PHE CA  HA   sing N N 242 
PHE C   O    doub N N 243 
PHE C   OXT  sing N N 244 
PHE CB  CG   sing N N 245 
PHE CB  HB2  sing N N 246 
PHE CB  HB3  sing N N 247 
PHE CG  CD1  doub Y N 248 
PHE CG  CD2  sing Y N 249 
PHE CD1 CE1  sing Y N 250 
PHE CD1 HD1  sing N N 251 
PHE CD2 CE2  doub Y N 252 
PHE CD2 HD2  sing N N 253 
PHE CE1 CZ   doub Y N 254 
PHE CE1 HE1  sing N N 255 
PHE CE2 CZ   sing Y N 256 
PHE CE2 HE2  sing N N 257 
PHE CZ  HZ   sing N N 258 
PHE OXT HXT  sing N N 259 
PRO N   CA   sing N N 260 
PRO N   CD   sing N N 261 
PRO N   H    sing N N 262 
PRO CA  C    sing N N 263 
PRO CA  CB   sing N N 264 
PRO CA  HA   sing N N 265 
PRO C   O    doub N N 266 
PRO C   OXT  sing N N 267 
PRO CB  CG   sing N N 268 
PRO CB  HB2  sing N N 269 
PRO CB  HB3  sing N N 270 
PRO CG  CD   sing N N 271 
PRO CG  HG2  sing N N 272 
PRO CG  HG3  sing N N 273 
PRO CD  HD2  sing N N 274 
PRO CD  HD3  sing N N 275 
PRO OXT HXT  sing N N 276 
SER N   CA   sing N N 277 
SER N   H    sing N N 278 
SER N   H2   sing N N 279 
SER CA  C    sing N N 280 
SER CA  CB   sing N N 281 
SER CA  HA   sing N N 282 
SER C   O    doub N N 283 
SER C   OXT  sing N N 284 
SER CB  OG   sing N N 285 
SER CB  HB2  sing N N 286 
SER CB  HB3  sing N N 287 
SER OG  HG   sing N N 288 
SER OXT HXT  sing N N 289 
THR N   CA   sing N N 290 
THR N   H    sing N N 291 
THR N   H2   sing N N 292 
THR CA  C    sing N N 293 
THR CA  CB   sing N N 294 
THR CA  HA   sing N N 295 
THR C   O    doub N N 296 
THR C   OXT  sing N N 297 
THR CB  OG1  sing N N 298 
THR CB  CG2  sing N N 299 
THR CB  HB   sing N N 300 
THR OG1 HG1  sing N N 301 
THR CG2 HG21 sing N N 302 
THR CG2 HG22 sing N N 303 
THR CG2 HG23 sing N N 304 
THR OXT HXT  sing N N 305 
TRP N   CA   sing N N 306 
TRP N   H    sing N N 307 
TRP N   H2   sing N N 308 
TRP CA  C    sing N N 309 
TRP CA  CB   sing N N 310 
TRP CA  HA   sing N N 311 
TRP C   O    doub N N 312 
TRP C   OXT  sing N N 313 
TRP CB  CG   sing N N 314 
TRP CB  HB2  sing N N 315 
TRP CB  HB3  sing N N 316 
TRP CG  CD1  doub Y N 317 
TRP CG  CD2  sing Y N 318 
TRP CD1 NE1  sing Y N 319 
TRP CD1 HD1  sing N N 320 
TRP CD2 CE2  doub Y N 321 
TRP CD2 CE3  sing Y N 322 
TRP NE1 CE2  sing Y N 323 
TRP NE1 HE1  sing N N 324 
TRP CE2 CZ2  sing Y N 325 
TRP CE3 CZ3  doub Y N 326 
TRP CE3 HE3  sing N N 327 
TRP CZ2 CH2  doub Y N 328 
TRP CZ2 HZ2  sing N N 329 
TRP CZ3 CH2  sing Y N 330 
TRP CZ3 HZ3  sing N N 331 
TRP CH2 HH2  sing N N 332 
TRP OXT HXT  sing N N 333 
TYR N   CA   sing N N 334 
TYR N   H    sing N N 335 
TYR N   H2   sing N N 336 
TYR CA  C    sing N N 337 
TYR CA  CB   sing N N 338 
TYR CA  HA   sing N N 339 
TYR C   O    doub N N 340 
TYR C   OXT  sing N N 341 
TYR CB  CG   sing N N 342 
TYR CB  HB2  sing N N 343 
TYR CB  HB3  sing N N 344 
TYR CG  CD1  doub Y N 345 
TYR CG  CD2  sing Y N 346 
TYR CD1 CE1  sing Y N 347 
TYR CD1 HD1  sing N N 348 
TYR CD2 CE2  doub Y N 349 
TYR CD2 HD2  sing N N 350 
TYR CE1 CZ   doub Y N 351 
TYR CE1 HE1  sing N N 352 
TYR CE2 CZ   sing Y N 353 
TYR CE2 HE2  sing N N 354 
TYR CZ  OH   sing N N 355 
TYR OH  HH   sing N N 356 
TYR OXT HXT  sing N N 357 
VAL N   CA   sing N N 358 
VAL N   H    sing N N 359 
VAL N   H2   sing N N 360 
VAL CA  C    sing N N 361 
VAL CA  CB   sing N N 362 
VAL CA  HA   sing N N 363 
VAL C   O    doub N N 364 
VAL C   OXT  sing N N 365 
VAL CB  CG1  sing N N 366 
VAL CB  CG2  sing N N 367 
VAL CB  HB   sing N N 368 
VAL CG1 HG11 sing N N 369 
VAL CG1 HG12 sing N N 370 
VAL CG1 HG13 sing N N 371 
VAL CG2 HG21 sing N N 372 
VAL CG2 HG22 sing N N 373 
VAL CG2 HG23 sing N N 374 
VAL OXT HXT  sing N N 375 
# 
_pdbx_initial_refinement_model.id               1 
_pdbx_initial_refinement_model.entity_id_list   ? 
_pdbx_initial_refinement_model.type             'experimental model' 
_pdbx_initial_refinement_model.source_name      PDB 
_pdbx_initial_refinement_model.accession_code   3L4Q 
_pdbx_initial_refinement_model.details          'PDB ENTRY 3L4Q chain D' 
# 
_atom_sites.entry_id                    3MTT 
_atom_sites.fract_transf_matrix[1][1]   0.00659155 
_atom_sites.fract_transf_matrix[1][2]   -0.00050525 
_atom_sites.fract_transf_matrix[1][3]   -0.00020598 
_atom_sites.fract_transf_matrix[2][1]   0.00286198 
_atom_sites.fract_transf_matrix[2][2]   -0.00424617 
_atom_sites.fract_transf_matrix[2][3]   -0.00418618 
_atom_sites.fract_transf_matrix[3][1]   0.00031881 
_atom_sites.fract_transf_matrix[3][2]   0.00694041 
_atom_sites.fract_transf_matrix[3][3]   -0.00682190 
_atom_sites.fract_transf_vector[1]      -0.131266 
_atom_sites.fract_transf_vector[2]      0.094344 
_atom_sites.fract_transf_vector[3]      0.421199 
# 
loop_
_atom_type.symbol 
C 
N 
O 
S 
# 
loop_
_atom_site.group_PDB 
_atom_site.id 
_atom_site.type_symbol 
_atom_site.label_atom_id 
_atom_site.label_alt_id 
_atom_site.label_comp_id 
_atom_site.label_asym_id 
_atom_site.label_entity_id 
_atom_site.label_seq_id 
_atom_site.pdbx_PDB_ins_code 
_atom_site.Cartn_x 
_atom_site.Cartn_y 
_atom_site.Cartn_z 
_atom_site.occupancy 
_atom_site.B_iso_or_equiv 
_atom_site.pdbx_formal_charge 
_atom_site.auth_seq_id 
_atom_site.auth_comp_id 
_atom_site.auth_asym_id 
_atom_site.auth_atom_id 
_atom_site.pdbx_PDB_model_num 
ATOM   1    N N   . GLU A 1 5   ? 4.648   -38.731 -27.694 1.00 158.79 ? 436 GLU A N   1 
ATOM   2    C CA  . GLU A 1 5   ? 5.620   -39.676 -27.152 1.00 158.79 ? 436 GLU A CA  1 
ATOM   3    C C   . GLU A 1 5   ? 7.059   -39.160 -27.295 1.00 158.79 ? 436 GLU A C   1 
ATOM   4    O O   . GLU A 1 5   ? 7.451   -38.182 -26.653 1.00 158.79 ? 436 GLU A O   1 
ATOM   5    C CB  . GLU A 1 5   ? 5.469   -41.042 -27.829 1.00 158.79 ? 436 GLU A CB  1 
ATOM   6    C CG  . GLU A 1 5   ? 6.289   -42.141 -27.189 1.00 158.79 ? 436 GLU A CG  1 
ATOM   7    C CD  . GLU A 1 5   ? 5.871   -42.427 -25.761 1.00 158.79 ? 436 GLU A CD  1 
ATOM   8    O OE1 . GLU A 1 5   ? 4.825   -41.896 -25.327 1.00 158.79 ? 436 GLU A OE1 1 
ATOM   9    O OE2 . GLU A 1 5   ? 6.588   -43.190 -25.076 1.00 158.79 ? 436 GLU A OE2 1 
ATOM   10   N N   . ASP A 1 6   ? 7.840   -39.838 -28.130 1.00 168.92 ? 437 ASP A N   1 
ATOM   11   C CA  . ASP A 1 6   ? 9.231   -39.477 -28.367 1.00 168.92 ? 437 ASP A CA  1 
ATOM   12   C C   . ASP A 1 6   ? 9.351   -38.670 -29.672 1.00 168.92 ? 437 ASP A C   1 
ATOM   13   O O   . ASP A 1 6   ? 10.436  -38.242 -30.078 1.00 168.92 ? 437 ASP A O   1 
ATOM   14   C CB  . ASP A 1 6   ? 10.113  -40.734 -28.335 1.00 168.92 ? 437 ASP A CB  1 
ATOM   15   C CG  . ASP A 1 6   ? 10.864  -40.958 -29.620 1.00 168.92 ? 437 ASP A CG  1 
ATOM   16   O OD1 . ASP A 1 6   ? 11.938  -40.337 -29.800 1.00 168.92 ? 437 ASP A OD1 1 
ATOM   17   O OD2 . ASP A 1 6   ? 10.375  -41.771 -30.439 1.00 168.92 ? 437 ASP A OD2 1 
ATOM   18   N N   . SER A 1 7   ? 8.198   -38.438 -30.295 1.00 141.05 ? 438 SER A N   1 
ATOM   19   C CA  . SER A 1 7   ? 8.096   -37.650 -31.516 1.00 141.05 ? 438 SER A CA  1 
ATOM   20   C C   . SER A 1 7   ? 8.556   -36.218 -31.262 1.00 141.05 ? 438 SER A C   1 
ATOM   21   O O   . SER A 1 7   ? 8.092   -35.570 -30.325 1.00 141.05 ? 438 SER A O   1 
ATOM   22   C CB  . SER A 1 7   ? 6.648   -37.630 -32.002 1.00 141.05 ? 438 SER A CB  1 
ATOM   23   O OG  . SER A 1 7   ? 5.959   -38.791 -31.585 1.00 141.05 ? 438 SER A OG  1 
ATOM   24   N N   . VAL A 1 8   ? 9.467   -35.725 -32.097 1.00 91.35  ? 439 VAL A N   1 
ATOM   25   C CA  . VAL A 1 8   ? 9.945   -34.345 -31.990 1.00 91.35  ? 439 VAL A CA  1 
ATOM   26   C C   . VAL A 1 8   ? 8.788   -33.349 -31.967 1.00 91.35  ? 439 VAL A C   1 
ATOM   27   O O   . VAL A 1 8   ? 8.794   -32.393 -31.189 1.00 91.35  ? 439 VAL A O   1 
ATOM   28   C CB  . VAL A 1 8   ? 10.896  -33.988 -33.145 1.00 91.35  ? 439 VAL A CB  1 
ATOM   29   C CG1 . VAL A 1 8   ? 10.991  -32.484 -33.313 1.00 91.35  ? 439 VAL A CG1 1 
ATOM   30   C CG2 . VAL A 1 8   ? 12.274  -34.584 -32.893 1.00 91.35  ? 439 VAL A CG2 1 
ATOM   31   N N   . GLU A 1 9   ? 7.798   -33.576 -32.825 1.00 122.44 ? 440 GLU A N   1 
ATOM   32   C CA  . GLU A 1 9   ? 6.611   -32.737 -32.843 1.00 122.44 ? 440 GLU A CA  1 
ATOM   33   C C   . GLU A 1 9   ? 5.918   -32.800 -31.488 1.00 122.44 ? 440 GLU A C   1 
ATOM   34   O O   . GLU A 1 9   ? 5.378   -31.804 -31.009 1.00 122.44 ? 440 GLU A O   1 
ATOM   35   C CB  . GLU A 1 9   ? 5.652   -33.194 -33.941 1.00 122.44 ? 440 GLU A CB  1 
ATOM   36   C CG  . GLU A 1 9   ? 4.600   -32.162 -34.322 1.00 122.44 ? 440 GLU A CG  1 
ATOM   37   C CD  . GLU A 1 9   ? 5.179   -30.977 -35.081 1.00 122.44 ? 440 GLU A CD  1 
ATOM   38   O OE1 . GLU A 1 9   ? 6.253   -31.129 -35.700 1.00 122.44 ? 440 GLU A OE1 1 
ATOM   39   O OE2 . GLU A 1 9   ? 4.559   -29.890 -35.054 1.00 122.44 ? 440 GLU A OE2 1 
ATOM   40   N N   . ALA A 1 10  ? 5.947   -33.977 -30.868 1.00 103.64 ? 441 ALA A N   1 
ATOM   41   C CA  . ALA A 1 10  ? 5.308   -34.178 -29.572 1.00 103.64 ? 441 ALA A CA  1 
ATOM   42   C C   . ALA A 1 10  ? 6.061   -33.456 -28.454 1.00 103.64 ? 441 ALA A C   1 
ATOM   43   O O   . ALA A 1 10  ? 5.449   -32.887 -27.551 1.00 103.64 ? 441 ALA A O   1 
ATOM   44   C CB  . ALA A 1 10  ? 5.191   -35.662 -29.264 1.00 103.64 ? 441 ALA A CB  1 
ATOM   45   N N   . VAL A 1 11  ? 7.391   -33.491 -28.517 1.00 95.86  ? 442 VAL A N   1 
ATOM   46   C CA  . VAL A 1 11  ? 8.231   -32.782 -27.558 1.00 95.86  ? 442 VAL A CA  1 
ATOM   47   C C   . VAL A 1 11  ? 8.044   -31.272 -27.697 1.00 95.86  ? 442 VAL A C   1 
ATOM   48   O O   . VAL A 1 11  ? 7.756   -30.583 -26.719 1.00 95.86  ? 442 VAL A O   1 
ATOM   49   C CB  . VAL A 1 11  ? 9.718   -33.123 -27.750 1.00 95.86  ? 442 VAL A CB  1 
ATOM   50   C CG1 . VAL A 1 11  ? 10.572  -32.327 -26.777 1.00 95.86  ? 442 VAL A CG1 1 
ATOM   51   C CG2 . VAL A 1 11  ? 9.940   -34.614 -27.565 1.00 95.86  ? 442 VAL A CG2 1 
ATOM   52   N N   . GLY A 1 12  ? 8.220   -30.763 -28.915 1.00 85.21  ? 443 GLY A N   1 
ATOM   53   C CA  . GLY A 1 12  ? 7.981   -29.360 -29.202 1.00 85.21  ? 443 GLY A CA  1 
ATOM   54   C C   . GLY A 1 12  ? 6.579   -28.939 -28.809 1.00 85.21  ? 443 GLY A C   1 
ATOM   55   O O   . GLY A 1 12  ? 6.346   -27.798 -28.417 1.00 85.21  ? 443 GLY A O   1 
ATOM   56   N N   . ALA A 1 13  ? 5.635   -29.864 -28.921 1.00 89.01  ? 444 ALA A N   1 
ATOM   57   C CA  . ALA A 1 13  ? 4.265   -29.592 -28.520 1.00 89.01  ? 444 ALA A CA  1 
ATOM   58   C C   . ALA A 1 13  ? 4.201   -29.361 -27.016 1.00 89.01  ? 444 ALA A C   1 
ATOM   59   O O   . ALA A 1 13  ? 3.427   -28.533 -26.538 1.00 89.01  ? 444 ALA A O   1 
ATOM   60   C CB  . ALA A 1 13  ? 3.365   -30.749 -28.914 1.00 89.01  ? 444 ALA A CB  1 
ATOM   61   N N   . GLN A 1 14  ? 5.005   -30.115 -26.276 1.00 110.10 ? 445 GLN A N   1 
ATOM   62   C CA  . GLN A 1 14  ? 5.060   -29.997 -24.828 1.00 110.10 ? 445 GLN A CA  1 
ATOM   63   C C   . GLN A 1 14  ? 5.728   -28.686 -24.444 1.00 110.10 ? 445 GLN A C   1 
ATOM   64   O O   . GLN A 1 14  ? 5.265   -27.988 -23.545 1.00 110.10 ? 445 GLN A O   1 
ATOM   65   C CB  . GLN A 1 14  ? 5.832   -31.173 -24.233 1.00 110.10 ? 445 GLN A CB  1 
ATOM   66   C CG  . GLN A 1 14  ? 5.552   -31.399 -22.764 1.00 110.10 ? 445 GLN A CG  1 
ATOM   67   C CD  . GLN A 1 14  ? 4.095   -31.722 -22.502 1.00 110.10 ? 445 GLN A CD  1 
ATOM   68   O OE1 . GLN A 1 14  ? 3.396   -32.224 -23.381 1.00 110.10 ? 445 GLN A OE1 1 
ATOM   69   N NE2 . GLN A 1 14  ? 3.625   -31.430 -21.293 1.00 110.10 ? 445 GLN A NE2 1 
ATOM   70   N N   . LEU A 1 15  ? 6.817   -28.361 -25.134 1.00 83.03  ? 446 LEU A N   1 
ATOM   71   C CA  . LEU A 1 15  ? 7.545   -27.114 -24.911 1.00 83.03  ? 446 LEU A CA  1 
ATOM   72   C C   . LEU A 1 15  ? 6.624   -25.904 -24.964 1.00 83.03  ? 446 LEU A C   1 
ATOM   73   O O   . LEU A 1 15  ? 6.595   -25.094 -24.041 1.00 83.03  ? 446 LEU A O   1 
ATOM   74   C CB  . LEU A 1 15  ? 8.651   -26.947 -25.948 1.00 83.03  ? 446 LEU A CB  1 
ATOM   75   C CG  . LEU A 1 15  ? 9.164   -25.515 -26.080 1.00 83.03  ? 446 LEU A CG  1 
ATOM   76   C CD1 . LEU A 1 15  ? 9.827   -25.089 -24.790 1.00 83.03  ? 446 LEU A CD1 1 
ATOM   77   C CD2 . LEU A 1 15  ? 10.128  -25.377 -27.248 1.00 83.03  ? 446 LEU A CD2 1 
ATOM   78   N N   . LYS A 1 16  ? 5.876   -25.783 -26.054 1.00 92.96  ? 447 LYS A N   1 
ATOM   79   C CA  . LYS A 1 16  ? 4.918   -24.698 -26.211 1.00 92.96  ? 447 LYS A CA  1 
ATOM   80   C C   . LYS A 1 16  ? 4.019   -24.562 -24.982 1.00 92.96  ? 447 LYS A C   1 
ATOM   81   O O   . LYS A 1 16  ? 3.761   -23.454 -24.517 1.00 92.96  ? 447 LYS A O   1 
ATOM   82   C CB  . LYS A 1 16  ? 4.078   -24.916 -27.468 1.00 92.96  ? 447 LYS A CB  1 
ATOM   83   C CG  . LYS A 1 16  ? 3.035   -23.842 -27.726 1.00 92.96  ? 447 LYS A CG  1 
ATOM   84   C CD  . LYS A 1 16  ? 2.219   -24.169 -28.973 1.00 92.96  ? 447 LYS A CD  1 
ATOM   85   C CE  . LYS A 1 16  ? 1.075   -23.181 -29.176 1.00 92.96  ? 447 LYS A CE  1 
ATOM   86   N NZ  . LYS A 1 16  ? 0.188   -23.574 -30.313 1.00 92.96  ? 447 LYS A NZ  1 
ATOM   87   N N   . VAL A 1 17  ? 3.561   -25.694 -24.453 1.00 97.24  ? 448 VAL A N   1 
ATOM   88   C CA  . VAL A 1 17  ? 2.650   -25.703 -23.312 1.00 97.24  ? 448 VAL A CA  1 
ATOM   89   C C   . VAL A 1 17  ? 3.287   -25.096 -22.068 1.00 97.24  ? 448 VAL A C   1 
ATOM   90   O O   . VAL A 1 17  ? 2.686   -24.265 -21.393 1.00 97.24  ? 448 VAL A O   1 
ATOM   91   C CB  . VAL A 1 17  ? 2.191   -27.134 -22.969 1.00 97.24  ? 448 VAL A CB  1 
ATOM   92   C CG1 . VAL A 1 17  ? 1.153   -27.103 -21.856 1.00 97.24  ? 448 VAL A CG1 1 
ATOM   93   C CG2 . VAL A 1 17  ? 1.636   -27.824 -24.207 1.00 97.24  ? 448 VAL A CG2 1 
ATOM   94   N N   . TYR A 1 18  ? 4.504   -25.533 -21.768 1.00 118.58 ? 449 TYR A N   1 
ATOM   95   C CA  . TYR A 1 18  ? 5.224   -25.063 -20.593 1.00 118.58 ? 449 TYR A CA  1 
ATOM   96   C C   . TYR A 1 18  ? 5.656   -23.608 -20.737 1.00 118.58 ? 449 TYR A C   1 
ATOM   97   O O   . TYR A 1 18  ? 5.499   -22.814 -19.808 1.00 118.58 ? 449 TYR A O   1 
ATOM   98   C CB  . TYR A 1 18  ? 6.423   -25.970 -20.308 1.00 118.58 ? 449 TYR A CB  1 
ATOM   99   C CG  . TYR A 1 18  ? 6.016   -27.313 -19.754 1.00 118.58 ? 449 TYR A CG  1 
ATOM   100  C CD1 . TYR A 1 18  ? 4.883   -27.436 -18.963 1.00 118.58 ? 449 TYR A CD1 1 
ATOM   101  C CD2 . TYR A 1 18  ? 6.750   -28.455 -20.024 1.00 118.58 ? 449 TYR A CD2 1 
ATOM   102  C CE1 . TYR A 1 18  ? 4.494   -28.660 -18.446 1.00 118.58 ? 449 TYR A CE1 1 
ATOM   103  C CE2 . TYR A 1 18  ? 6.366   -29.687 -19.511 1.00 118.58 ? 449 TYR A CE2 1 
ATOM   104  C CZ  . TYR A 1 18  ? 5.237   -29.782 -18.722 1.00 118.58 ? 449 TYR A CZ  1 
ATOM   105  O OH  . TYR A 1 18  ? 4.848   -31.000 -18.211 1.00 118.58 ? 449 TYR A OH  1 
ATOM   106  N N   . HIS A 1 19  ? 6.199   -23.259 -21.898 1.00 91.95  ? 450 HIS A N   1 
ATOM   107  C CA  . HIS A 1 19  ? 6.604   -21.886 -22.150 1.00 91.95  ? 450 HIS A CA  1 
ATOM   108  C C   . HIS A 1 19  ? 5.434   -20.935 -21.909 1.00 91.95  ? 450 HIS A C   1 
ATOM   109  O O   . HIS A 1 19  ? 5.595   -19.892 -21.285 1.00 91.95  ? 450 HIS A O   1 
ATOM   110  C CB  . HIS A 1 19  ? 7.114   -21.732 -23.577 1.00 91.95  ? 450 HIS A CB  1 
ATOM   111  C CG  . HIS A 1 19  ? 7.491   -20.331 -23.924 1.00 91.95  ? 450 HIS A CG  1 
ATOM   112  N ND1 . HIS A 1 19  ? 8.615   -19.717 -23.420 1.00 91.95  ? 450 HIS A ND1 1 
ATOM   113  C CD2 . HIS A 1 19  ? 6.887   -19.417 -24.721 1.00 91.95  ? 450 HIS A CD2 1 
ATOM   114  C CE1 . HIS A 1 19  ? 8.694   -18.488 -23.893 1.00 91.95  ? 450 HIS A CE1 1 
ATOM   115  N NE2 . HIS A 1 19  ? 7.657   -18.280 -24.685 1.00 91.95  ? 450 HIS A NE2 1 
ATOM   116  N N   . GLN A 1 20  ? 4.259   -21.301 -22.409 1.00 113.50 ? 451 GLN A N   1 
ATOM   117  C CA  . GLN A 1 20  ? 3.067   -20.491 -22.213 1.00 113.50 ? 451 GLN A CA  1 
ATOM   118  C C   . GLN A 1 20  ? 2.772   -20.332 -20.731 1.00 113.50 ? 451 GLN A C   1 
ATOM   119  O O   . GLN A 1 20  ? 2.695   -19.213 -20.226 1.00 113.50 ? 451 GLN A O   1 
ATOM   120  C CB  . GLN A 1 20  ? 1.872   -21.110 -22.930 1.00 113.50 ? 451 GLN A CB  1 
ATOM   121  C CG  . GLN A 1 20  ? 0.591   -20.308 -22.789 1.00 113.50 ? 451 GLN A CG  1 
ATOM   122  C CD  . GLN A 1 20  ? 0.714   -18.882 -23.310 1.00 113.50 ? 451 GLN A CD  1 
ATOM   123  O OE1 . GLN A 1 20  ? 1.729   -18.512 -23.899 1.00 113.50 ? 451 GLN A OE1 1 
ATOM   124  N NE2 . GLN A 1 20  ? -0.323  -18.075 -23.085 1.00 113.50 ? 451 GLN A NE2 1 
ATOM   125  N N   . GLN A 1 21  ? 2.595   -21.459 -20.044 1.00 104.27 ? 452 GLN A N   1 
ATOM   126  C CA  . GLN A 1 21  ? 2.428   -21.465 -18.595 1.00 104.27 ? 452 GLN A CA  1 
ATOM   127  C C   . GLN A 1 21  ? 3.416   -20.512 -17.948 1.00 104.27 ? 452 GLN A C   1 
ATOM   128  O O   . GLN A 1 21  ? 3.057   -19.721 -17.078 1.00 104.27 ? 452 GLN A O   1 
ATOM   129  C CB  . GLN A 1 21  ? 2.670   -22.864 -18.033 1.00 104.27 ? 452 GLN A CB  1 
ATOM   130  C CG  . GLN A 1 21  ? 1.577   -23.873 -18.303 1.00 104.27 ? 452 GLN A CG  1 
ATOM   131  C CD  . GLN A 1 21  ? 1.764   -25.141 -17.487 1.00 104.27 ? 452 GLN A CD  1 
ATOM   132  O OE1 . GLN A 1 21  ? 2.481   -25.147 -16.487 1.00 104.27 ? 452 GLN A OE1 1 
ATOM   133  N NE2 . GLN A 1 21  ? 1.121   -26.222 -17.914 1.00 104.27 ? 452 GLN A NE2 1 
ATOM   134  N N   . TYR A 1 22  ? 4.670   -20.612 -18.374 1.00 91.67  ? 453 TYR A N   1 
ATOM   135  C CA  . TYR A 1 22  ? 5.743   -19.806 -17.814 1.00 91.67  ? 453 TYR A CA  1 
ATOM   136  C C   . TYR A 1 22  ? 5.512   -18.314 -18.009 1.00 91.67  ? 453 TYR A C   1 
ATOM   137  O O   . TYR A 1 22  ? 5.593   -17.542 -17.057 1.00 91.67  ? 453 TYR A O   1 
ATOM   138  C CB  . TYR A 1 22  ? 7.079   -20.211 -18.425 1.00 91.67  ? 453 TYR A CB  1 
ATOM   139  C CG  . TYR A 1 22  ? 8.213   -19.285 -18.068 1.00 91.67  ? 453 TYR A CG  1 
ATOM   140  C CD1 . TYR A 1 22  ? 8.800   -18.476 -19.025 1.00 91.67  ? 453 TYR A CD1 1 
ATOM   141  C CD2 . TYR A 1 22  ? 8.693   -19.215 -16.773 1.00 91.67  ? 453 TYR A CD2 1 
ATOM   142  C CE1 . TYR A 1 22  ? 9.841   -17.625 -18.698 1.00 91.67  ? 453 TYR A CE1 1 
ATOM   143  C CE2 . TYR A 1 22  ? 9.733   -18.368 -16.438 1.00 91.67  ? 453 TYR A CE2 1 
ATOM   144  C CZ  . TYR A 1 22  ? 10.301  -17.576 -17.404 1.00 91.67  ? 453 TYR A CZ  1 
ATOM   145  O OH  . TYR A 1 22  ? 11.336  -16.734 -17.070 1.00 91.67  ? 453 TYR A OH  1 
ATOM   146  N N   . GLN A 1 23  ? 5.237   -17.910 -19.245 1.00 95.03  ? 454 GLN A N   1 
ATOM   147  C CA  . GLN A 1 23  ? 4.964   -16.509 -19.536 1.00 95.03  ? 454 GLN A CA  1 
ATOM   148  C C   . GLN A 1 23  ? 3.774   -15.995 -18.729 1.00 95.03  ? 454 GLN A C   1 
ATOM   149  O O   . GLN A 1 23  ? 3.820   -14.895 -18.183 1.00 95.03  ? 454 GLN A O   1 
ATOM   150  C CB  . GLN A 1 23  ? 4.721   -16.302 -21.031 1.00 95.03  ? 454 GLN A CB  1 
ATOM   151  C CG  . GLN A 1 23  ? 5.987   -16.314 -21.875 1.00 95.03  ? 454 GLN A CG  1 
ATOM   152  C CD  . GLN A 1 23  ? 5.741   -15.833 -23.295 1.00 95.03  ? 454 GLN A CD  1 
ATOM   153  O OE1 . GLN A 1 23  ? 4.693   -16.106 -23.886 1.00 95.03  ? 454 GLN A OE1 1 
ATOM   154  N NE2 . GLN A 1 23  ? 6.707   -15.103 -23.847 1.00 95.03  ? 454 GLN A NE2 1 
ATOM   155  N N   . ASP A 1 24  ? 2.712   -16.792 -18.651 1.00 100.09 ? 455 ASP A N   1 
ATOM   156  C CA  . ASP A 1 24  ? 1.517   -16.407 -17.902 1.00 100.09 ? 455 ASP A CA  1 
ATOM   157  C C   . ASP A 1 24  ? 1.811   -16.264 -16.413 1.00 100.09 ? 455 ASP A C   1 
ATOM   158  O O   . ASP A 1 24  ? 1.425   -15.278 -15.786 1.00 100.09 ? 455 ASP A O   1 
ATOM   159  C CB  . ASP A 1 24  ? 0.399   -17.429 -18.112 1.00 100.09 ? 455 ASP A CB  1 
ATOM   160  C CG  . ASP A 1 24  ? 0.033   -17.598 -19.572 1.00 100.09 ? 455 ASP A CG  1 
ATOM   161  O OD1 . ASP A 1 24  ? 0.318   -16.675 -20.366 1.00 100.09 ? 455 ASP A OD1 1 
ATOM   162  O OD2 . ASP A 1 24  ? -0.546  -18.649 -19.921 1.00 100.09 ? 455 ASP A OD2 1 
ATOM   163  N N   . LYS A 1 25  ? 2.482   -17.262 -15.849 1.00 101.26 ? 456 LYS A N   1 
ATOM   164  C CA  . LYS A 1 25  ? 2.911   -17.202 -14.459 1.00 101.26 ? 456 LYS A CA  1 
ATOM   165  C C   . LYS A 1 25  ? 3.768   -15.959 -14.258 1.00 101.26 ? 456 LYS A C   1 
ATOM   166  O O   . LYS A 1 25  ? 3.710   -15.307 -13.218 1.00 101.26 ? 456 LYS A O   1 
ATOM   167  C CB  . LYS A 1 25  ? 3.707   -18.458 -14.102 1.00 101.26 ? 456 LYS A CB  1 
ATOM   168  C CG  . LYS A 1 25  ? 4.149   -18.540 -12.652 1.00 101.26 ? 456 LYS A CG  1 
ATOM   169  C CD  . LYS A 1 25  ? 3.049   -19.085 -11.757 1.00 101.26 ? 456 LYS A CD  1 
ATOM   170  C CE  . LYS A 1 25  ? 2.742   -20.538 -12.082 1.00 101.26 ? 456 LYS A CE  1 
ATOM   171  N NZ  . LYS A 1 25  ? 1.723   -21.118 -11.158 1.00 101.26 ? 456 LYS A NZ  1 
ATOM   172  N N   . SER A 1 26  ? 4.549   -15.627 -15.278 1.00 83.94  ? 457 SER A N   1 
ATOM   173  C CA  . SER A 1 26  ? 5.426   -14.467 -15.230 1.00 83.94  ? 457 SER A CA  1 
ATOM   174  C C   . SER A 1 26  ? 4.653   -13.153 -15.287 1.00 83.94  ? 457 SER A C   1 
ATOM   175  O O   . SER A 1 26  ? 4.909   -12.245 -14.500 1.00 83.94  ? 457 SER A O   1 
ATOM   176  C CB  . SER A 1 26  ? 6.441   -14.530 -16.369 1.00 83.94  ? 457 SER A CB  1 
ATOM   177  O OG  . SER A 1 26  ? 7.209   -13.345 -16.415 1.00 83.94  ? 457 SER A OG  1 
ATOM   178  N N   . ARG A 1 27  ? 3.708   -13.057 -16.218 1.00 120.73 ? 458 ARG A N   1 
ATOM   179  C CA  . ARG A 1 27  ? 2.887   -11.857 -16.363 1.00 120.73 ? 458 ARG A CA  1 
ATOM   180  C C   . ARG A 1 27  ? 2.132   -11.571 -15.076 1.00 120.73 ? 458 ARG A C   1 
ATOM   181  O O   . ARG A 1 27  ? 2.117   -10.442 -14.593 1.00 120.73 ? 458 ARG A O   1 
ATOM   182  C CB  . ARG A 1 27  ? 1.892   -12.001 -17.521 1.00 120.73 ? 458 ARG A CB  1 
ATOM   183  C CG  . ARG A 1 27  ? 2.527   -12.334 -18.862 1.00 120.73 ? 458 ARG A CG  1 
ATOM   184  C CD  . ARG A 1 27  ? 1.543   -12.144 -20.011 1.00 120.73 ? 458 ARG A CD  1 
ATOM   185  N NE  . ARG A 1 27  ? 1.964   -12.854 -21.218 1.00 120.73 ? 458 ARG A NE  1 
ATOM   186  C CZ  . ARG A 1 27  ? 2.944   -12.452 -22.026 1.00 120.73 ? 458 ARG A CZ  1 
ATOM   187  N NH1 . ARG A 1 27  ? 3.620   -11.344 -21.755 1.00 120.73 ? 458 ARG A NH1 1 
ATOM   188  N NH2 . ARG A 1 27  ? 3.254   -13.163 -23.102 1.00 120.73 ? 458 ARG A NH2 1 
ATOM   189  N N   . GLU A 1 28  ? 1.501   -12.606 -14.533 1.00 126.18 ? 459 GLU A N   1 
ATOM   190  C CA  . GLU A 1 28  ? 0.749   -12.485 -13.293 1.00 126.18 ? 459 GLU A CA  1 
ATOM   191  C C   . GLU A 1 28  ? 1.629   -11.983 -12.160 1.00 126.18 ? 459 GLU A C   1 
ATOM   192  O O   . GLU A 1 28  ? 1.187   -11.198 -11.326 1.00 126.18 ? 459 GLU A O   1 
ATOM   193  C CB  . GLU A 1 28  ? 0.128   -13.826 -12.902 1.00 126.18 ? 459 GLU A CB  1 
ATOM   194  C CG  . GLU A 1 28  ? -1.013  -14.273 -13.807 1.00 126.18 ? 459 GLU A CG  1 
ATOM   195  C CD  . GLU A 1 28  ? -1.781  -15.455 -13.237 1.00 126.18 ? 459 GLU A CD  1 
ATOM   196  O OE1 . GLU A 1 28  ? -1.272  -16.091 -12.287 1.00 126.18 ? 459 GLU A OE1 1 
ATOM   197  O OE2 . GLU A 1 28  ? -2.895  -15.742 -13.735 1.00 126.18 ? 459 GLU A OE2 1 
ATOM   198  N N   . TYR A 1 29  ? 2.876   -12.442 -12.129 1.00 88.84  ? 460 TYR A N   1 
ATOM   199  C CA  . TYR A 1 29  ? 3.819   -11.974 -11.123 1.00 88.84  ? 460 TYR A CA  1 
ATOM   200  C C   . TYR A 1 29  ? 4.087   -10.484 -11.299 1.00 88.84  ? 460 TYR A C   1 
ATOM   201  O O   . TYR A 1 29  ? 4.126   -9.734  -10.326 1.00 88.84  ? 460 TYR A O   1 
ATOM   202  C CB  . TYR A 1 29  ? 5.132   -12.754 -11.197 1.00 88.84  ? 460 TYR A CB  1 
ATOM   203  C CG  . TYR A 1 29  ? 6.200   -12.210 -10.272 1.00 88.84  ? 460 TYR A CG  1 
ATOM   204  C CD1 . TYR A 1 29  ? 6.382   -12.736 -9.001  1.00 88.84  ? 460 TYR A CD1 1 
ATOM   205  C CD2 . TYR A 1 29  ? 7.017   -11.160 -10.665 1.00 88.84  ? 460 TYR A CD2 1 
ATOM   206  C CE1 . TYR A 1 29  ? 7.356   -12.231 -8.148  1.00 88.84  ? 460 TYR A CE1 1 
ATOM   207  C CE2 . TYR A 1 29  ? 7.989   -10.654 -9.819  1.00 88.84  ? 460 TYR A CE2 1 
ATOM   208  C CZ  . TYR A 1 29  ? 8.153   -11.191 -8.565  1.00 88.84  ? 460 TYR A CZ  1 
ATOM   209  O OH  . TYR A 1 29  ? 9.121   -10.684 -7.728  1.00 88.84  ? 460 TYR A OH  1 
ATOM   210  N N   . ASP A 1 30  ? 4.292   -10.064 -12.542 1.00 102.12 ? 461 ASP A N   1 
ATOM   211  C CA  . ASP A 1 30  ? 4.516   -8.656  -12.842 1.00 102.12 ? 461 ASP A CA  1 
ATOM   212  C C   . ASP A 1 30  ? 3.337   -7.803  -12.382 1.00 102.12 ? 461 ASP A C   1 
ATOM   213  O O   . ASP A 1 30  ? 3.524   -6.760  -11.764 1.00 102.12 ? 461 ASP A O   1 
ATOM   214  C CB  . ASP A 1 30  ? 4.774   -8.456  -14.338 1.00 102.12 ? 461 ASP A CB  1 
ATOM   215  C CG  . ASP A 1 30  ? 6.159   -8.910  -14.756 1.00 102.12 ? 461 ASP A CG  1 
ATOM   216  O OD1 . ASP A 1 30  ? 7.066   -8.940  -13.895 1.00 102.12 ? 461 ASP A OD1 1 
ATOM   217  O OD2 . ASP A 1 30  ? 6.344   -9.222  -15.950 1.00 102.12 ? 461 ASP A OD2 1 
ATOM   218  N N   . GLN A 1 31  ? 2.125   -8.255  -12.685 1.00 122.69 ? 462 GLN A N   1 
ATOM   219  C CA  . GLN A 1 31  ? 0.919   -7.567  -12.242 1.00 122.69 ? 462 GLN A CA  1 
ATOM   220  C C   . GLN A 1 31  ? 0.940   -7.349  -10.734 1.00 122.69 ? 462 GLN A C   1 
ATOM   221  O O   . GLN A 1 31  ? 0.616   -6.266  -10.253 1.00 122.69 ? 462 GLN A O   1 
ATOM   222  C CB  . GLN A 1 31  ? -0.326  -8.360  -12.637 1.00 122.69 ? 462 GLN A CB  1 
ATOM   223  C CG  . GLN A 1 31  ? -0.463  -8.585  -14.136 1.00 122.69 ? 462 GLN A CG  1 
ATOM   224  C CD  . GLN A 1 31  ? -0.528  -7.290  -14.921 1.00 122.69 ? 462 GLN A CD  1 
ATOM   225  O OE1 . GLN A 1 31  ? -1.064  -6.288  -14.444 1.00 122.69 ? 462 GLN A OE1 1 
ATOM   226  N NE2 . GLN A 1 31  ? 0.023   -7.302  -16.131 1.00 122.69 ? 462 GLN A NE2 1 
ATOM   227  N N   . LEU A 1 32  ? 1.327   -8.380  -9.992  1.00 90.40  ? 463 LEU A N   1 
ATOM   228  C CA  . LEU A 1 32  ? 1.394   -8.295  -8.536  1.00 90.40  ? 463 LEU A CA  1 
ATOM   229  C C   . LEU A 1 32  ? 2.453   -7.304  -8.075  1.00 90.40  ? 463 LEU A C   1 
ATOM   230  O O   . LEU A 1 32  ? 2.228   -6.536  -7.141  1.00 90.40  ? 463 LEU A O   1 
ATOM   231  C CB  . LEU A 1 32  ? 1.683   -9.664  -7.918  1.00 90.40  ? 463 LEU A CB  1 
ATOM   232  C CG  . LEU A 1 32  ? 0.595   -10.730 -8.024  1.00 90.40  ? 463 LEU A CG  1 
ATOM   233  C CD1 . LEU A 1 32  ? 0.935   -11.914 -7.126  1.00 90.40  ? 463 LEU A CD1 1 
ATOM   234  C CD2 . LEU A 1 32  ? -0.747  -10.137 -7.645  1.00 90.40  ? 463 LEU A CD2 1 
ATOM   235  N N   . TYR A 1 33  ? 3.609   -7.327  -8.731  1.00 109.98 ? 464 TYR A N   1 
ATOM   236  C CA  . TYR A 1 33  ? 4.723   -6.474  -8.332  1.00 109.98 ? 464 TYR A CA  1 
ATOM   237  C C   . TYR A 1 33  ? 4.386   -4.993  -8.480  1.00 109.98 ? 464 TYR A C   1 
ATOM   238  O O   . TYR A 1 33  ? 4.792   -4.173  -7.658  1.00 109.98 ? 464 TYR A O   1 
ATOM   239  C CB  . TYR A 1 33  ? 5.977   -6.812  -9.131  1.00 109.98 ? 464 TYR A CB  1 
ATOM   240  C CG  . TYR A 1 33  ? 7.204   -6.079  -8.650  1.00 109.98 ? 464 TYR A CG  1 
ATOM   241  C CD1 . TYR A 1 33  ? 7.777   -6.382  -7.419  1.00 109.98 ? 464 TYR A CD1 1 
ATOM   242  C CD2 . TYR A 1 33  ? 7.795   -5.088  -9.424  1.00 109.98 ? 464 TYR A CD2 1 
ATOM   243  C CE1 . TYR A 1 33  ? 8.904   -5.717  -6.968  1.00 109.98 ? 464 TYR A CE1 1 
ATOM   244  C CE2 . TYR A 1 33  ? 8.924   -4.416  -8.985  1.00 109.98 ? 464 TYR A CE2 1 
ATOM   245  C CZ  . TYR A 1 33  ? 9.475   -4.735  -7.755  1.00 109.98 ? 464 TYR A CZ  1 
ATOM   246  O OH  . TYR A 1 33  ? 10.599  -4.073  -7.313  1.00 109.98 ? 464 TYR A OH  1 
ATOM   247  N N   . GLU A 1 34  ? 3.649   -4.658  -9.533  1.00 120.61 ? 465 GLU A N   1 
ATOM   248  C CA  . GLU A 1 34  ? 3.190   -3.292  -9.744  1.00 120.61 ? 465 GLU A CA  1 
ATOM   249  C C   . GLU A 1 34  ? 2.212   -2.923  -8.643  1.00 120.61 ? 465 GLU A C   1 
ATOM   250  O O   . GLU A 1 34  ? 2.333   -1.875  -8.011  1.00 120.61 ? 465 GLU A O   1 
ATOM   251  C CB  . GLU A 1 34  ? 2.503   -3.162  -11.100 1.00 120.61 ? 465 GLU A CB  1 
ATOM   252  C CG  . GLU A 1 34  ? 3.356   -3.608  -12.274 1.00 120.61 ? 465 GLU A CG  1 
ATOM   253  C CD  . GLU A 1 34  ? 2.624   -3.477  -13.598 1.00 120.61 ? 465 GLU A CD  1 
ATOM   254  O OE1 . GLU A 1 34  ? 1.577   -2.789  -13.632 1.00 120.61 ? 465 GLU A OE1 1 
ATOM   255  O OE2 . GLU A 1 34  ? 3.092   -4.064  -14.602 1.00 120.61 ? 465 GLU A OE2 1 
ATOM   256  N N   . GLU A 1 35  ? 1.234   -3.793  -8.427  1.00 122.91 ? 466 GLU A N   1 
ATOM   257  C CA  . GLU A 1 35  ? 0.229   -3.570  -7.402  1.00 122.91 ? 466 GLU A CA  1 
ATOM   258  C C   . GLU A 1 35  ? 0.888   -3.332  -6.047  1.00 122.91 ? 466 GLU A C   1 
ATOM   259  O O   . GLU A 1 35  ? 0.478   -2.445  -5.302  1.00 122.91 ? 466 GLU A O   1 
ATOM   260  C CB  . GLU A 1 35  ? -0.737  -4.753  -7.339  1.00 122.91 ? 466 GLU A CB  1 
ATOM   261  C CG  . GLU A 1 35  ? -2.028  -4.466  -6.592  1.00 122.91 ? 466 GLU A CG  1 
ATOM   262  C CD  . GLU A 1 35  ? -2.940  -5.681  -6.504  1.00 122.91 ? 466 GLU A CD  1 
ATOM   263  O OE1 . GLU A 1 35  ? -3.534  -5.899  -5.425  1.00 122.91 ? 466 GLU A OE1 1 
ATOM   264  O OE2 . GLU A 1 35  ? -3.068  -6.413  -7.512  1.00 122.91 ? 466 GLU A OE2 1 
ATOM   265  N N   . TYR A 1 36  ? 1.918   -4.111  -5.735  1.00 88.78  ? 467 TYR A N   1 
ATOM   266  C CA  . TYR A 1 36  ? 2.609   -3.956  -4.462  1.00 88.78  ? 467 TYR A CA  1 
ATOM   267  C C   . TYR A 1 36  ? 3.278   -2.593  -4.349  1.00 88.78  ? 467 TYR A C   1 
ATOM   268  O O   . TYR A 1 36  ? 3.126   -1.902  -3.342  1.00 88.78  ? 467 TYR A O   1 
ATOM   269  C CB  . TYR A 1 36  ? 3.637   -5.068  -4.246  1.00 88.78  ? 467 TYR A CB  1 
ATOM   270  C CG  . TYR A 1 36  ? 4.410   -4.924  -2.951  1.00 88.78  ? 467 TYR A CG  1 
ATOM   271  C CD1 . TYR A 1 36  ? 5.635   -4.277  -2.919  1.00 88.78  ? 467 TYR A CD1 1 
ATOM   272  C CD2 . TYR A 1 36  ? 3.907   -5.422  -1.759  1.00 88.78  ? 467 TYR A CD2 1 
ATOM   273  C CE1 . TYR A 1 36  ? 6.340   -4.138  -1.737  1.00 88.78  ? 467 TYR A CE1 1 
ATOM   274  C CE2 . TYR A 1 36  ? 4.607   -5.286  -0.572  1.00 88.78  ? 467 TYR A CE2 1 
ATOM   275  C CZ  . TYR A 1 36  ? 5.821   -4.644  -0.568  1.00 88.78  ? 467 TYR A CZ  1 
ATOM   276  O OH  . TYR A 1 36  ? 6.522   -4.505  0.608   1.00 88.78  ? 467 TYR A OH  1 
ATOM   277  N N   . THR A 1 37  ? 4.032   -2.215  -5.377  1.00 110.56 ? 468 THR A N   1 
ATOM   278  C CA  . THR A 1 37  ? 4.715   -0.927  -5.380  1.00 110.56 ? 468 THR A CA  1 
ATOM   279  C C   . THR A 1 37  ? 3.710   0.220   -5.333  1.00 110.56 ? 468 THR A C   1 
ATOM   280  O O   . THR A 1 37  ? 3.897   1.183   -4.594  1.00 110.56 ? 468 THR A O   1 
ATOM   281  C CB  . THR A 1 37  ? 5.605   -0.754  -6.627  1.00 110.56 ? 468 THR A CB  1 
ATOM   282  O OG1 . THR A 1 37  ? 4.785   -0.716  -7.801  1.00 110.56 ? 468 THR A OG1 1 
ATOM   283  C CG2 . THR A 1 37  ? 6.605   -1.896  -6.737  1.00 110.56 ? 468 THR A CG2 1 
ATOM   284  N N   . ARG A 1 38  ? 2.651   0.111   -6.131  1.00 120.67 ? 469 ARG A N   1 
ATOM   285  C CA  . ARG A 1 38  ? 1.604   1.126   -6.162  1.00 120.67 ? 469 ARG A CA  1 
ATOM   286  C C   . ARG A 1 38  ? 0.976   1.323   -4.788  1.00 120.67 ? 469 ARG A C   1 
ATOM   287  O O   . ARG A 1 38  ? 0.865   2.451   -4.307  1.00 120.67 ? 469 ARG A O   1 
ATOM   288  C CB  . ARG A 1 38  ? 0.534   0.761   -7.194  1.00 120.67 ? 469 ARG A CB  1 
ATOM   289  C CG  . ARG A 1 38  ? -0.721  1.620   -7.123  1.00 120.67 ? 469 ARG A CG  1 
ATOM   290  C CD  . ARG A 1 38  ? -1.907  0.831   -6.573  1.00 120.67 ? 469 ARG A CD  1 
ATOM   291  N NE  . ARG A 1 38  ? -2.457  -0.095  -7.562  1.00 120.67 ? 469 ARG A NE  1 
ATOM   292  C CZ  . ARG A 1 38  ? -3.408  -0.992  -7.305  1.00 120.67 ? 469 ARG A CZ  1 
ATOM   293  N NH1 . ARG A 1 38  ? -3.916  -1.095  -6.083  1.00 120.67 ? 469 ARG A NH1 1 
ATOM   294  N NH2 . ARG A 1 38  ? -3.847  -1.791  -8.269  1.00 120.67 ? 469 ARG A NH2 1 
ATOM   295  N N   . THR A 1 39  ? 0.569   0.223   -4.163  1.00 94.10  ? 470 THR A N   1 
ATOM   296  C CA  . THR A 1 39  ? -0.055  0.287   -2.846  1.00 94.10  ? 470 THR A CA  1 
ATOM   297  C C   . THR A 1 39  ? 0.919   0.803   -1.793  1.00 94.10  ? 470 THR A C   1 
ATOM   298  O O   . THR A 1 39  ? 0.512   1.409   -0.801  1.00 94.10  ? 470 THR A O   1 
ATOM   299  C CB  . THR A 1 39  ? -0.599  -1.085  -2.412  1.00 94.10  ? 470 THR A CB  1 
ATOM   300  O OG1 . THR A 1 39  ? -1.581  -1.531  -3.355  1.00 94.10  ? 470 THR A OG1 1 
ATOM   301  C CG2 . THR A 1 39  ? -1.231  -1.001  -1.031  1.00 94.10  ? 470 THR A CG2 1 
ATOM   302  N N   . SER A 1 40  ? 2.206   0.562   -2.008  1.00 98.52  ? 471 SER A N   1 
ATOM   303  C CA  . SER A 1 40  ? 3.221   1.043   -1.085  1.00 98.52  ? 471 SER A CA  1 
ATOM   304  C C   . SER A 1 40  ? 3.361   2.559   -1.220  1.00 98.52  ? 471 SER A C   1 
ATOM   305  O O   . SER A 1 40  ? 3.803   3.236   -0.295  1.00 98.52  ? 471 SER A O   1 
ATOM   306  C CB  . SER A 1 40  ? 4.554   0.344   -1.349  1.00 98.52  ? 471 SER A CB  1 
ATOM   307  O OG  . SER A 1 40  ? 5.442   0.520   -0.261  1.00 98.52  ? 471 SER A OG  1 
ATOM   308  N N   . GLN A 1 41  ? 2.967   3.079   -2.381  1.00 88.79  ? 472 GLN A N   1 
ATOM   309  C CA  . GLN A 1 41  ? 2.948   4.517   -2.643  1.00 88.79  ? 472 GLN A CA  1 
ATOM   310  C C   . GLN A 1 41  ? 1.756   5.163   -1.950  1.00 88.79  ? 472 GLN A C   1 
ATOM   311  O O   . GLN A 1 41  ? 1.916   6.092   -1.161  1.00 88.79  ? 472 GLN A O   1 
ATOM   312  C CB  . GLN A 1 41  ? 2.880   4.792   -4.149  1.00 88.79  ? 472 GLN A CB  1 
ATOM   313  C CG  . GLN A 1 41  ? 4.148   4.461   -4.918  1.00 88.79  ? 472 GLN A CG  1 
ATOM   314  C CD  . GLN A 1 41  ? 3.999   4.725   -6.411  1.00 88.79  ? 472 GLN A CD  1 
ATOM   315  O OE1 . GLN A 1 41  ? 2.885   4.753   -6.941  1.00 88.79  ? 472 GLN A OE1 1 
ATOM   316  N NE2 . GLN A 1 41  ? 5.121   4.921   -7.094  1.00 88.79  ? 472 GLN A NE2 1 
ATOM   317  N N   . GLU A 1 42  ? 0.561   4.673   -2.267  1.00 121.88 ? 473 GLU A N   1 
ATOM   318  C CA  . GLU A 1 42  ? -0.663  5.139   -1.626  1.00 121.88 ? 473 GLU A CA  1 
ATOM   319  C C   . GLU A 1 42  ? -0.531  5.003   -0.115  1.00 121.88 ? 473 GLU A C   1 
ATOM   320  O O   . GLU A 1 42  ? -1.166  5.732   0.647   1.00 121.88 ? 473 GLU A O   1 
ATOM   321  C CB  . GLU A 1 42  ? -1.869  4.341   -2.124  1.00 121.88 ? 473 GLU A CB  1 
ATOM   322  C CG  . GLU A 1 42  ? -2.105  4.429   -3.629  1.00 121.88 ? 473 GLU A CG  1 
ATOM   323  C CD  . GLU A 1 42  ? -3.235  3.521   -4.099  1.00 121.88 ? 473 GLU A CD  1 
ATOM   324  O OE1 . GLU A 1 42  ? -3.515  3.491   -5.318  1.00 121.88 ? 473 GLU A OE1 1 
ATOM   325  O OE2 . GLU A 1 42  ? -3.841  2.836   -3.246  1.00 121.88 ? 473 GLU A OE2 1 
ATOM   326  N N   . LEU A 1 43  ? 0.305   4.063   0.309   1.00 99.36  ? 474 LEU A N   1 
ATOM   327  C CA  . LEU A 1 43  ? 0.556   3.840   1.725   1.00 99.36  ? 474 LEU A CA  1 
ATOM   328  C C   . LEU A 1 43  ? 1.424   4.957   2.286   1.00 99.36  ? 474 LEU A C   1 
ATOM   329  O O   . LEU A 1 43  ? 1.323   5.302   3.458   1.00 99.36  ? 474 LEU A O   1 
ATOM   330  C CB  . LEU A 1 43  ? 1.257   2.498   1.935   1.00 99.36  ? 474 LEU A CB  1 
ATOM   331  C CG  . LEU A 1 43  ? 0.872   1.729   3.200   1.00 99.36  ? 474 LEU A CG  1 
ATOM   332  C CD1 . LEU A 1 43  ? -0.563  1.242   3.085   1.00 99.36  ? 474 LEU A CD1 1 
ATOM   333  C CD2 . LEU A 1 43  ? 1.816   0.563   3.445   1.00 99.36  ? 474 LEU A CD2 1 
ATOM   334  N N   . GLN A 1 44  ? 2.281   5.518   1.441   1.00 103.70 ? 475 GLN A N   1 
ATOM   335  C CA  . GLN A 1 44  ? 3.166   6.596   1.856   1.00 103.70 ? 475 GLN A CA  1 
ATOM   336  C C   . GLN A 1 44  ? 2.381   7.876   2.096   1.00 103.70 ? 475 GLN A C   1 
ATOM   337  O O   . GLN A 1 44  ? 2.580   8.565   3.098   1.00 103.70 ? 475 GLN A O   1 
ATOM   338  C CB  . GLN A 1 44  ? 4.253   6.832   0.807   1.00 103.70 ? 475 GLN A CB  1 
ATOM   339  C CG  . GLN A 1 44  ? 5.221   7.945   1.160   1.00 103.70 ? 475 GLN A CG  1 
ATOM   340  C CD  . GLN A 1 44  ? 5.955   7.700   2.472   1.00 103.70 ? 475 GLN A CD  1 
ATOM   341  O OE1 . GLN A 1 44  ? 5.683   6.729   3.181   1.00 103.70 ? 475 GLN A OE1 1 
ATOM   342  N NE2 . GLN A 1 44  ? 6.894   8.582   2.795   1.00 103.70 ? 475 GLN A NE2 1 
ATOM   343  N N   . MET A 1 45  ? 1.484   8.183   1.169   1.00 102.55 ? 476 MET A N   1 
ATOM   344  C CA  . MET A 1 45  ? 0.624   9.349   1.291   1.00 102.55 ? 476 MET A CA  1 
ATOM   345  C C   . MET A 1 45  ? -0.117  9.328   2.620   1.00 102.55 ? 476 MET A C   1 
ATOM   346  O O   . MET A 1 45  ? -0.190  10.342  3.311   1.00 102.55 ? 476 MET A O   1 
ATOM   347  C CB  . MET A 1 45  ? -0.368  9.387   0.134   1.00 102.55 ? 476 MET A CB  1 
ATOM   348  C CG  . MET A 1 45  ? 0.297   9.299   -1.227  1.00 102.55 ? 476 MET A CG  1 
ATOM   349  S SD  . MET A 1 45  ? -0.893  9.139   -2.567  1.00 102.55 ? 476 MET A SD  1 
ATOM   350  C CE  . MET A 1 45  ? 0.189   8.738   -3.938  1.00 102.55 ? 476 MET A CE  1 
ATOM   351  N N   . LYS A 1 46  ? -0.662  8.168   2.973   1.00 102.17 ? 477 LYS A N   1 
ATOM   352  C CA  . LYS A 1 46  ? -1.385  8.014   4.228   1.00 102.17 ? 477 LYS A CA  1 
ATOM   353  C C   . LYS A 1 46  ? -0.496  8.361   5.416   1.00 102.17 ? 477 LYS A C   1 
ATOM   354  O O   . LYS A 1 46  ? -0.905  9.099   6.307   1.00 102.17 ? 477 LYS A O   1 
ATOM   355  C CB  . LYS A 1 46  ? -1.945  6.596   4.365   1.00 102.17 ? 477 LYS A CB  1 
ATOM   356  C CG  . LYS A 1 46  ? -2.925  6.212   3.266   1.00 102.17 ? 477 LYS A CG  1 
ATOM   357  C CD  . LYS A 1 46  ? -3.862  5.096   3.716   1.00 102.17 ? 477 LYS A CD  1 
ATOM   358  C CE  . LYS A 1 46  ? -4.891  4.776   2.639   1.00 102.17 ? 477 LYS A CE  1 
ATOM   359  N NZ  . LYS A 1 46  ? -5.923  3.809   3.111   1.00 102.17 ? 477 LYS A NZ  1 
ATOM   360  N N   . ARG A 1 47  ? 0.722   7.830   5.422   1.00 116.84 ? 478 ARG A N   1 
ATOM   361  C CA  . ARG A 1 47  ? 1.677   8.138   6.477   1.00 116.84 ? 478 ARG A CA  1 
ATOM   362  C C   . ARG A 1 47  ? 1.917   9.640   6.548   1.00 116.84 ? 478 ARG A C   1 
ATOM   363  O O   . ARG A 1 47  ? 1.984   10.220  7.632   1.00 116.84 ? 478 ARG A O   1 
ATOM   364  C CB  . ARG A 1 47  ? 3.000   7.417   6.231   1.00 116.84 ? 478 ARG A CB  1 
ATOM   365  C CG  . ARG A 1 47  ? 2.880   5.911   6.060   1.00 116.84 ? 478 ARG A CG  1 
ATOM   366  C CD  . ARG A 1 47  ? 4.255   5.269   6.030   1.00 116.84 ? 478 ARG A CD  1 
ATOM   367  N NE  . ARG A 1 47  ? 4.362   4.233   5.009   1.00 116.84 ? 478 ARG A NE  1 
ATOM   368  C CZ  . ARG A 1 47  ? 5.516   3.739   4.572   1.00 116.84 ? 478 ARG A CZ  1 
ATOM   369  N NH1 . ARG A 1 47  ? 6.665   4.191   5.066   1.00 116.84 ? 478 ARG A NH1 1 
ATOM   370  N NH2 . ARG A 1 47  ? 5.524   2.797   3.637   1.00 116.84 ? 478 ARG A NH2 1 
ATOM   371  N N   . THR A 1 48  ? 2.048   10.265  5.383   1.00 94.02  ? 479 THR A N   1 
ATOM   372  C CA  . THR A 1 48  ? 2.249   11.705  5.298   1.00 94.02  ? 479 THR A CA  1 
ATOM   373  C C   . THR A 1 48  ? 1.026   12.468  5.805   1.00 94.02  ? 479 THR A C   1 
ATOM   374  O O   . THR A 1 48  ? 1.152   13.414  6.582   1.00 94.02  ? 479 THR A O   1 
ATOM   375  C CB  . THR A 1 48  ? 2.587   12.131  3.857   1.00 94.02  ? 479 THR A CB  1 
ATOM   376  O OG1 . THR A 1 48  ? 4.009   12.231  3.711   1.00 94.02  ? 479 THR A OG1 1 
ATOM   377  C CG2 . THR A 1 48  ? 1.959   13.472  3.526   1.00 94.02  ? 479 THR A CG2 1 
ATOM   378  N N   . ALA A 1 49  ? -0.156  12.042  5.370   1.00 101.18 ? 480 ALA A N   1 
ATOM   379  C CA  . ALA A 1 49  ? -1.403  12.640  5.831   1.00 101.18 ? 480 ALA A CA  1 
ATOM   380  C C   . ALA A 1 49  ? -1.486  12.624  7.355   1.00 101.18 ? 480 ALA A C   1 
ATOM   381  O O   . ALA A 1 49  ? -1.813  13.635  7.976   1.00 101.18 ? 480 ALA A O   1 
ATOM   382  C CB  . ALA A 1 49  ? -2.594  11.918  5.225   1.00 101.18 ? 480 ALA A CB  1 
ATOM   383  N N   . ILE A 1 50  ? -1.184  11.478  7.954   1.00 105.99 ? 481 ILE A N   1 
ATOM   384  C CA  . ILE A 1 50  ? -1.183  11.363  9.406   1.00 105.99 ? 481 ILE A CA  1 
ATOM   385  C C   . ILE A 1 50  ? -0.302  12.441  10.032  1.00 105.99 ? 481 ILE A C   1 
ATOM   386  O O   . ILE A 1 50  ? -0.701  13.091  10.993  1.00 105.99 ? 481 ILE A O   1 
ATOM   387  C CB  . ILE A 1 50  ? -0.695  9.976   9.870   1.00 105.99 ? 481 ILE A CB  1 
ATOM   388  C CG1 . ILE A 1 50  ? -1.641  8.881   9.372   1.00 105.99 ? 481 ILE A CG1 1 
ATOM   389  C CG2 . ILE A 1 50  ? -0.582  9.929   11.384  1.00 105.99 ? 481 ILE A CG2 1 
ATOM   390  C CD1 . ILE A 1 50  ? -1.226  7.481   9.781   1.00 105.99 ? 481 ILE A CD1 1 
ATOM   391  N N   . GLU A 1 51  ? 0.896   12.626  9.490   1.00 119.37 ? 482 GLU A N   1 
ATOM   392  C CA  . GLU A 1 51  ? 1.806   13.647  9.994   1.00 119.37 ? 482 GLU A CA  1 
ATOM   393  C C   . GLU A 1 51  ? 1.171   15.024  9.879   1.00 119.37 ? 482 GLU A C   1 
ATOM   394  O O   . GLU A 1 51  ? 1.377   15.884  10.733  1.00 119.37 ? 482 GLU A O   1 
ATOM   395  C CB  . GLU A 1 51  ? 3.126   13.622  9.230   1.00 119.37 ? 482 GLU A CB  1 
ATOM   396  C CG  . GLU A 1 51  ? 3.841   12.287  9.281   1.00 119.37 ? 482 GLU A CG  1 
ATOM   397  C CD  . GLU A 1 51  ? 5.346   12.441  9.204   1.00 119.37 ? 482 GLU A CD  1 
ATOM   398  O OE1 . GLU A 1 51  ? 5.966   12.737  10.250  1.00 119.37 ? 482 GLU A OE1 1 
ATOM   399  O OE2 . GLU A 1 51  ? 5.909   12.271  8.101   1.00 119.37 ? 482 GLU A OE2 1 
ATOM   400  N N   . ALA A 1 52  ? 0.403   15.227  8.814   1.00 102.21 ? 483 ALA A N   1 
ATOM   401  C CA  . ALA A 1 52  ? -0.321  16.476  8.628   1.00 102.21 ? 483 ALA A CA  1 
ATOM   402  C C   . ALA A 1 52  ? -1.264  16.726  9.804   1.00 102.21 ? 483 ALA A C   1 
ATOM   403  O O   . ALA A 1 52  ? -1.265  17.809  10.386  1.00 102.21 ? 483 ALA A O   1 
ATOM   404  C CB  . ALA A 1 52  ? -1.087  16.457  7.319   1.00 102.21 ? 483 ALA A CB  1 
ATOM   405  N N   . PHE A 1 53  ? -2.060  15.720  10.151  1.00 90.72  ? 484 PHE A N   1 
ATOM   406  C CA  . PHE A 1 53  ? -2.956  15.806  11.299  1.00 90.72  ? 484 PHE A CA  1 
ATOM   407  C C   . PHE A 1 53  ? -2.172  16.057  12.581  1.00 90.72  ? 484 PHE A C   1 
ATOM   408  O O   . PHE A 1 53  ? -2.513  16.942  13.357  1.00 90.72  ? 484 PHE A O   1 
ATOM   409  C CB  . PHE A 1 53  ? -3.785  14.528  11.435  1.00 90.72  ? 484 PHE A CB  1 
ATOM   410  C CG  . PHE A 1 53  ? -4.836  14.366  10.374  1.00 90.72  ? 484 PHE A CG  1 
ATOM   411  C CD1 . PHE A 1 53  ? -6.145  14.062  10.716  1.00 90.72  ? 484 PHE A CD1 1 
ATOM   412  C CD2 . PHE A 1 53  ? -4.518  14.512  9.032   1.00 90.72  ? 484 PHE A CD2 1 
ATOM   413  C CE1 . PHE A 1 53  ? -7.119  13.903  9.740   1.00 90.72  ? 484 PHE A CE1 1 
ATOM   414  C CE2 . PHE A 1 53  ? -5.486  14.358  8.051   1.00 90.72  ? 484 PHE A CE2 1 
ATOM   415  C CZ  . PHE A 1 53  ? -6.789  14.053  8.407   1.00 90.72  ? 484 PHE A CZ  1 
ATOM   416  N N   . ASN A 1 54  ? -1.131  15.262  12.806  1.00 102.31 ? 485 ASN A N   1 
ATOM   417  C CA  . ASN A 1 54  ? -0.270  15.434  13.968  1.00 102.31 ? 485 ASN A CA  1 
ATOM   418  C C   . ASN A 1 54  ? 0.211   16.872  14.073  1.00 102.31 ? 485 ASN A C   1 
ATOM   419  O O   . ASN A 1 54  ? 0.251   17.450  15.157  1.00 102.31 ? 485 ASN A O   1 
ATOM   420  C CB  . ASN A 1 54  ? 0.936   14.494  13.893  1.00 102.31 ? 485 ASN A CB  1 
ATOM   421  C CG  . ASN A 1 54  ? 0.547   13.032  13.999  1.00 102.31 ? 485 ASN A CG  1 
ATOM   422  O OD1 . ASN A 1 54  ? -0.561  12.644  13.627  1.00 102.31 ? 485 ASN A OD1 1 
ATOM   423  N ND2 . ASN A 1 54  ? 1.459   12.213  14.513  1.00 102.31 ? 485 ASN A ND2 1 
ATOM   424  N N   . GLU A 1 55  ? 0.580   17.440  12.930  1.00 121.33 ? 486 GLU A N   1 
ATOM   425  C CA  . GLU A 1 55  ? 1.038   18.820  12.865  1.00 121.33 ? 486 GLU A CA  1 
ATOM   426  C C   . GLU A 1 55  ? -0.106  19.789  13.155  1.00 121.33 ? 486 GLU A C   1 
ATOM   427  O O   . GLU A 1 55  ? 0.026   20.685  13.988  1.00 121.33 ? 486 GLU A O   1 
ATOM   428  C CB  . GLU A 1 55  ? 1.651   19.105  11.491  1.00 121.33 ? 486 GLU A CB  1 
ATOM   429  C CG  . GLU A 1 55  ? 2.110   20.542  11.282  1.00 121.33 ? 486 GLU A CG  1 
ATOM   430  C CD  . GLU A 1 55  ? 3.243   20.948  12.212  1.00 121.33 ? 486 GLU A CD  1 
ATOM   431  O OE1 . GLU A 1 55  ? 3.446   20.278  13.250  1.00 121.33 ? 486 GLU A OE1 1 
ATOM   432  O OE2 . GLU A 1 55  ? 3.934   21.943  11.902  1.00 121.33 ? 486 GLU A OE2 1 
ATOM   433  N N   . THR A 1 56  ? -1.227  19.596  12.467  1.00 89.16  ? 487 THR A N   1 
ATOM   434  C CA  . THR A 1 56  ? -2.426  20.399  12.691  1.00 89.16  ? 487 THR A CA  1 
ATOM   435  C C   . THR A 1 56  ? -2.809  20.430  14.166  1.00 89.16  ? 487 THR A C   1 
ATOM   436  O O   . THR A 1 56  ? -2.897  21.495  14.769  1.00 89.16  ? 487 THR A O   1 
ATOM   437  C CB  . THR A 1 56  ? -3.620  19.865  11.878  1.00 89.16  ? 487 THR A CB  1 
ATOM   438  O OG1 . THR A 1 56  ? -3.393  20.096  10.480  1.00 89.16  ? 487 THR A OG1 1 
ATOM   439  C CG2 . THR A 1 56  ? -4.903  20.557  12.300  1.00 89.16  ? 487 THR A CG2 1 
ATOM   440  N N   . ILE A 1 57  ? -3.037  19.254  14.740  1.00 79.09  ? 488 ILE A N   1 
ATOM   441  C CA  . ILE A 1 57  ? -3.377  19.143  16.153  1.00 79.09  ? 488 ILE A CA  1 
ATOM   442  C C   . ILE A 1 57  ? -2.367  19.854  17.051  1.00 79.09  ? 488 ILE A C   1 
ATOM   443  O O   . ILE A 1 57  ? -2.752  20.613  17.936  1.00 79.09  ? 488 ILE A O   1 
ATOM   444  C CB  . ILE A 1 57  ? -3.492  17.671  16.589  1.00 79.09  ? 488 ILE A CB  1 
ATOM   445  C CG1 . ILE A 1 57  ? -4.663  16.997  15.869  1.00 79.09  ? 488 ILE A CG1 1 
ATOM   446  C CG2 . ILE A 1 57  ? -3.655  17.574  18.094  1.00 79.09  ? 488 ILE A CG2 1 
ATOM   447  C CD1 . ILE A 1 57  ? -4.833  15.536  16.209  1.00 79.09  ? 488 ILE A CD1 1 
ATOM   448  N N   . LYS A 1 58  ? -1.078  19.607  16.831  1.00 112.24 ? 489 LYS A N   1 
ATOM   449  C CA  . LYS A 1 58  ? -0.044  20.240  17.644  1.00 112.24 ? 489 LYS A CA  1 
ATOM   450  C C   . LYS A 1 58  ? -0.170  21.762  17.583  1.00 112.24 ? 489 LYS A C   1 
ATOM   451  O O   . LYS A 1 58  ? 0.115   22.461  18.554  1.00 112.24 ? 489 LYS A O   1 
ATOM   452  C CB  . LYS A 1 58  ? 1.353   19.810  17.191  1.00 112.24 ? 489 LYS A CB  1 
ATOM   453  C CG  . LYS A 1 58  ? 2.469   20.431  18.021  1.00 112.24 ? 489 LYS A CG  1 
ATOM   454  C CD  . LYS A 1 58  ? 3.839   19.878  17.648  1.00 112.24 ? 489 LYS A CD  1 
ATOM   455  C CE  . LYS A 1 58  ? 4.919   20.411  18.588  1.00 112.24 ? 489 LYS A CE  1 
ATOM   456  N NZ  . LYS A 1 58  ? 6.266   19.826  18.311  1.00 112.24 ? 489 LYS A NZ  1 
ATOM   457  N N   . ILE A 1 59  ? -0.607  22.268  16.434  1.00 82.18  ? 490 ILE A N   1 
ATOM   458  C CA  . ILE A 1 59  ? -0.829  23.696  16.252  1.00 82.18  ? 490 ILE A CA  1 
ATOM   459  C C   . ILE A 1 59  ? -1.937  24.179  17.179  1.00 82.18  ? 490 ILE A C   1 
ATOM   460  O O   . ILE A 1 59  ? -1.707  25.003  18.060  1.00 82.18  ? 490 ILE A O   1 
ATOM   461  C CB  . ILE A 1 59  ? -1.239  24.010  14.806  1.00 82.18  ? 490 ILE A CB  1 
ATOM   462  C CG1 . ILE A 1 59  ? -0.026  23.934  13.877  1.00 82.18  ? 490 ILE A CG1 1 
ATOM   463  C CG2 . ILE A 1 59  ? -1.891  25.375  14.723  1.00 82.18  ? 490 ILE A CG2 1 
ATOM   464  C CD1 . ILE A 1 59  ? -0.360  24.185  12.415  1.00 82.18  ? 490 ILE A CD1 1 
ATOM   465  N N   . PHE A 1 60  ? -3.144  23.667  16.957  1.00 88.33  ? 491 PHE A N   1 
ATOM   466  C CA  . PHE A 1 60  ? -4.315  24.047  17.734  1.00 88.33  ? 491 PHE A CA  1 
ATOM   467  C C   . PHE A 1 60  ? -4.052  24.007  19.235  1.00 88.33  ? 491 PHE A C   1 
ATOM   468  O O   . PHE A 1 60  ? -4.492  24.891  19.967  1.00 88.33  ? 491 PHE A O   1 
ATOM   469  C CB  . PHE A 1 60  ? -5.501  23.159  17.365  1.00 88.33  ? 491 PHE A CB  1 
ATOM   470  C CG  . PHE A 1 60  ? -6.101  23.483  16.026  1.00 88.33  ? 491 PHE A CG  1 
ATOM   471  C CD1 . PHE A 1 60  ? -6.988  22.613  15.419  1.00 88.33  ? 491 PHE A CD1 1 
ATOM   472  C CD2 . PHE A 1 60  ? -5.782  24.665  15.379  1.00 88.33  ? 491 PHE A CD2 1 
ATOM   473  C CE1 . PHE A 1 60  ? -7.549  22.915  14.183  1.00 88.33  ? 491 PHE A CE1 1 
ATOM   474  C CE2 . PHE A 1 60  ? -6.334  24.976  14.148  1.00 88.33  ? 491 PHE A CE2 1 
ATOM   475  C CZ  . PHE A 1 60  ? -7.220  24.100  13.546  1.00 88.33  ? 491 PHE A CZ  1 
ATOM   476  N N   . GLU A 1 61  ? -3.333  22.987  19.690  1.00 101.56 ? 492 GLU A N   1 
ATOM   477  C CA  . GLU A 1 61  ? -2.990  22.874  21.103  1.00 101.56 ? 492 GLU A CA  1 
ATOM   478  C C   . GLU A 1 61  ? -2.157  24.061  21.583  1.00 101.56 ? 492 GLU A C   1 
ATOM   479  O O   . GLU A 1 61  ? -2.324  24.530  22.706  1.00 101.56 ? 492 GLU A O   1 
ATOM   480  C CB  . GLU A 1 61  ? -2.271  21.553  21.382  1.00 101.56 ? 492 GLU A CB  1 
ATOM   481  C CG  . GLU A 1 61  ? -3.162  20.328  21.226  1.00 101.56 ? 492 GLU A CG  1 
ATOM   482  C CD  . GLU A 1 61  ? -2.474  19.033  21.634  1.00 101.56 ? 492 GLU A CD  1 
ATOM   483  O OE1 . GLU A 1 61  ? -1.224  18.985  21.621  1.00 101.56 ? 492 GLU A OE1 1 
ATOM   484  O OE2 . GLU A 1 61  ? -3.188  18.061  21.967  1.00 101.56 ? 492 GLU A OE2 1 
ATOM   485  N N   . GLU A 1 62  ? -1.264  24.546  20.728  1.00 139.85 ? 493 GLU A N   1 
ATOM   486  C CA  . GLU A 1 62  ? -0.469  25.727  21.047  1.00 139.85 ? 493 GLU A CA  1 
ATOM   487  C C   . GLU A 1 62  ? -1.359  26.961  21.134  1.00 139.85 ? 493 GLU A C   1 
ATOM   488  O O   . GLU A 1 62  ? -1.197  27.793  22.026  1.00 139.85 ? 493 GLU A O   1 
ATOM   489  C CB  . GLU A 1 62  ? 0.634   25.941  20.009  1.00 139.85 ? 493 GLU A CB  1 
ATOM   490  C CG  . GLU A 1 62  ? 1.683   24.837  19.974  1.00 139.85 ? 493 GLU A CG  1 
ATOM   491  C CD  . GLU A 1 62  ? 2.838   25.156  19.038  1.00 139.85 ? 493 GLU A CD  1 
ATOM   492  O OE1 . GLU A 1 62  ? 2.821   26.247  18.426  1.00 139.85 ? 493 GLU A OE1 1 
ATOM   493  O OE2 . GLU A 1 62  ? 3.761   24.321  18.914  1.00 139.85 ? 493 GLU A OE2 1 
ATOM   494  N N   . GLN A 1 63  ? -2.298  27.073  20.199  1.00 93.75  ? 494 GLN A N   1 
ATOM   495  C CA  . GLN A 1 63  ? -3.278  28.150  20.221  1.00 93.75  ? 494 GLN A CA  1 
ATOM   496  C C   . GLN A 1 63  ? -4.070  28.085  21.518  1.00 93.75  ? 494 GLN A C   1 
ATOM   497  O O   . GLN A 1 63  ? -4.255  29.093  22.196  1.00 93.75  ? 494 GLN A O   1 
ATOM   498  C CB  . GLN A 1 63  ? -4.236  28.046  19.032  1.00 93.75  ? 494 GLN A CB  1 
ATOM   499  C CG  . GLN A 1 63  ? -3.590  28.247  17.673  1.00 93.75  ? 494 GLN A CG  1 
ATOM   500  C CD  . GLN A 1 63  ? -4.600  28.198  16.534  1.00 93.75  ? 494 GLN A CD  1 
ATOM   501  O OE1 . GLN A 1 63  ? -5.779  27.901  16.743  1.00 93.75  ? 494 GLN A OE1 1 
ATOM   502  N NE2 . GLN A 1 63  ? -4.141  28.492  15.322  1.00 93.75  ? 494 GLN A NE2 1 
ATOM   503  N N   . GLY A 1 64  ? -4.538  26.889  21.856  1.00 96.86  ? 495 GLY A N   1 
ATOM   504  C CA  . GLY A 1 64  ? -5.285  26.685  23.081  1.00 96.86  ? 495 GLY A CA  1 
ATOM   505  C C   . GLY A 1 64  ? -4.507  27.126  24.307  1.00 96.86  ? 495 GLY A C   1 
ATOM   506  O O   . GLY A 1 64  ? -5.052  27.762  25.206  1.00 96.86  ? 495 GLY A O   1 
ATOM   507  N N   . GLN A 1 65  ? -3.223  26.791  24.333  1.00 115.11 ? 496 GLN A N   1 
ATOM   508  C CA  . GLN A 1 65  ? -2.362  27.104  25.466  1.00 115.11 ? 496 GLN A CA  1 
ATOM   509  C C   . GLN A 1 65  ? -2.241  28.608  25.686  1.00 115.11 ? 496 GLN A C   1 
ATOM   510  O O   . GLN A 1 65  ? -2.339  29.088  26.813  1.00 115.11 ? 496 GLN A O   1 
ATOM   511  C CB  . GLN A 1 65  ? -0.977  26.496  25.250  1.00 115.11 ? 496 GLN A CB  1 
ATOM   512  C CG  . GLN A 1 65  ? -0.285  26.051  26.526  1.00 115.11 ? 496 GLN A CG  1 
ATOM   513  C CD  . GLN A 1 65  ? -0.948  24.838  27.155  1.00 115.11 ? 496 GLN A CD  1 
ATOM   514  O OE1 . GLN A 1 65  ? -1.774  24.175  26.528  1.00 115.11 ? 496 GLN A OE1 1 
ATOM   515  N NE2 . GLN A 1 65  ? -0.586  24.543  28.401  1.00 115.11 ? 496 GLN A NE2 1 
ATOM   516  N N   . THR A 1 66  ? -2.029  29.346  24.602  1.00 98.33  ? 497 THR A N   1 
ATOM   517  C CA  . THR A 1 66  ? -1.811  30.786  24.690  1.00 98.33  ? 497 THR A CA  1 
ATOM   518  C C   . THR A 1 66  ? -3.094  31.556  25.005  1.00 98.33  ? 497 THR A C   1 
ATOM   519  O O   . THR A 1 66  ? -3.066  32.517  25.776  1.00 98.33  ? 497 THR A O   1 
ATOM   520  C CB  . THR A 1 66  ? -1.170  31.349  23.403  1.00 98.33  ? 497 THR A CB  1 
ATOM   521  O OG1 . THR A 1 66  ? -2.140  31.363  22.349  1.00 98.33  ? 497 THR A OG1 1 
ATOM   522  C CG2 . THR A 1 66  ? 0.025   30.501  22.981  1.00 98.33  ? 497 THR A CG2 1 
ATOM   523  N N   . GLN A 1 67  ? -4.213  31.139  24.410  1.00 117.73 ? 498 GLN A N   1 
ATOM   524  C CA  . GLN A 1 67  ? -5.496  31.770  24.701  1.00 117.73 ? 498 GLN A CA  1 
ATOM   525  C C   . GLN A 1 67  ? -5.859  31.495  26.155  1.00 117.73 ? 498 GLN A C   1 
ATOM   526  O O   . GLN A 1 67  ? -6.406  32.354  26.844  1.00 117.73 ? 498 GLN A O   1 
ATOM   527  C CB  . GLN A 1 67  ? -6.597  31.256  23.765  1.00 117.73 ? 498 GLN A CB  1 
ATOM   528  C CG  . GLN A 1 67  ? -7.427  30.104  24.337  1.00 117.73 ? 498 GLN A CG  1 
ATOM   529  C CD  . GLN A 1 67  ? -8.649  29.756  23.489  1.00 117.73 ? 498 GLN A CD  1 
ATOM   530  O OE1 . GLN A 1 67  ? -8.889  30.362  22.444  1.00 117.73 ? 498 GLN A OE1 1 
ATOM   531  N NE2 . GLN A 1 67  ? -9.424  28.773  23.943  1.00 117.73 ? 498 GLN A NE2 1 
ATOM   532  N N   . GLU A 1 68  ? -5.532  30.293  26.619  1.00 108.80 ? 499 GLU A N   1 
ATOM   533  C CA  . GLU A 1 68  ? -5.759  29.904  28.004  1.00 108.80 ? 499 GLU A CA  1 
ATOM   534  C C   . GLU A 1 68  ? -4.922  30.747  28.955  1.00 108.80 ? 499 GLU A C   1 
ATOM   535  O O   . GLU A 1 68  ? -5.302  30.977  30.099  1.00 108.80 ? 499 GLU A O   1 
ATOM   536  C CB  . GLU A 1 68  ? -5.424  28.428  28.209  1.00 108.80 ? 499 GLU A CB  1 
ATOM   537  C CG  . GLU A 1 68  ? -5.221  28.048  29.667  1.00 108.80 ? 499 GLU A CG  1 
ATOM   538  C CD  . GLU A 1 68  ? -4.892  26.581  29.851  1.00 108.80 ? 499 GLU A CD  1 
ATOM   539  O OE1 . GLU A 1 68  ? -5.129  25.796  28.907  1.00 108.80 ? 499 GLU A OE1 1 
ATOM   540  O OE2 . GLU A 1 68  ? -4.395  26.211  30.938  1.00 108.80 ? 499 GLU A OE2 1 
ATOM   541  N N   . LYS A 1 69  ? -3.769  31.199  28.480  1.00 101.84 ? 500 LYS A N   1 
ATOM   542  C CA  . LYS A 1 69  ? -2.901  32.024  29.301  1.00 101.84 ? 500 LYS A CA  1 
ATOM   543  C C   . LYS A 1 69  ? -3.531  33.391  29.536  1.00 101.84 ? 500 LYS A C   1 
ATOM   544  O O   . LYS A 1 69  ? -3.587  33.872  30.667  1.00 101.84 ? 500 LYS A O   1 
ATOM   545  C CB  . LYS A 1 69  ? -1.521  32.188  28.666  1.00 101.84 ? 500 LYS A CB  1 
ATOM   546  C CG  . LYS A 1 69  ? -0.702  33.279  29.332  1.00 101.84 ? 500 LYS A CG  1 
ATOM   547  C CD  . LYS A 1 69  ? 0.786   33.093  29.105  1.00 101.84 ? 500 LYS A CD  1 
ATOM   548  C CE  . LYS A 1 69  ? 1.599   34.005  30.012  1.00 101.84 ? 500 LYS A CE  1 
ATOM   549  N NZ  . LYS A 1 69  ? 3.059   33.711  29.961  1.00 101.84 ? 500 LYS A NZ  1 
ATOM   550  N N   . CYS A 1 70  ? -4.004  34.021  28.468  1.00 133.38 ? 501 CYS A N   1 
ATOM   551  C CA  . CYS A 1 70  ? -4.594  35.344  28.596  1.00 133.38 ? 501 CYS A CA  1 
ATOM   552  C C   . CYS A 1 70  ? -5.930  35.278  29.326  1.00 133.38 ? 501 CYS A C   1 
ATOM   553  O O   . CYS A 1 70  ? -6.232  36.134  30.155  1.00 133.38 ? 501 CYS A O   1 
ATOM   554  C CB  . CYS A 1 70  ? -4.757  35.997  27.225  1.00 133.38 ? 501 CYS A CB  1 
ATOM   555  S SG  . CYS A 1 70  ? -4.929  37.776  27.315  1.00 133.38 ? 501 CYS A SG  1 
ATOM   556  N N   . SER A 1 71  ? -6.718  34.252  29.025  1.00 127.88 ? 502 SER A N   1 
ATOM   557  C CA  . SER A 1 71  ? -8.023  34.082  29.653  1.00 127.88 ? 502 SER A CA  1 
ATOM   558  C C   . SER A 1 71  ? -7.919  33.945  31.169  1.00 127.88 ? 502 SER A C   1 
ATOM   559  O O   . SER A 1 71  ? -8.820  34.361  31.893  1.00 127.88 ? 502 SER A O   1 
ATOM   560  C CB  . SER A 1 71  ? -8.742  32.864  29.072  1.00 127.88 ? 502 SER A CB  1 
ATOM   561  O OG  . SER A 1 71  ? -8.178  31.666  29.577  1.00 127.88 ? 502 SER A OG  1 
ATOM   562  N N   . LYS A 1 72  ? -6.823  33.360  31.642  1.00 108.20 ? 503 LYS A N   1 
ATOM   563  C CA  . LYS A 1 72  ? -6.678  33.028  33.057  1.00 108.20 ? 503 LYS A CA  1 
ATOM   564  C C   . LYS A 1 72  ? -6.859  34.217  34.001  1.00 108.20 ? 503 LYS A C   1 
ATOM   565  O O   . LYS A 1 72  ? -7.574  34.120  35.000  1.00 108.20 ? 503 LYS A O   1 
ATOM   566  C CB  . LYS A 1 72  ? -5.334  32.354  33.327  1.00 108.20 ? 503 LYS A CB  1 
ATOM   567  C CG  . LYS A 1 72  ? -5.200  31.830  34.752  1.00 108.20 ? 503 LYS A CG  1 
ATOM   568  C CD  . LYS A 1 72  ? -3.771  31.421  35.068  1.00 108.20 ? 503 LYS A CD  1 
ATOM   569  C CE  . LYS A 1 72  ? -3.636  30.970  36.517  1.00 108.20 ? 503 LYS A CE  1 
ATOM   570  N NZ  . LYS A 1 72  ? -4.112  31.999  37.482  1.00 108.20 ? 503 LYS A NZ  1 
ATOM   571  N N   . GLU A 1 73  ? -6.204  35.332  33.690  1.00 124.20 ? 504 GLU A N   1 
ATOM   572  C CA  . GLU A 1 73  ? -6.342  36.533  34.508  1.00 124.20 ? 504 GLU A CA  1 
ATOM   573  C C   . GLU A 1 73  ? -7.792  36.999  34.523  1.00 124.20 ? 504 GLU A C   1 
ATOM   574  O O   . GLU A 1 73  ? -8.436  37.021  35.572  1.00 124.20 ? 504 GLU A O   1 
ATOM   575  C CB  . GLU A 1 73  ? -5.441  37.656  33.993  1.00 124.20 ? 504 GLU A CB  1 
ATOM   576  C CG  . GLU A 1 73  ? -5.518  38.928  34.834  1.00 124.20 ? 504 GLU A CG  1 
ATOM   577  C CD  . GLU A 1 73  ? -5.829  40.171  34.014  1.00 124.20 ? 504 GLU A CD  1 
ATOM   578  O OE1 . GLU A 1 73  ? -6.752  40.930  34.398  1.00 124.20 ? 504 GLU A OE1 1 
ATOM   579  O OE2 . GLU A 1 73  ? -5.146  40.390  32.990  1.00 124.20 ? 504 GLU A OE2 1 
ATOM   580  N N   . TYR A 1 74  ? -8.293  37.372  33.350  1.00 101.85 ? 505 TYR A N   1 
ATOM   581  C CA  . TYR A 1 74  ? -9.678  37.791  33.196  1.00 101.85 ? 505 TYR A CA  1 
ATOM   582  C C   . TYR A 1 74  ? -10.625 36.811  33.870  1.00 101.85 ? 505 TYR A C   1 
ATOM   583  O O   . TYR A 1 74  ? -11.356 37.173  34.785  1.00 101.85 ? 505 TYR A O   1 
ATOM   584  C CB  . TYR A 1 74  ? -10.040 37.897  31.716  1.00 101.85 ? 505 TYR A CB  1 
ATOM   585  C CG  . TYR A 1 74  ? -9.427  39.078  31.013  1.00 101.85 ? 505 TYR A CG  1 
ATOM   586  C CD1 . TYR A 1 74  ? -8.421  38.912  30.080  1.00 101.85 ? 505 TYR A CD1 1 
ATOM   587  C CD2 . TYR A 1 74  ? -9.866  40.365  31.273  1.00 101.85 ? 505 TYR A CD2 1 
ATOM   588  C CE1 . TYR A 1 74  ? -7.868  39.997  29.428  1.00 101.85 ? 505 TYR A CE1 1 
ATOM   589  C CE2 . TYR A 1 74  ? -9.318  41.455  30.626  1.00 101.85 ? 505 TYR A CE2 1 
ATOM   590  C CZ  . TYR A 1 74  ? -8.321  41.265  29.706  1.00 101.85 ? 505 TYR A CZ  1 
ATOM   591  O OH  . TYR A 1 74  ? -7.777  42.350  29.065  1.00 101.85 ? 505 TYR A OH  1 
ATOM   592  N N   . LEU A 1 75  ? -10.622 35.573  33.389  1.00 87.90  ? 506 LEU A N   1 
ATOM   593  C CA  . LEU A 1 75  ? -11.508 34.532  33.898  1.00 87.90  ? 506 LEU A CA  1 
ATOM   594  C C   . LEU A 1 75  ? -11.511 34.446  35.421  1.00 87.90  ? 506 LEU A C   1 
ATOM   595  O O   . LEU A 1 75  ? -12.569 34.494  36.049  1.00 87.90  ? 506 LEU A O   1 
ATOM   596  C CB  . LEU A 1 75  ? -11.122 33.178  33.304  1.00 87.90  ? 506 LEU A CB  1 
ATOM   597  C CG  . LEU A 1 75  ? -11.961 31.983  33.746  1.00 87.90  ? 506 LEU A CG  1 
ATOM   598  C CD1 . LEU A 1 75  ? -13.428 32.273  33.504  1.00 87.90  ? 506 LEU A CD1 1 
ATOM   599  C CD2 . LEU A 1 75  ? -11.532 30.732  33.000  1.00 87.90  ? 506 LEU A CD2 1 
ATOM   600  N N   . GLU A 1 76  ? -10.329 34.317  36.013  1.00 127.35 ? 507 GLU A N   1 
ATOM   601  C CA  . GLU A 1 76  ? -10.229 34.181  37.458  1.00 127.35 ? 507 GLU A CA  1 
ATOM   602  C C   . GLU A 1 76  ? -10.910 35.356  38.137  1.00 127.35 ? 507 GLU A C   1 
ATOM   603  O O   . GLU A 1 76  ? -11.463 35.228  39.223  1.00 127.35 ? 507 GLU A O   1 
ATOM   604  C CB  . GLU A 1 76  ? -8.768  34.107  37.890  1.00 127.35 ? 507 GLU A CB  1 
ATOM   605  C CG  . GLU A 1 76  ? -8.578  33.616  39.316  1.00 127.35 ? 507 GLU A CG  1 
ATOM   606  C CD  . GLU A 1 76  ? -7.141  33.723  39.784  1.00 127.35 ? 507 GLU A CD  1 
ATOM   607  O OE1 . GLU A 1 76  ? -6.745  34.823  40.226  1.00 127.35 ? 507 GLU A OE1 1 
ATOM   608  O OE2 . GLU A 1 76  ? -6.411  32.710  39.709  1.00 127.35 ? 507 GLU A OE2 1 
ATOM   609  N N   . ARG A 1 77  ? -10.875 36.503  37.478  1.00 103.34 ? 508 ARG A N   1 
ATOM   610  C CA  . ARG A 1 77  ? -11.424 37.720  38.045  1.00 103.34 ? 508 ARG A CA  1 
ATOM   611  C C   . ARG A 1 77  ? -12.922 37.858  37.786  1.00 103.34 ? 508 ARG A C   1 
ATOM   612  O O   . ARG A 1 77  ? -13.686 38.140  38.705  1.00 103.34 ? 508 ARG A O   1 
ATOM   613  C CB  . ARG A 1 77  ? -10.680 38.922  37.489  1.00 103.34 ? 508 ARG A CB  1 
ATOM   614  C CG  . ARG A 1 77  ? -10.811 40.149  38.342  1.00 103.34 ? 508 ARG A CG  1 
ATOM   615  C CD  . ARG A 1 77  ? -10.336 41.346  37.554  1.00 103.34 ? 508 ARG A CD  1 
ATOM   616  N NE  . ARG A 1 77  ? -11.013 41.402  36.264  1.00 103.34 ? 508 ARG A NE  1 
ATOM   617  C CZ  . ARG A 1 77  ? -10.722 42.279  35.313  1.00 103.34 ? 508 ARG A CZ  1 
ATOM   618  N NH1 . ARG A 1 77  ? -9.764  43.171  35.511  1.00 103.34 ? 508 ARG A NH1 1 
ATOM   619  N NH2 . ARG A 1 77  ? -11.384 42.262  34.167  1.00 103.34 ? 508 ARG A NH2 1 
ATOM   620  N N   . PHE A 1 78  ? -13.334 37.676  36.535  1.00 84.21  ? 509 PHE A N   1 
ATOM   621  C CA  . PHE A 1 78  ? -14.751 37.685  36.181  1.00 84.21  ? 509 PHE A CA  1 
ATOM   622  C C   . PHE A 1 78  ? -15.521 36.705  37.051  1.00 84.21  ? 509 PHE A C   1 
ATOM   623  O O   . PHE A 1 78  ? -16.711 36.879  37.292  1.00 84.21  ? 509 PHE A O   1 
ATOM   624  C CB  . PHE A 1 78  ? -14.947 37.295  34.716  1.00 84.21  ? 509 PHE A CB  1 
ATOM   625  C CG  . PHE A 1 78  ? -14.423 38.307  33.736  1.00 84.21  ? 509 PHE A CG  1 
ATOM   626  C CD1 . PHE A 1 78  ? -14.319 39.647  34.079  1.00 84.21  ? 509 PHE A CD1 1 
ATOM   627  C CD2 . PHE A 1 78  ? -14.045 37.916  32.461  1.00 84.21  ? 509 PHE A CD2 1 
ATOM   628  C CE1 . PHE A 1 78  ? -13.842 40.576  33.167  1.00 84.21  ? 509 PHE A CE1 1 
ATOM   629  C CE2 . PHE A 1 78  ? -13.565 38.838  31.549  1.00 84.21  ? 509 PHE A CE2 1 
ATOM   630  C CZ  . PHE A 1 78  ? -13.465 40.168  31.902  1.00 84.21  ? 509 PHE A CZ  1 
ATOM   631  N N   . ARG A 1 79  ? -14.835 35.661  37.502  1.00 121.04 ? 510 ARG A N   1 
ATOM   632  C CA  . ARG A 1 79  ? -15.447 34.642  38.343  1.00 121.04 ? 510 ARG A CA  1 
ATOM   633  C C   . ARG A 1 79  ? -15.932 35.234  39.657  1.00 121.04 ? 510 ARG A C   1 
ATOM   634  O O   . ARG A 1 79  ? -17.020 34.913  40.129  1.00 121.04 ? 510 ARG A O   1 
ATOM   635  C CB  . ARG A 1 79  ? -14.447 33.517  38.611  1.00 121.04 ? 510 ARG A CB  1 
ATOM   636  C CG  . ARG A 1 79  ? -14.876 32.526  39.673  1.00 121.04 ? 510 ARG A CG  1 
ATOM   637  C CD  . ARG A 1 79  ? -13.961 31.309  39.663  1.00 121.04 ? 510 ARG A CD  1 
ATOM   638  N NE  . ARG A 1 79  ? -14.040 30.592  38.390  1.00 121.04 ? 510 ARG A NE  1 
ATOM   639  C CZ  . ARG A 1 79  ? -13.034 29.917  37.840  1.00 121.04 ? 510 ARG A CZ  1 
ATOM   640  N NH1 . ARG A 1 79  ? -11.852 29.868  38.440  1.00 121.04 ? 510 ARG A NH1 1 
ATOM   641  N NH2 . ARG A 1 79  ? -13.207 29.293  36.682  1.00 121.04 ? 510 ARG A NH2 1 
ATOM   642  N N   . ARG A 1 80  ? -15.120 36.108  40.237  1.00 98.75  ? 511 ARG A N   1 
ATOM   643  C CA  . ARG A 1 80  ? -15.424 36.696  41.533  1.00 98.75  ? 511 ARG A CA  1 
ATOM   644  C C   . ARG A 1 80  ? -16.090 38.064  41.411  1.00 98.75  ? 511 ARG A C   1 
ATOM   645  O O   . ARG A 1 80  ? -16.407 38.691  42.418  1.00 98.75  ? 511 ARG A O   1 
ATOM   646  C CB  . ARG A 1 80  ? -14.148 36.813  42.373  1.00 98.75  ? 511 ARG A CB  1 
ATOM   647  C CG  . ARG A 1 80  ? -13.070 37.665  41.721  1.00 98.75  ? 511 ARG A CG  1 
ATOM   648  C CD  . ARG A 1 80  ? -11.920 37.941  42.674  1.00 98.75  ? 511 ARG A CD  1 
ATOM   649  N NE  . ARG A 1 80  ? -10.772 38.536  41.993  1.00 98.75  ? 511 ARG A NE  1 
ATOM   650  C CZ  . ARG A 1 80  ? -9.767  37.837  41.474  1.00 98.75  ? 511 ARG A CZ  1 
ATOM   651  N NH1 . ARG A 1 80  ? -9.763  36.512  41.564  1.00 98.75  ? 511 ARG A NH1 1 
ATOM   652  N NH2 . ARG A 1 80  ? -8.763  38.458  40.865  1.00 98.75  ? 511 ARG A NH2 1 
ATOM   653  N N   . GLU A 1 81  ? -16.303 38.528  40.185  1.00 126.81 ? 512 GLU A N   1 
ATOM   654  C CA  . GLU A 1 81  ? -16.820 39.881  39.980  1.00 126.81 ? 512 GLU A CA  1 
ATOM   655  C C   . GLU A 1 81  ? -18.316 40.086  40.265  1.00 126.81 ? 512 GLU A C   1 
ATOM   656  O O   . GLU A 1 81  ? -18.686 41.113  40.831  1.00 126.81 ? 512 GLU A O   1 
ATOM   657  C CB  . GLU A 1 81  ? -16.445 40.431  38.600  1.00 126.81 ? 512 GLU A CB  1 
ATOM   658  C CG  . GLU A 1 81  ? -15.024 40.959  38.540  1.00 126.81 ? 512 GLU A CG  1 
ATOM   659  C CD  . GLU A 1 81  ? -14.827 42.004  37.460  1.00 126.81 ? 512 GLU A CD  1 
ATOM   660  O OE1 . GLU A 1 81  ? -15.679 42.092  36.548  1.00 126.81 ? 512 GLU A OE1 1 
ATOM   661  O OE2 . GLU A 1 81  ? -13.818 42.741  37.528  1.00 126.81 ? 512 GLU A OE2 1 
ATOM   662  N N   . GLY A 1 82  ? -19.182 39.159  39.856  1.00 75.87  ? 513 GLY A N   1 
ATOM   663  C CA  . GLY A 1 82  ? -18.823 37.998  39.068  1.00 75.87  ? 513 GLY A CA  1 
ATOM   664  C C   . GLY A 1 82  ? -19.665 37.976  37.804  1.00 75.87  ? 513 GLY A C   1 
ATOM   665  O O   . GLY A 1 82  ? -20.865 37.683  37.839  1.00 75.87  ? 513 GLY A O   1 
ATOM   666  N N   . ASN A 1 83  ? -19.022 38.290  36.684  1.00 93.22  ? 514 ASN A N   1 
ATOM   667  C CA  . ASN A 1 83  ? -19.693 38.407  35.396  1.00 93.22  ? 514 ASN A CA  1 
ATOM   668  C C   . ASN A 1 83  ? -19.935 37.048  34.751  1.00 93.22  ? 514 ASN A C   1 
ATOM   669  O O   . ASN A 1 83  ? -18.998 36.395  34.295  1.00 93.22  ? 514 ASN A O   1 
ATOM   670  C CB  . ASN A 1 83  ? -18.858 39.285  34.463  1.00 93.22  ? 514 ASN A CB  1 
ATOM   671  C CG  . ASN A 1 83  ? -19.599 39.670  33.201  1.00 93.22  ? 514 ASN A CG  1 
ATOM   672  O OD1 . ASN A 1 83  ? -20.433 38.916  32.698  1.00 93.22  ? 514 ASN A OD1 1 
ATOM   673  N ND2 . ASN A 1 83  ? -19.291 40.847  32.672  1.00 93.22  ? 514 ASN A ND2 1 
ATOM   674  N N   . GLU A 1 84  ? -21.195 36.630  34.706  1.00 119.62 ? 515 GLU A N   1 
ATOM   675  C CA  . GLU A 1 84  ? -21.551 35.337  34.136  1.00 119.62 ? 515 GLU A CA  1 
ATOM   676  C C   . GLU A 1 84  ? -21.303 35.299  32.632  1.00 119.62 ? 515 GLU A C   1 
ATOM   677  O O   . GLU A 1 84  ? -20.562 34.453  32.137  1.00 119.62 ? 515 GLU A O   1 
ATOM   678  C CB  . GLU A 1 84  ? -23.018 35.012  34.437  1.00 119.62 ? 515 GLU A CB  1 
ATOM   679  C CG  . GLU A 1 84  ? -23.414 33.565  34.192  1.00 119.62 ? 515 GLU A CG  1 
ATOM   680  C CD  . GLU A 1 84  ? -22.721 32.598  35.138  1.00 119.62 ? 515 GLU A CD  1 
ATOM   681  O OE1 . GLU A 1 84  ? -22.197 33.053  36.179  1.00 119.62 ? 515 GLU A OE1 1 
ATOM   682  O OE2 . GLU A 1 84  ? -22.697 31.384  34.836  1.00 119.62 ? 515 GLU A OE2 1 
ATOM   683  N N   . LYS A 1 85  ? -21.927 36.226  31.915  1.00 106.59 ? 516 LYS A N   1 
ATOM   684  C CA  . LYS A 1 85  ? -21.889 36.236  30.456  1.00 106.59 ? 516 LYS A CA  1 
ATOM   685  C C   . LYS A 1 85  ? -20.476 36.381  29.904  1.00 106.59 ? 516 LYS A C   1 
ATOM   686  O O   . LYS A 1 85  ? -20.128 35.752  28.903  1.00 106.59 ? 516 LYS A O   1 
ATOM   687  C CB  . LYS A 1 85  ? -22.795 37.339  29.896  1.00 106.59 ? 516 LYS A CB  1 
ATOM   688  C CG  . LYS A 1 85  ? -24.286 37.111  30.165  1.00 106.59 ? 516 LYS A CG  1 
ATOM   689  C CD  . LYS A 1 85  ? -25.168 37.952  29.246  1.00 106.59 ? 516 LYS A CD  1 
ATOM   690  C CE  . LYS A 1 85  ? -26.638 37.567  29.387  1.00 106.59 ? 516 LYS A CE  1 
ATOM   691  N NZ  . LYS A 1 85  ? -27.499 38.188  28.338  1.00 106.59 ? 516 LYS A NZ  1 
ATOM   692  N N   . GLU A 1 86  ? -19.668 37.204  30.564  1.00 119.25 ? 517 GLU A N   1 
ATOM   693  C CA  . GLU A 1 86  ? -18.311 37.484  30.113  1.00 119.25 ? 517 GLU A CA  1 
ATOM   694  C C   . GLU A 1 86  ? -17.431 36.248  30.181  1.00 119.25 ? 517 GLU A C   1 
ATOM   695  O O   . GLU A 1 86  ? -16.802 35.873  29.195  1.00 119.25 ? 517 GLU A O   1 
ATOM   696  C CB  . GLU A 1 86  ? -17.692 38.609  30.945  1.00 119.25 ? 517 GLU A CB  1 
ATOM   697  C CG  . GLU A 1 86  ? -16.438 39.195  30.349  1.00 119.25 ? 517 GLU A CG  1 
ATOM   698  C CD  . GLU A 1 86  ? -16.594 39.515  28.879  1.00 119.25 ? 517 GLU A CD  1 
ATOM   699  O OE1 . GLU A 1 86  ? -17.574 40.199  28.512  1.00 119.25 ? 517 GLU A OE1 1 
ATOM   700  O OE2 . GLU A 1 86  ? -15.737 39.072  28.087  1.00 119.25 ? 517 GLU A OE2 1 
ATOM   701  N N   . MET A 1 87  ? -17.393 35.623  31.352  1.00 96.32  ? 518 MET A N   1 
ATOM   702  C CA  . MET A 1 87  ? -16.579 34.433  31.561  1.00 96.32  ? 518 MET A CA  1 
ATOM   703  C C   . MET A 1 87  ? -17.201 33.218  30.881  1.00 96.32  ? 518 MET A C   1 
ATOM   704  O O   . MET A 1 87  ? -16.521 32.228  30.619  1.00 96.32  ? 518 MET A O   1 
ATOM   705  C CB  . MET A 1 87  ? -16.394 34.162  33.053  1.00 96.32  ? 518 MET A CB  1 
ATOM   706  C CG  . MET A 1 87  ? -17.602 33.540  33.723  1.00 96.32  ? 518 MET A CG  1 
ATOM   707  S SD  . MET A 1 87  ? -17.352 33.274  35.489  1.00 96.32  ? 518 MET A SD  1 
ATOM   708  C CE  . MET A 1 87  ? -18.864 32.395  35.902  1.00 96.32  ? 518 MET A CE  1 
ATOM   709  N N   . GLN A 1 88  ? -18.495 33.298  30.596  1.00 112.14 ? 519 GLN A N   1 
ATOM   710  C CA  . GLN A 1 88  ? -19.161 32.251  29.840  1.00 112.14 ? 519 GLN A CA  1 
ATOM   711  C C   . GLN A 1 88  ? -18.526 32.162  28.463  1.00 112.14 ? 519 GLN A C   1 
ATOM   712  O O   . GLN A 1 88  ? -18.119 31.093  28.014  1.00 112.14 ? 519 GLN A O   1 
ATOM   713  C CB  . GLN A 1 88  ? -20.648 32.558  29.700  1.00 112.14 ? 519 GLN A CB  1 
ATOM   714  C CG  . GLN A 1 88  ? -21.418 31.453  29.029  1.00 112.14 ? 519 GLN A CG  1 
ATOM   715  C CD  . GLN A 1 88  ? -21.187 30.112  29.700  1.00 112.14 ? 519 GLN A CD  1 
ATOM   716  O OE1 . GLN A 1 88  ? -20.884 30.046  30.892  1.00 112.14 ? 519 GLN A OE1 1 
ATOM   717  N NE2 . GLN A 1 88  ? -21.308 29.036  28.931  1.00 112.14 ? 519 GLN A NE2 1 
ATOM   718  N N   . ARG A 1 89  ? -18.462 33.311  27.801  1.00 101.00 ? 520 ARG A N   1 
ATOM   719  C CA  . ARG A 1 89  ? -17.792 33.456  26.518  1.00 101.00 ? 520 ARG A CA  1 
ATOM   720  C C   . ARG A 1 89  ? -16.449 32.737  26.502  1.00 101.00 ? 520 ARG A C   1 
ATOM   721  O O   . ARG A 1 89  ? -16.159 31.964  25.592  1.00 101.00 ? 520 ARG A O   1 
ATOM   722  C CB  . ARG A 1 89  ? -17.582 34.940  26.238  1.00 101.00 ? 520 ARG A CB  1 
ATOM   723  C CG  . ARG A 1 89  ? -16.836 35.256  24.965  1.00 101.00 ? 520 ARG A CG  1 
ATOM   724  C CD  . ARG A 1 89  ? -16.628 36.754  24.865  1.00 101.00 ? 520 ARG A CD  1 
ATOM   725  N NE  . ARG A 1 89  ? -17.857 37.475  25.187  1.00 101.00 ? 520 ARG A NE  1 
ATOM   726  C CZ  . ARG A 1 89  ? -18.770 37.831  24.289  1.00 101.00 ? 520 ARG A CZ  1 
ATOM   727  N NH1 . ARG A 1 89  ? -18.592 37.543  23.005  1.00 101.00 ? 520 ARG A NH1 1 
ATOM   728  N NH2 . ARG A 1 89  ? -19.859 38.481  24.673  1.00 101.00 ? 520 ARG A NH2 1 
ATOM   729  N N   . ILE A 1 90  ? -15.634 33.001  27.518  1.00 78.60  ? 521 ILE A N   1 
ATOM   730  C CA  . ILE A 1 90  ? -14.301 32.418  27.618  1.00 78.60  ? 521 ILE A CA  1 
ATOM   731  C C   . ILE A 1 90  ? -14.328 30.894  27.552  1.00 78.60  ? 521 ILE A C   1 
ATOM   732  O O   . ILE A 1 90  ? -13.540 30.282  26.832  1.00 78.60  ? 521 ILE A O   1 
ATOM   733  C CB  . ILE A 1 90  ? -13.589 32.853  28.920  1.00 78.60  ? 521 ILE A CB  1 
ATOM   734  C CG1 . ILE A 1 90  ? -13.353 34.367  28.922  1.00 78.60  ? 521 ILE A CG1 1 
ATOM   735  C CG2 . ILE A 1 90  ? -12.281 32.107  29.084  1.00 78.60  ? 521 ILE A CG2 1 
ATOM   736  C CD1 . ILE A 1 90  ? -12.630 34.884  30.148  1.00 78.60  ? 521 ILE A CD1 1 
ATOM   737  N N   . LEU A 1 91  ? -15.234 30.284  28.308  1.00 77.23  ? 522 LEU A N   1 
ATOM   738  C CA  . LEU A 1 91  ? -15.332 28.832  28.349  1.00 77.23  ? 522 LEU A CA  1 
ATOM   739  C C   . LEU A 1 91  ? -15.849 28.297  27.026  1.00 77.23  ? 522 LEU A C   1 
ATOM   740  O O   . LEU A 1 91  ? -15.455 27.222  26.584  1.00 77.23  ? 522 LEU A O   1 
ATOM   741  C CB  . LEU A 1 91  ? -16.244 28.385  29.492  1.00 77.23  ? 522 LEU A CB  1 
ATOM   742  C CG  . LEU A 1 91  ? -15.940 29.007  30.857  1.00 77.23  ? 522 LEU A CG  1 
ATOM   743  C CD1 . LEU A 1 91  ? -16.725 28.303  31.954  1.00 77.23  ? 522 LEU A CD1 1 
ATOM   744  C CD2 . LEU A 1 91  ? -14.448 28.965  31.155  1.00 77.23  ? 522 LEU A CD2 1 
ATOM   745  N N   . LEU A 1 92  ? -16.735 29.057  26.395  1.00 88.86  ? 523 LEU A N   1 
ATOM   746  C CA  . LEU A 1 92  ? -17.309 28.650  25.122  1.00 88.86  ? 523 LEU A CA  1 
ATOM   747  C C   . LEU A 1 92  ? -16.248 28.564  24.033  1.00 88.86  ? 523 LEU A C   1 
ATOM   748  O O   . LEU A 1 92  ? -16.325 27.712  23.151  1.00 88.86  ? 523 LEU A O   1 
ATOM   749  C CB  . LEU A 1 92  ? -18.422 29.609  24.706  1.00 88.86  ? 523 LEU A CB  1 
ATOM   750  C CG  . LEU A 1 92  ? -19.840 29.058  24.843  1.00 88.86  ? 523 LEU A CG  1 
ATOM   751  C CD1 . LEU A 1 92  ? -20.091 28.012  23.774  1.00 88.86  ? 523 LEU A CD1 1 
ATOM   752  C CD2 . LEU A 1 92  ? -20.055 28.469  26.228  1.00 88.86  ? 523 LEU A CD2 1 
ATOM   753  N N   . ASN A 1 93  ? -15.257 29.448  24.099  1.00 100.77 ? 524 ASN A N   1 
ATOM   754  C CA  . ASN A 1 93  ? -14.165 29.431  23.135  1.00 100.77 ? 524 ASN A CA  1 
ATOM   755  C C   . ASN A 1 93  ? -13.309 28.192  23.298  1.00 100.77 ? 524 ASN A C   1 
ATOM   756  O O   . ASN A 1 93  ? -13.173 27.398  22.370  1.00 100.77 ? 524 ASN A O   1 
ATOM   757  C CB  . ASN A 1 93  ? -13.300 30.682  23.276  1.00 100.77 ? 524 ASN A CB  1 
ATOM   758  C CG  . ASN A 1 93  ? -14.058 31.950  22.946  1.00 100.77 ? 524 ASN A CG  1 
ATOM   759  O OD1 . ASN A 1 93  ? -15.010 31.929  22.162  1.00 100.77 ? 524 ASN A OD1 1 
ATOM   760  N ND2 . ASN A 1 93  ? -13.647 33.062  23.547  1.00 100.77 ? 524 ASN A ND2 1 
ATOM   761  N N   . SER A 1 94  ? -12.735 28.030  24.485  1.00 93.74  ? 525 SER A N   1 
ATOM   762  C CA  . SER A 1 94  ? -11.904 26.871  24.777  1.00 93.74  ? 525 SER A CA  1 
ATOM   763  C C   . SER A 1 94  ? -12.619 25.579  24.400  1.00 93.74  ? 525 SER A C   1 
ATOM   764  O O   . SER A 1 94  ? -11.995 24.614  23.957  1.00 93.74  ? 525 SER A O   1 
ATOM   765  C CB  . SER A 1 94  ? -11.531 26.843  26.259  1.00 93.74  ? 525 SER A CB  1 
ATOM   766  O OG  . SER A 1 94  ? -12.684 26.649  27.060  1.00 93.74  ? 525 SER A OG  1 
ATOM   767  N N   . GLU A 1 95  ? -13.934 25.562  24.578  1.00 119.02 ? 526 GLU A N   1 
ATOM   768  C CA  . GLU A 1 95  ? -14.708 24.359  24.326  1.00 119.02 ? 526 GLU A CA  1 
ATOM   769  C C   . GLU A 1 95  ? -14.712 23.988  22.849  1.00 119.02 ? 526 GLU A C   1 
ATOM   770  O O   . GLU A 1 95  ? -14.167 22.955  22.467  1.00 119.02 ? 526 GLU A O   1 
ATOM   771  C CB  . GLU A 1 95  ? -16.137 24.524  24.838  1.00 119.02 ? 526 GLU A CB  1 
ATOM   772  C CG  . GLU A 1 95  ? -16.771 23.220  25.275  1.00 119.02 ? 526 GLU A CG  1 
ATOM   773  C CD  . GLU A 1 95  ? -15.918 22.473  26.288  1.00 119.02 ? 526 GLU A CD  1 
ATOM   774  O OE1 . GLU A 1 95  ? -15.977 21.223  26.309  1.00 119.02 ? 526 GLU A OE1 1 
ATOM   775  O OE2 . GLU A 1 95  ? -15.184 23.136  27.057  1.00 119.02 ? 526 GLU A OE2 1 
ATOM   776  N N   . ARG A 1 96  ? -15.327 24.831  22.025  1.00 114.61 ? 527 ARG A N   1 
ATOM   777  C CA  . ARG A 1 96  ? -15.388 24.582  20.589  1.00 114.61 ? 527 ARG A CA  1 
ATOM   778  C C   . ARG A 1 96  ? -14.002 24.279  20.033  1.00 114.61 ? 527 ARG A C   1 
ATOM   779  O O   . ARG A 1 96  ? -13.852 23.463  19.122  1.00 114.61 ? 527 ARG A O   1 
ATOM   780  C CB  . ARG A 1 96  ? -16.003 25.775  19.854  1.00 114.61 ? 527 ARG A CB  1 
ATOM   781  C CG  . ARG A 1 96  ? -15.270 27.092  20.081  1.00 114.61 ? 527 ARG A CG  1 
ATOM   782  C CD  . ARG A 1 96  ? -15.885 28.208  19.249  1.00 114.61 ? 527 ARG A CD  1 
ATOM   783  N NE  . ARG A 1 96  ? -17.342 28.234  19.360  1.00 114.61 ? 527 ARG A NE  1 
ATOM   784  C CZ  . ARG A 1 96  ? -18.016 28.973  20.234  1.00 114.61 ? 527 ARG A CZ  1 
ATOM   785  N NH1 . ARG A 1 96  ? -17.370 29.759  21.086  1.00 114.61 ? 527 ARG A NH1 1 
ATOM   786  N NH2 . ARG A 1 96  ? -19.340 28.929  20.257  1.00 114.61 ? 527 ARG A NH2 1 
ATOM   787  N N   . LEU A 1 97  ? -12.993 24.941  20.589  1.00 95.02  ? 528 LEU A N   1 
ATOM   788  C CA  . LEU A 1 97  ? -11.613 24.708  20.192  1.00 95.02  ? 528 LEU A CA  1 
ATOM   789  C C   . LEU A 1 97  ? -11.202 23.273  20.510  1.00 95.02  ? 528 LEU A C   1 
ATOM   790  O O   . LEU A 1 97  ? -10.706 22.554  19.644  1.00 95.02  ? 528 LEU A O   1 
ATOM   791  C CB  . LEU A 1 97  ? -10.688 25.706  20.891  1.00 95.02  ? 528 LEU A CB  1 
ATOM   792  C CG  . LEU A 1 97  ? -9.191  25.686  20.566  1.00 95.02  ? 528 LEU A CG  1 
ATOM   793  C CD1 . LEU A 1 97  ? -8.471  24.570  21.315  1.00 95.02  ? 528 LEU A CD1 1 
ATOM   794  C CD2 . LEU A 1 97  ? -8.954  25.586  19.065  1.00 95.02  ? 528 LEU A CD2 1 
ATOM   795  N N   . LYS A 1 98  ? -11.415 22.860  21.756  1.00 115.45 ? 529 LYS A N   1 
ATOM   796  C CA  . LYS A 1 98  ? -11.040 21.517  22.181  1.00 115.45 ? 529 LYS A CA  1 
ATOM   797  C C   . LYS A 1 98  ? -11.910 20.457  21.513  1.00 115.45 ? 529 LYS A C   1 
ATOM   798  O O   . LYS A 1 98  ? -11.544 19.287  21.451  1.00 115.45 ? 529 LYS A O   1 
ATOM   799  C CB  . LYS A 1 98  ? -11.109 21.385  23.703  1.00 115.45 ? 529 LYS A CB  1 
ATOM   800  C CG  . LYS A 1 98  ? -10.568 20.060  24.213  1.00 115.45 ? 529 LYS A CG  1 
ATOM   801  C CD  . LYS A 1 98  ? -10.435 20.025  25.726  1.00 115.45 ? 529 LYS A CD  1 
ATOM   802  C CE  . LYS A 1 98  ? -9.746  18.735  26.169  1.00 115.45 ? 529 LYS A CE  1 
ATOM   803  N NZ  . LYS A 1 98  ? -9.601  18.631  27.652  1.00 115.45 ? 529 LYS A NZ  1 
ATOM   804  N N   . SER A 1 99  ? -13.062 20.878  21.005  1.00 79.61  ? 530 SER A N   1 
ATOM   805  C CA  . SER A 1 99  ? -13.962 19.972  20.305  1.00 79.61  ? 530 SER A CA  1 
ATOM   806  C C   . SER A 1 99  ? -13.697 20.032  18.807  1.00 79.61  ? 530 SER A C   1 
ATOM   807  O O   . SER A 1 99  ? -14.343 19.347  18.020  1.00 79.61  ? 530 SER A O   1 
ATOM   808  C CB  . SER A 1 99  ? -15.420 20.318  20.606  1.00 79.61  ? 530 SER A CB  1 
ATOM   809  O OG  . SER A 1 99  ? -16.296 19.367  20.026  1.00 79.61  ? 530 SER A OG  1 
ATOM   810  N N   . ARG A 1 100 ? -12.750 20.878  18.426  1.00 99.14  ? 531 ARG A N   1 
ATOM   811  C CA  . ARG A 1 100 ? -12.222 20.886  17.073  1.00 99.14  ? 531 ARG A CA  1 
ATOM   812  C C   . ARG A 1 100 ? -11.060 19.906  17.055  1.00 99.14  ? 531 ARG A C   1 
ATOM   813  O O   . ARG A 1 100 ? -10.956 19.051  16.177  1.00 99.14  ? 531 ARG A O   1 
ATOM   814  C CB  . ARG A 1 100 ? -11.731 22.285  16.707  1.00 99.14  ? 531 ARG A CB  1 
ATOM   815  C CG  . ARG A 1 100 ? -11.066 22.383  15.348  1.00 99.14  ? 531 ARG A CG  1 
ATOM   816  C CD  . ARG A 1 100 ? -12.038 22.875  14.292  1.00 99.14  ? 531 ARG A CD  1 
ATOM   817  N NE  . ARG A 1 100 ? -12.222 21.900  13.222  1.00 99.14  ? 531 ARG A NE  1 
ATOM   818  C CZ  . ARG A 1 100 ? -13.046 22.068  12.193  1.00 99.14  ? 531 ARG A CZ  1 
ATOM   819  N NH1 . ARG A 1 100 ? -13.767 23.178  12.092  1.00 99.14  ? 531 ARG A NH1 1 
ATOM   820  N NH2 . ARG A 1 100 ? -13.150 21.124  11.264  1.00 99.14  ? 531 ARG A NH2 1 
ATOM   821  N N   . ILE A 1 101 ? -10.192 20.045  18.054  1.00 93.14  ? 532 ILE A N   1 
ATOM   822  C CA  . ILE A 1 101 ? -9.061  19.151  18.252  1.00 93.14  ? 532 ILE A CA  1 
ATOM   823  C C   . ILE A 1 101 ? -9.537  17.726  18.474  1.00 93.14  ? 532 ILE A C   1 
ATOM   824  O O   . ILE A 1 101 ? -9.200  16.824  17.708  1.00 93.14  ? 532 ILE A O   1 
ATOM   825  C CB  . ILE A 1 101 ? -8.234  19.574  19.480  1.00 93.14  ? 532 ILE A CB  1 
ATOM   826  C CG1 . ILE A 1 101 ? -7.615  20.955  19.263  1.00 93.14  ? 532 ILE A CG1 1 
ATOM   827  C CG2 . ILE A 1 101 ? -7.157  18.547  19.777  1.00 93.14  ? 532 ILE A CG2 1 
ATOM   828  C CD1 . ILE A 1 101 ? -6.721  21.403  20.394  1.00 93.14  ? 532 ILE A CD1 1 
ATOM   829  N N   . ALA A 1 102 ? -10.320 17.529  19.529  1.00 109.07 ? 533 ALA A N   1 
ATOM   830  C CA  . ALA A 1 102 ? -10.844 16.210  19.857  1.00 109.07 ? 533 ALA A CA  1 
ATOM   831  C C   . ALA A 1 102 ? -11.513 15.585  18.640  1.00 109.07 ? 533 ALA A C   1 
ATOM   832  O O   . ALA A 1 102 ? -11.596 14.364  18.522  1.00 109.07 ? 533 ALA A O   1 
ATOM   833  C CB  . ALA A 1 102 ? -11.821 16.303  21.013  1.00 109.07 ? 533 ALA A CB  1 
ATOM   834  N N   . GLU A 1 103 ? -11.985 16.433  17.735  1.00 115.30 ? 534 GLU A N   1 
ATOM   835  C CA  . GLU A 1 103 ? -12.640 15.966  16.524  1.00 115.30 ? 534 GLU A CA  1 
ATOM   836  C C   . GLU A 1 103 ? -11.617 15.491  15.494  1.00 115.30 ? 534 GLU A C   1 
ATOM   837  O O   . GLU A 1 103 ? -11.790 14.441  14.877  1.00 115.30 ? 534 GLU A O   1 
ATOM   838  C CB  . GLU A 1 103 ? -13.533 17.068  15.951  1.00 115.30 ? 534 GLU A CB  1 
ATOM   839  C CG  . GLU A 1 103 ? -14.264 16.683  14.676  1.00 115.30 ? 534 GLU A CG  1 
ATOM   840  C CD  . GLU A 1 103 ? -13.454 16.984  13.428  1.00 115.30 ? 534 GLU A CD  1 
ATOM   841  O OE1 . GLU A 1 103 ? -13.394 18.171  13.034  1.00 115.30 ? 534 GLU A OE1 1 
ATOM   842  O OE2 . GLU A 1 103 ? -12.876 16.036  12.848  1.00 115.30 ? 534 GLU A OE2 1 
ATOM   843  N N   . ILE A 1 104 ? -10.549 16.264  15.315  1.00 105.78 ? 535 ILE A N   1 
ATOM   844  C CA  . ILE A 1 104 ? -9.483  15.903  14.379  1.00 105.78 ? 535 ILE A CA  1 
ATOM   845  C C   . ILE A 1 104 ? -8.720  14.667  14.838  1.00 105.78 ? 535 ILE A C   1 
ATOM   846  O O   . ILE A 1 104 ? -8.432  13.774  14.041  1.00 105.78 ? 535 ILE A O   1 
ATOM   847  C CB  . ILE A 1 104 ? -8.464  17.042  14.211  1.00 105.78 ? 535 ILE A CB  1 
ATOM   848  C CG1 . ILE A 1 104 ? -9.103  18.242  13.515  1.00 105.78 ? 535 ILE A CG1 1 
ATOM   849  C CG2 . ILE A 1 104 ? -7.254  16.560  13.426  1.00 105.78 ? 535 ILE A CG2 1 
ATOM   850  C CD1 . ILE A 1 104 ? -8.165  19.416  13.378  1.00 105.78 ? 535 ILE A CD1 1 
ATOM   851  N N   . HIS A 1 105 ? -8.380  14.631  16.122  1.00 133.09 ? 536 HIS A N   1 
ATOM   852  C CA  . HIS A 1 105 ? -7.621  13.522  16.685  1.00 133.09 ? 536 HIS A CA  1 
ATOM   853  C C   . HIS A 1 105 ? -8.265  12.195  16.322  1.00 133.09 ? 536 HIS A C   1 
ATOM   854  O O   . HIS A 1 105 ? -7.579  11.233  15.980  1.00 133.09 ? 536 HIS A O   1 
ATOM   855  C CB  . HIS A 1 105 ? -7.523  13.655  18.203  1.00 133.09 ? 536 HIS A CB  1 
ATOM   856  C CG  . HIS A 1 105 ? -6.755  12.546  18.849  1.00 133.09 ? 536 HIS A CG  1 
ATOM   857  N ND1 . HIS A 1 105 ? -7.154  11.236  18.805  1.00 133.09 ? 536 HIS A ND1 1 
ATOM   858  C CD2 . HIS A 1 105 ? -5.592  12.567  19.561  1.00 133.09 ? 536 HIS A CD2 1 
ATOM   859  C CE1 . HIS A 1 105 ? -6.280  10.481  19.455  1.00 133.09 ? 536 HIS A CE1 1 
ATOM   860  N NE2 . HIS A 1 105 ? -5.329  11.268  19.921  1.00 133.09 ? 536 HIS A NE2 1 
ATOM   861  N N   . GLU A 1 106 ? -9.587  12.150  16.407  1.00 137.69 ? 537 GLU A N   1 
ATOM   862  C CA  . GLU A 1 106 ? -10.327 10.954  16.050  1.00 137.69 ? 537 GLU A CA  1 
ATOM   863  C C   . GLU A 1 106 ? -10.325 10.769  14.538  1.00 137.69 ? 537 GLU A C   1 
ATOM   864  O O   . GLU A 1 106 ? -10.321 9.643   14.039  1.00 137.69 ? 537 GLU A O   1 
ATOM   865  C CB  . GLU A 1 106 ? -11.760 11.042  16.580  1.00 137.69 ? 537 GLU A CB  1 
ATOM   866  C CG  . GLU A 1 106 ? -12.624 9.828   16.275  1.00 137.69 ? 537 GLU A CG  1 
ATOM   867  C CD  . GLU A 1 106 ? -13.050 9.753   14.818  1.00 137.69 ? 537 GLU A CD  1 
ATOM   868  O OE1 . GLU A 1 106 ? -13.178 10.821  14.176  1.00 137.69 ? 537 GLU A OE1 1 
ATOM   869  O OE2 . GLU A 1 106 ? -13.245 8.624   14.315  1.00 137.69 ? 537 GLU A OE2 1 
ATOM   870  N N   . SER A 1 107 ? -10.318 11.883  13.813  1.00 108.63 ? 538 SER A N   1 
ATOM   871  C CA  . SER A 1 107 ? -10.391 11.850  12.357  1.00 108.63 ? 538 SER A CA  1 
ATOM   872  C C   . SER A 1 107 ? -9.180  11.151  11.736  1.00 108.63 ? 538 SER A C   1 
ATOM   873  O O   . SER A 1 107 ? -9.308  10.464  10.723  1.00 108.63 ? 538 SER A O   1 
ATOM   874  C CB  . SER A 1 107 ? -10.542 13.268  11.796  1.00 108.63 ? 538 SER A CB  1 
ATOM   875  O OG  . SER A 1 107 ? -11.053 13.246  10.474  1.00 108.63 ? 538 SER A OG  1 
ATOM   876  N N   . ARG A 1 108 ? -8.008  11.322  12.345  1.00 110.04 ? 539 ARG A N   1 
ATOM   877  C CA  . ARG A 1 108 ? -6.802  10.639  11.879  1.00 110.04 ? 539 ARG A CA  1 
ATOM   878  C C   . ARG A 1 108 ? -6.819  9.180   12.317  1.00 110.04 ? 539 ARG A C   1 
ATOM   879  O O   . ARG A 1 108 ? -6.370  8.300   11.591  1.00 110.04 ? 539 ARG A O   1 
ATOM   880  C CB  . ARG A 1 108 ? -5.539  11.312  12.419  1.00 110.04 ? 539 ARG A CB  1 
ATOM   881  C CG  . ARG A 1 108 ? -5.175  10.872  13.825  1.00 110.04 ? 539 ARG A CG  1 
ATOM   882  C CD  . ARG A 1 108 ? -3.893  11.516  14.314  1.00 110.04 ? 539 ARG A CD  1 
ATOM   883  N NE  . ARG A 1 108 ? -3.775  11.402  15.764  1.00 110.04 ? 539 ARG A NE  1 
ATOM   884  C CZ  . ARG A 1 108 ? -2.828  11.989  16.489  1.00 110.04 ? 539 ARG A CZ  1 
ATOM   885  N NH1 . ARG A 1 108 ? -1.904  12.736  15.899  1.00 110.04 ? 539 ARG A NH1 1 
ATOM   886  N NH2 . ARG A 1 108 ? -2.807  11.831  17.807  1.00 110.04 ? 539 ARG A NH2 1 
ATOM   887  N N   . THR A 1 109 ? -7.334  8.934   13.516  1.00 112.78 ? 540 THR A N   1 
ATOM   888  C CA  . THR A 1 109 ? -7.437  7.583   14.045  1.00 112.78 ? 540 THR A CA  1 
ATOM   889  C C   . THR A 1 109 ? -8.178  6.663   13.077  1.00 112.78 ? 540 THR A C   1 
ATOM   890  O O   . THR A 1 109 ? -7.830  5.492   12.933  1.00 112.78 ? 540 THR A O   1 
ATOM   891  C CB  . THR A 1 109 ? -8.114  7.583   15.428  1.00 112.78 ? 540 THR A CB  1 
ATOM   892  O OG1 . THR A 1 109 ? -7.120  7.794   16.439  1.00 112.78 ? 540 THR A OG1 1 
ATOM   893  C CG2 . THR A 1 109 ? -8.820  6.258   15.681  1.00 112.78 ? 540 THR A CG2 1 
ATOM   894  N N   . LYS A 1 110 ? -9.196  7.201   12.411  1.00 129.70 ? 541 LYS A N   1 
ATOM   895  C CA  . LYS A 1 110 ? -9.927  6.443   11.405  1.00 129.70 ? 541 LYS A CA  1 
ATOM   896  C C   . LYS A 1 110 ? -9.037  6.153   10.199  1.00 129.70 ? 541 LYS A C   1 
ATOM   897  O O   . LYS A 1 110 ? -9.202  5.140   9.520   1.00 129.70 ? 541 LYS A O   1 
ATOM   898  C CB  . LYS A 1 110 ? -11.184 7.194   10.966  1.00 129.70 ? 541 LYS A CB  1 
ATOM   899  C CG  . LYS A 1 110 ? -12.032 6.416   9.974   1.00 129.70 ? 541 LYS A CG  1 
ATOM   900  C CD  . LYS A 1 110 ? -12.311 5.007   10.491  1.00 129.70 ? 541 LYS A CD  1 
ATOM   901  C CE  . LYS A 1 110 ? -13.109 4.176   9.493   1.00 129.70 ? 541 LYS A CE  1 
ATOM   902  N NZ  . LYS A 1 110 ? -13.433 2.823   10.033  1.00 129.70 ? 541 LYS A NZ  1 
ATOM   903  N N   . LEU A 1 111 ? -8.093  7.052   9.941   1.00 123.75 ? 542 LEU A N   1 
ATOM   904  C CA  . LEU A 1 111 ? -7.153  6.890   8.840   1.00 123.75 ? 542 LEU A CA  1 
ATOM   905  C C   . LEU A 1 111 ? -6.076  5.863   9.172   1.00 123.75 ? 542 LEU A C   1 
ATOM   906  O O   . LEU A 1 111 ? -5.685  5.070   8.321   1.00 123.75 ? 542 LEU A O   1 
ATOM   907  C CB  . LEU A 1 111 ? -6.503  8.228   8.491   1.00 123.75 ? 542 LEU A CB  1 
ATOM   908  C CG  . LEU A 1 111 ? -5.613  8.210   7.250   1.00 123.75 ? 542 LEU A CG  1 
ATOM   909  C CD1 . LEU A 1 111 ? -6.449  7.874   6.025   1.00 123.75 ? 542 LEU A CD1 1 
ATOM   910  C CD2 . LEU A 1 111 ? -4.894  9.542   7.075   1.00 123.75 ? 542 LEU A CD2 1 
ATOM   911  N N   . GLU A 1 112 ? -5.592  5.890   10.410  1.00 133.34 ? 543 GLU A N   1 
ATOM   912  C CA  . GLU A 1 112 ? -4.600  4.928   10.875  1.00 133.34 ? 543 GLU A CA  1 
ATOM   913  C C   . GLU A 1 112 ? -5.144  3.507   10.758  1.00 133.34 ? 543 GLU A C   1 
ATOM   914  O O   . GLU A 1 112 ? -4.461  2.605   10.273  1.00 133.34 ? 543 GLU A O   1 
ATOM   915  C CB  . GLU A 1 112 ? -4.203  5.221   12.324  1.00 133.34 ? 543 GLU A CB  1 
ATOM   916  C CG  . GLU A 1 112 ? -3.421  6.510   12.513  1.00 133.34 ? 543 GLU A CG  1 
ATOM   917  C CD  . GLU A 1 112 ? -3.262  6.884   13.979  1.00 133.34 ? 543 GLU A CD  1 
ATOM   918  O OE1 . GLU A 1 112 ? -4.203  6.630   14.761  1.00 133.34 ? 543 GLU A OE1 1 
ATOM   919  O OE2 . GLU A 1 112 ? -2.200  7.434   14.347  1.00 133.34 ? 543 GLU A OE2 1 
ATOM   920  N N   . GLN A 1 113 ? -6.378  3.315   11.216  1.00 158.47 ? 544 GLN A N   1 
ATOM   921  C CA  . GLN A 1 113 ? -7.060  2.037   11.074  1.00 158.47 ? 544 GLN A CA  1 
ATOM   922  C C   . GLN A 1 113 ? -7.175  1.683   9.600   1.00 158.47 ? 544 GLN A C   1 
ATOM   923  O O   . GLN A 1 113 ? -6.956  0.540   9.203   1.00 158.47 ? 544 GLN A O   1 
ATOM   924  C CB  . GLN A 1 113 ? -8.455  2.108   11.700  1.00 158.47 ? 544 GLN A CB  1 
ATOM   925  C CG  . GLN A 1 113 ? -8.456  2.496   13.167  1.00 158.47 ? 544 GLN A CG  1 
ATOM   926  C CD  . GLN A 1 113 ? -7.601  1.576   14.011  1.00 158.47 ? 544 GLN A CD  1 
ATOM   927  O OE1 . GLN A 1 113 ? -7.525  0.374   13.756  1.00 158.47 ? 544 GLN A OE1 1 
ATOM   928  N NE2 . GLN A 1 113 ? -6.942  2.139   15.017  1.00 158.47 ? 544 GLN A NE2 1 
ATOM   929  N N   . GLN A 1 114 ? -7.518  2.683   8.795   1.00 117.71 ? 545 GLN A N   1 
ATOM   930  C CA  . GLN A 1 114 ? -7.679  2.517   7.357   1.00 117.71 ? 545 GLN A CA  1 
ATOM   931  C C   . GLN A 1 114 ? -6.333  2.213   6.704   1.00 117.71 ? 545 GLN A C   1 
ATOM   932  O O   . GLN A 1 114 ? -6.266  1.580   5.653   1.00 117.71 ? 545 GLN A O   1 
ATOM   933  C CB  . GLN A 1 114 ? -8.285  3.793   6.767   1.00 117.71 ? 545 GLN A CB  1 
ATOM   934  C CG  . GLN A 1 114 ? -8.859  3.660   5.367   1.00 117.71 ? 545 GLN A CG  1 
ATOM   935  C CD  . GLN A 1 114 ? -9.508  4.948   4.896   1.00 117.71 ? 545 GLN A CD  1 
ATOM   936  O OE1 . GLN A 1 114 ? -9.361  5.995   5.530   1.00 117.71 ? 545 GLN A OE1 1 
ATOM   937  N NE2 . GLN A 1 114 ? -10.233 4.877   3.783   1.00 117.71 ? 545 GLN A NE2 1 
ATOM   938  N N   . LEU A 1 115 ? -5.262  2.669   7.345   1.00 123.80 ? 546 LEU A N   1 
ATOM   939  C CA  . LEU A 1 115 ? -3.903  2.461   6.857   1.00 123.80 ? 546 LEU A CA  1 
ATOM   940  C C   . LEU A 1 115 ? -3.457  1.016   7.045   1.00 123.80 ? 546 LEU A C   1 
ATOM   941  O O   . LEU A 1 115 ? -3.067  0.351   6.088   1.00 123.80 ? 546 LEU A O   1 
ATOM   942  C CB  . LEU A 1 115 ? -2.931  3.399   7.575   1.00 123.80 ? 546 LEU A CB  1 
ATOM   943  C CG  . LEU A 1 115 ? -1.442  3.098   7.397   1.00 123.80 ? 546 LEU A CG  1 
ATOM   944  C CD1 . LEU A 1 115 ? -1.043  3.253   5.943   1.00 123.80 ? 546 LEU A CD1 1 
ATOM   945  C CD2 . LEU A 1 115 ? -0.599  4.003   8.283   1.00 123.80 ? 546 LEU A CD2 1 
ATOM   946  N N   . ARG A 1 116 ? -3.512  0.544   8.286   1.00 146.46 ? 547 ARG A N   1 
ATOM   947  C CA  . ARG A 1 116 ? -3.110  -0.819  8.617   1.00 146.46 ? 547 ARG A CA  1 
ATOM   948  C C   . ARG A 1 116 ? -3.825  -1.849  7.752   1.00 146.46 ? 547 ARG A C   1 
ATOM   949  O O   . ARG A 1 116 ? -3.283  -2.918  7.469   1.00 146.46 ? 547 ARG A O   1 
ATOM   950  C CB  . ARG A 1 116 ? -3.368  -1.103  10.097  1.00 146.46 ? 547 ARG A CB  1 
ATOM   951  C CG  . ARG A 1 116 ? -2.560  -0.226  11.037  1.00 146.46 ? 547 ARG A CG  1 
ATOM   952  C CD  . ARG A 1 116 ? -3.196  -0.154  12.418  1.00 146.46 ? 547 ARG A CD  1 
ATOM   953  N NE  . ARG A 1 116 ? -2.516  0.811   13.278  1.00 146.46 ? 547 ARG A NE  1 
ATOM   954  C CZ  . ARG A 1 116 ? -3.024  1.296   14.407  1.00 146.46 ? 547 ARG A CZ  1 
ATOM   955  N NH1 . ARG A 1 116 ? -4.227  0.910   14.818  1.00 146.46 ? 547 ARG A NH1 1 
ATOM   956  N NH2 . ARG A 1 116 ? -2.332  2.172   15.126  1.00 146.46 ? 547 ARG A NH2 1 
ATOM   957  N N   . ALA A 1 117 ? -5.044  -1.523  7.338   1.00 102.92 ? 548 ALA A N   1 
ATOM   958  C CA  . ALA A 1 117 ? -5.791  -2.376  6.425   1.00 102.92 ? 548 ALA A CA  1 
ATOM   959  C C   . ALA A 1 117 ? -5.002  -2.575  5.136   1.00 102.92 ? 548 ALA A C   1 
ATOM   960  O O   . ALA A 1 117 ? -4.733  -3.704  4.728   1.00 102.92 ? 548 ALA A O   1 
ATOM   961  C CB  . ALA A 1 117 ? -7.147  -1.765  6.124   1.00 102.92 ? 548 ALA A CB  1 
ATOM   962  N N   . GLN A 1 118 ? -4.639  -1.466  4.498   1.00 119.52 ? 549 GLN A N   1 
ATOM   963  C CA  . GLN A 1 118 ? -3.841  -1.500  3.279   1.00 119.52 ? 549 GLN A CA  1 
ATOM   964  C C   . GLN A 1 118 ? -2.480  -2.145  3.532   1.00 119.52 ? 549 GLN A C   1 
ATOM   965  O O   . GLN A 1 118 ? -1.993  -2.912  2.704   1.00 119.52 ? 549 GLN A O   1 
ATOM   966  C CB  . GLN A 1 118 ? -3.662  -0.089  2.711   1.00 119.52 ? 549 GLN A CB  1 
ATOM   967  C CG  . GLN A 1 118 ? -4.364  0.149   1.383   1.00 119.52 ? 549 GLN A CG  1 
ATOM   968  C CD  . GLN A 1 118 ? -3.912  1.433   0.701   1.00 119.52 ? 549 GLN A CD  1 
ATOM   969  O OE1 . GLN A 1 118 ? -2.946  2.069   1.124   1.00 119.52 ? 549 GLN A OE1 1 
ATOM   970  N NE2 . GLN A 1 118 ? -4.611  1.816   -0.363  1.00 119.52 ? 549 GLN A NE2 1 
ATOM   971  N N   . ALA A 1 119 ? -1.872  -1.826  4.671   1.00 109.91 ? 550 ALA A N   1 
ATOM   972  C CA  . ALA A 1 119 ? -0.571  -2.386  5.037   1.00 109.91 ? 550 ALA A CA  1 
ATOM   973  C C   . ALA A 1 119 ? -0.601  -3.914  5.063   1.00 109.91 ? 550 ALA A C   1 
ATOM   974  O O   . ALA A 1 119 ? 0.336   -4.572  4.615   1.00 109.91 ? 550 ALA A O   1 
ATOM   975  C CB  . ALA A 1 119 ? -0.121  -1.844  6.384   1.00 109.91 ? 550 ALA A CB  1 
ATOM   976  N N   . SER A 1 120 ? -1.680  -4.468  5.607   1.00 120.45 ? 551 SER A N   1 
ATOM   977  C CA  . SER A 1 120 ? -1.885  -5.908  5.629   1.00 120.45 ? 551 SER A CA  1 
ATOM   978  C C   . SER A 1 120 ? -1.961  -6.472  4.215   1.00 120.45 ? 551 SER A C   1 
ATOM   979  O O   . SER A 1 120 ? -1.374  -7.509  3.918   1.00 120.45 ? 551 SER A O   1 
ATOM   980  C CB  . SER A 1 120 ? -3.164  -6.237  6.395   1.00 120.45 ? 551 SER A CB  1 
ATOM   981  O OG  . SER A 1 120 ? -3.520  -7.595  6.232   1.00 120.45 ? 551 SER A OG  1 
ATOM   982  N N   . ASP A 1 121 ? -2.694  -5.780  3.350   1.00 120.35 ? 552 ASP A N   1 
ATOM   983  C CA  . ASP A 1 121 ? -2.850  -6.198  1.961   1.00 120.35 ? 552 ASP A CA  1 
ATOM   984  C C   . ASP A 1 121 ? -1.503  -6.318  1.259   1.00 120.35 ? 552 ASP A C   1 
ATOM   985  O O   . ASP A 1 121 ? -1.274  -7.253  0.497   1.00 120.35 ? 552 ASP A O   1 
ATOM   986  C CB  . ASP A 1 121 ? -3.746  -5.217  1.208   1.00 120.35 ? 552 ASP A CB  1 
ATOM   987  C CG  . ASP A 1 121 ? -5.159  -5.189  1.750   1.00 120.35 ? 552 ASP A CG  1 
ATOM   988  O OD1 . ASP A 1 121 ? -5.399  -5.791  2.822   1.00 120.35 ? 552 ASP A OD1 1 
ATOM   989  O OD2 . ASP A 1 121 ? -6.026  -4.559  1.107   1.00 120.35 ? 552 ASP A OD2 1 
ATOM   990  N N   . ASN A 1 122 ? -0.617  -5.361  1.511   1.00 118.32 ? 553 ASN A N   1 
ATOM   991  C CA  . ASN A 1 122 ? 0.727   -5.410  0.954   1.00 118.32 ? 553 ASN A CA  1 
ATOM   992  C C   . ASN A 1 122 ? 1.516   -6.577  1.534   1.00 118.32 ? 553 ASN A C   1 
ATOM   993  O O   . ASN A 1 122 ? 2.259   -7.247  0.819   1.00 118.32 ? 553 ASN A O   1 
ATOM   994  C CB  . ASN A 1 122 ? 1.463   -4.090  1.191   1.00 118.32 ? 553 ASN A CB  1 
ATOM   995  C CG  . ASN A 1 122 ? 1.591   -3.256  -0.073  1.00 118.32 ? 553 ASN A CG  1 
ATOM   996  O OD1 . ASN A 1 122 ? 0.902   -3.498  -1.066  1.00 118.32 ? 553 ASN A OD1 1 
ATOM   997  N ND2 . ASN A 1 122 ? 2.477   -2.267  -0.039  1.00 118.32 ? 553 ASN A ND2 1 
ATOM   998  N N   . ARG A 1 123 ? 1.355   -6.816  2.834   1.00 133.64 ? 554 ARG A N   1 
ATOM   999  C CA  . ARG A 1 123 ? 1.982   -7.960  3.487   1.00 133.64 ? 554 ARG A CA  1 
ATOM   1000 C C   . ARG A 1 123 ? 1.525   -9.256  2.829   1.00 133.64 ? 554 ARG A C   1 
ATOM   1001 O O   . ARG A 1 123 ? 2.286   -10.217 2.733   1.00 133.64 ? 554 ARG A O   1 
ATOM   1002 C CB  . ARG A 1 123 ? 1.619   -8.000  4.972   1.00 133.64 ? 554 ARG A CB  1 
ATOM   1003 C CG  . ARG A 1 123 ? 2.085   -6.795  5.770   1.00 133.64 ? 554 ARG A CG  1 
ATOM   1004 C CD  . ARG A 1 123 ? 1.552   -6.847  7.192   1.00 133.64 ? 554 ARG A CD  1 
ATOM   1005 N NE  . ARG A 1 123 ? 1.983   -5.691  7.973   1.00 133.64 ? 554 ARG A NE  1 
ATOM   1006 C CZ  . ARG A 1 123 ? 1.688   -5.504  9.257   1.00 133.64 ? 554 ARG A CZ  1 
ATOM   1007 N NH1 . ARG A 1 123 ? 0.957   -6.399  9.912   1.00 133.64 ? 554 ARG A NH1 1 
ATOM   1008 N NH2 . ARG A 1 123 ? 2.125   -4.422  9.888   1.00 133.64 ? 554 ARG A NH2 1 
ATOM   1009 N N   . GLU A 1 124 ? 0.278   -9.268  2.373   1.00 142.80 ? 555 GLU A N   1 
ATOM   1010 C CA  . GLU A 1 124 ? -0.325  -10.457 1.782   1.00 142.80 ? 555 GLU A CA  1 
ATOM   1011 C C   . GLU A 1 124 ? 0.013   -10.594 0.302   1.00 142.80 ? 555 GLU A C   1 
ATOM   1012 O O   . GLU A 1 124 ? 0.337   -11.683 -0.168  1.00 142.80 ? 555 GLU A O   1 
ATOM   1013 C CB  . GLU A 1 124 ? -1.839  -10.421 1.964   1.00 142.80 ? 555 GLU A CB  1 
ATOM   1014 C CG  . GLU A 1 124 ? -2.573  -11.529 1.231   1.00 142.80 ? 555 GLU A CG  1 
ATOM   1015 C CD  . GLU A 1 124 ? -4.078  -11.437 1.396   1.00 142.80 ? 555 GLU A CD  1 
ATOM   1016 O OE1 . GLU A 1 124 ? -4.554  -10.434 1.974   1.00 142.80 ? 555 GLU A OE1 1 
ATOM   1017 O OE2 . GLU A 1 124 ? -4.781  -12.368 0.946   1.00 142.80 ? 555 GLU A OE2 1 
ATOM   1018 N N   . ILE A 1 125 ? -0.077  -9.491  -0.433  1.00 103.44 ? 556 ILE A N   1 
ATOM   1019 C CA  . ILE A 1 125 ? 0.285   -9.490  -1.845  1.00 103.44 ? 556 ILE A CA  1 
ATOM   1020 C C   . ILE A 1 125 ? 1.760   -9.828  -2.004  1.00 103.44 ? 556 ILE A C   1 
ATOM   1021 O O   . ILE A 1 125 ? 2.156   -10.495 -2.957  1.00 103.44 ? 556 ILE A O   1 
ATOM   1022 C CB  . ILE A 1 125 ? -0.028  -8.138  -2.509  1.00 103.44 ? 556 ILE A CB  1 
ATOM   1023 C CG1 . ILE A 1 125 ? -1.399  -8.187  -3.188  1.00 103.44 ? 556 ILE A CG1 1 
ATOM   1024 C CG2 . ILE A 1 125 ? 1.040   -7.781  -3.525  1.00 103.44 ? 556 ILE A CG2 1 
ATOM   1025 C CD1 . ILE A 1 125 ? -2.520  -8.681  -2.291  1.00 103.44 ? 556 ILE A CD1 1 
ATOM   1026 N N   . ASP A 1 126 ? 2.569   -9.369  -1.058  1.00 107.74 ? 557 ASP A N   1 
ATOM   1027 C CA  . ASP A 1 126 ? 3.978   -9.730  -1.017  1.00 107.74 ? 557 ASP A CA  1 
ATOM   1028 C C   . ASP A 1 126 ? 4.124   -11.229 -0.786  1.00 107.74 ? 557 ASP A C   1 
ATOM   1029 O O   . ASP A 1 126 ? 5.045   -11.861 -1.299  1.00 107.74 ? 557 ASP A O   1 
ATOM   1030 C CB  . ASP A 1 126 ? 4.686   -8.967  0.099   1.00 107.74 ? 557 ASP A CB  1 
ATOM   1031 C CG  . ASP A 1 126 ? 6.129   -9.388  0.263   1.00 107.74 ? 557 ASP A CG  1 
ATOM   1032 O OD1 . ASP A 1 126 ? 6.833   -9.511  -0.762  1.00 107.74 ? 557 ASP A OD1 1 
ATOM   1033 O OD2 . ASP A 1 126 ? 6.558   -9.604  1.415   1.00 107.74 ? 557 ASP A OD2 1 
ATOM   1034 N N   . LYS A 1 127 ? 3.206   -11.792 -0.006  1.00 127.06 ? 558 LYS A N   1 
ATOM   1035 C CA  . LYS A 1 127 ? 3.213   -13.219 0.292   1.00 127.06 ? 558 LYS A CA  1 
ATOM   1036 C C   . LYS A 1 127 ? 2.935   -14.041 -0.957  1.00 127.06 ? 558 LYS A C   1 
ATOM   1037 O O   . LYS A 1 127 ? 3.713   -14.923 -1.314  1.00 127.06 ? 558 LYS A O   1 
ATOM   1038 C CB  . LYS A 1 127 ? 2.184   -13.535 1.375   1.00 127.06 ? 558 LYS A CB  1 
ATOM   1039 C CG  . LYS A 1 127 ? 2.061   -15.005 1.709   1.00 127.06 ? 558 LYS A CG  1 
ATOM   1040 C CD  . LYS A 1 127 ? 1.045   -15.227 2.819   1.00 127.06 ? 558 LYS A CD  1 
ATOM   1041 C CE  . LYS A 1 127 ? 0.923   -16.700 3.176   1.00 127.06 ? 558 LYS A CE  1 
ATOM   1042 N NZ  . LYS A 1 127 ? -0.062  -16.930 4.270   1.00 127.06 ? 558 LYS A NZ  1 
ATOM   1043 N N   . ARG A 1 128 ? 1.818   -13.746 -1.612  1.00 126.15 ? 559 ARG A N   1 
ATOM   1044 C CA  . ARG A 1 128 ? 1.467   -14.403 -2.863  1.00 126.15 ? 559 ARG A CA  1 
ATOM   1045 C C   . ARG A 1 128 ? 2.573   -14.207 -3.882  1.00 126.15 ? 559 ARG A C   1 
ATOM   1046 O O   . ARG A 1 128 ? 2.852   -15.087 -4.696  1.00 126.15 ? 559 ARG A O   1 
ATOM   1047 C CB  . ARG A 1 128 ? 0.167   -13.833 -3.422  1.00 126.15 ? 559 ARG A CB  1 
ATOM   1048 C CG  . ARG A 1 128 ? -1.033  -14.021 -2.516  1.00 126.15 ? 559 ARG A CG  1 
ATOM   1049 C CD  . ARG A 1 128 ? -2.300  -13.499 -3.170  1.00 126.15 ? 559 ARG A CD  1 
ATOM   1050 N NE  . ARG A 1 128 ? -3.487  -13.831 -2.386  1.00 126.15 ? 559 ARG A NE  1 
ATOM   1051 C CZ  . ARG A 1 128 ? -4.736  -13.576 -2.768  1.00 126.15 ? 559 ARG A CZ  1 
ATOM   1052 N NH1 . ARG A 1 128 ? -4.971  -12.980 -3.933  1.00 126.15 ? 559 ARG A NH1 1 
ATOM   1053 N NH2 . ARG A 1 128 ? -5.754  -13.917 -1.986  1.00 126.15 ? 559 ARG A NH2 1 
ATOM   1054 N N   . MET A 1 129 ? 3.200   -13.041 -3.833  1.00 98.39  ? 560 MET A N   1 
ATOM   1055 C CA  . MET A 1 129 ? 4.267   -12.712 -4.758  1.00 98.39  ? 560 MET A CA  1 
ATOM   1056 C C   . MET A 1 129 ? 5.443   -13.663 -4.564  1.00 98.39  ? 560 MET A C   1 
ATOM   1057 O O   . MET A 1 129 ? 6.179   -13.951 -5.507  1.00 98.39  ? 560 MET A O   1 
ATOM   1058 C CB  . MET A 1 129 ? 4.710   -11.266 -4.547  1.00 98.39  ? 560 MET A CB  1 
ATOM   1059 C CG  . MET A 1 129 ? 5.050   -10.519 -5.822  1.00 98.39  ? 560 MET A CG  1 
ATOM   1060 S SD  . MET A 1 129 ? 5.457   -8.788  -5.505  1.00 98.39  ? 560 MET A SD  1 
ATOM   1061 C CE  . MET A 1 129 ? 6.774   -8.948  -4.297  1.00 98.39  ? 560 MET A CE  1 
ATOM   1062 N N   . ASN A 1 130 ? 5.610   -14.155 -3.341  1.00 97.06  ? 561 ASN A N   1 
ATOM   1063 C CA  . ASN A 1 130 ? 6.687   -15.092 -3.037  1.00 97.06  ? 561 ASN A CA  1 
ATOM   1064 C C   . ASN A 1 130 ? 6.320   -16.540 -3.343  1.00 97.06  ? 561 ASN A C   1 
ATOM   1065 O O   . ASN A 1 130 ? 7.194   -17.383 -3.536  1.00 97.06  ? 561 ASN A O   1 
ATOM   1066 C CB  . ASN A 1 130 ? 7.134   -14.955 -1.579  1.00 97.06  ? 561 ASN A CB  1 
ATOM   1067 C CG  . ASN A 1 130 ? 7.751   -13.598 -1.284  1.00 97.06  ? 561 ASN A CG  1 
ATOM   1068 O OD1 . ASN A 1 130 ? 8.136   -12.864 -2.196  1.00 97.06  ? 561 ASN A OD1 1 
ATOM   1069 N ND2 . ASN A 1 130 ? 7.855   -13.261 -0.002  1.00 97.06  ? 561 ASN A ND2 1 
ATOM   1070 N N   . SER A 1 131 ? 5.024   -16.821 -3.390  1.00 104.69 ? 562 SER A N   1 
ATOM   1071 C CA  . SER A 1 131 ? 4.547   -18.161 -3.709  1.00 104.69 ? 562 SER A CA  1 
ATOM   1072 C C   . SER A 1 131 ? 4.966   -18.574 -5.112  1.00 104.69 ? 562 SER A C   1 
ATOM   1073 O O   . SER A 1 131 ? 5.157   -19.759 -5.389  1.00 104.69 ? 562 SER A O   1 
ATOM   1074 C CB  . SER A 1 131 ? 3.022   -18.225 -3.600  1.00 104.69 ? 562 SER A CB  1 
ATOM   1075 O OG  . SER A 1 131 ? 2.589   -17.956 -2.280  1.00 104.69 ? 562 SER A OG  1 
ATOM   1076 N N   . LEU A 1 132 ? 5.113   -17.591 -5.994  1.00 91.52  ? 563 LEU A N   1 
ATOM   1077 C CA  . LEU A 1 132 ? 5.310   -17.871 -7.411  1.00 91.52  ? 563 LEU A CA  1 
ATOM   1078 C C   . LEU A 1 132 ? 6.774   -17.965 -7.818  1.00 91.52  ? 563 LEU A C   1 
ATOM   1079 O O   . LEU A 1 132 ? 7.100   -18.568 -8.838  1.00 91.52  ? 563 LEU A O   1 
ATOM   1080 C CB  . LEU A 1 132 ? 4.606   -16.817 -8.264  1.00 91.52  ? 563 LEU A CB  1 
ATOM   1081 C CG  . LEU A 1 132 ? 3.142   -16.551 -7.921  1.00 91.52  ? 563 LEU A CG  1 
ATOM   1082 C CD1 . LEU A 1 132 ? 2.460   -15.839 -9.081  1.00 91.52  ? 563 LEU A CD1 1 
ATOM   1083 C CD2 . LEU A 1 132 ? 2.426   -17.852 -7.588  1.00 91.52  ? 563 LEU A CD2 1 
ATOM   1084 N N   . LYS A 1 133 ? 7.652   -17.367 -7.023  1.00 98.23  ? 564 LYS A N   1 
ATOM   1085 C CA  . LYS A 1 133 ? 9.072   -17.356 -7.349  1.00 98.23  ? 564 LYS A CA  1 
ATOM   1086 C C   . LYS A 1 133 ? 9.624   -18.763 -7.605  1.00 98.23  ? 564 LYS A C   1 
ATOM   1087 O O   . LYS A 1 133 ? 10.344  -18.978 -8.581  1.00 98.23  ? 564 LYS A O   1 
ATOM   1088 C CB  . LYS A 1 133 ? 9.866   -16.623 -6.266  1.00 98.23  ? 564 LYS A CB  1 
ATOM   1089 C CG  . LYS A 1 133 ? 9.281   -15.260 -5.940  1.00 98.23  ? 564 LYS A CG  1 
ATOM   1090 C CD  . LYS A 1 133 ? 10.233  -14.399 -5.134  1.00 98.23  ? 564 LYS A CD  1 
ATOM   1091 C CE  . LYS A 1 133 ? 9.639   -13.016 -4.908  1.00 98.23  ? 564 LYS A CE  1 
ATOM   1092 N NZ  . LYS A 1 133 ? 10.591  -12.083 -4.244  1.00 98.23  ? 564 LYS A NZ  1 
ATOM   1093 N N   . PRO A 1 134 ? 9.284   -19.725 -6.730  1.00 104.16 ? 565 PRO A N   1 
ATOM   1094 C CA  . PRO A 1 134 ? 9.652   -21.126 -6.957  1.00 104.16 ? 565 PRO A CA  1 
ATOM   1095 C C   . PRO A 1 134 ? 9.214   -21.633 -8.329  1.00 104.16 ? 565 PRO A C   1 
ATOM   1096 O O   . PRO A 1 134 ? 10.060  -22.031 -9.127  1.00 104.16 ? 565 PRO A O   1 
ATOM   1097 C CB  . PRO A 1 134 ? 8.885   -21.861 -5.857  1.00 104.16 ? 565 PRO A CB  1 
ATOM   1098 C CG  . PRO A 1 134 ? 8.814   -20.878 -4.753  1.00 104.16 ? 565 PRO A CG  1 
ATOM   1099 C CD  . PRO A 1 134 ? 8.643   -19.537 -5.417  1.00 104.16 ? 565 PRO A CD  1 
ATOM   1100 N N   . ASP A 1 135 ? 7.911   -21.616 -8.594  1.00 97.56  ? 566 ASP A N   1 
ATOM   1101 C CA  . ASP A 1 135 ? 7.374   -22.135 -9.849  1.00 97.56  ? 566 ASP A CA  1 
ATOM   1102 C C   . ASP A 1 135 ? 8.041   -21.506 -11.064 1.00 97.56  ? 566 ASP A C   1 
ATOM   1103 O O   . ASP A 1 135 ? 8.437   -22.205 -11.993 1.00 97.56  ? 566 ASP A O   1 
ATOM   1104 C CB  . ASP A 1 135 ? 5.862   -21.921 -9.917  1.00 97.56  ? 566 ASP A CB  1 
ATOM   1105 C CG  . ASP A 1 135 ? 5.128   -22.637 -8.808  1.00 97.56  ? 566 ASP A CG  1 
ATOM   1106 O OD1 . ASP A 1 135 ? 5.670   -23.646 -8.308  1.00 97.56  ? 566 ASP A OD1 1 
ATOM   1107 O OD2 . ASP A 1 135 ? 4.015   -22.199 -8.440  1.00 97.56  ? 566 ASP A OD2 1 
ATOM   1108 N N   . LEU A 1 136 ? 8.154   -20.184 -11.055 1.00 84.17  ? 567 LEU A N   1 
ATOM   1109 C CA  . LEU A 1 136 ? 8.820   -19.469 -12.134 1.00 84.17  ? 567 LEU A CA  1 
ATOM   1110 C C   . LEU A 1 136 ? 10.192  -20.072 -12.424 1.00 84.17  ? 567 LEU A C   1 
ATOM   1111 O O   . LEU A 1 136 ? 10.490  -20.438 -13.559 1.00 84.17  ? 567 LEU A O   1 
ATOM   1112 C CB  . LEU A 1 136 ? 8.958   -17.990 -11.780 1.00 84.17  ? 567 LEU A CB  1 
ATOM   1113 C CG  . LEU A 1 136 ? 7.671   -17.167 -11.830 1.00 84.17  ? 567 LEU A CG  1 
ATOM   1114 C CD1 . LEU A 1 136 ? 7.877   -15.803 -11.189 1.00 84.17  ? 567 LEU A CD1 1 
ATOM   1115 C CD2 . LEU A 1 136 ? 7.202   -17.023 -13.266 1.00 84.17  ? 567 LEU A CD2 1 
ATOM   1116 N N   . MET A 1 137 ? 11.020  -20.173 -11.390 1.00 103.87 ? 568 MET A N   1 
ATOM   1117 C CA  . MET A 1 137 ? 12.333  -20.791 -11.507 1.00 103.87 ? 568 MET A CA  1 
ATOM   1118 C C   . MET A 1 137 ? 12.232  -22.140 -12.194 1.00 103.87 ? 568 MET A C   1 
ATOM   1119 O O   . MET A 1 137 ? 12.931  -22.402 -13.170 1.00 103.87 ? 568 MET A O   1 
ATOM   1120 C CB  . MET A 1 137 ? 12.950  -20.972 -10.124 1.00 103.87 ? 568 MET A CB  1 
ATOM   1121 C CG  . MET A 1 137 ? 14.250  -21.735 -10.135 1.00 103.87 ? 568 MET A CG  1 
ATOM   1122 S SD  . MET A 1 137 ? 15.685  -20.653 -10.283 1.00 103.87 ? 568 MET A SD  1 
ATOM   1123 C CE  . MET A 1 137 ? 15.901  -20.151 -8.570  1.00 103.87 ? 568 MET A CE  1 
ATOM   1124 N N   . GLN A 1 138 ? 11.356  -22.993 -11.673 1.00 92.24  ? 569 GLN A N   1 
ATOM   1125 C CA  . GLN A 1 138 ? 11.201  -24.344 -12.192 1.00 92.24  ? 569 GLN A CA  1 
ATOM   1126 C C   . GLN A 1 138 ? 10.747  -24.362 -13.643 1.00 92.24  ? 569 GLN A C   1 
ATOM   1127 O O   . GLN A 1 138 ? 11.370  -25.017 -14.477 1.00 92.24  ? 569 GLN A O   1 
ATOM   1128 C CB  . GLN A 1 138 ? 10.245  -25.156 -11.318 1.00 92.24  ? 569 GLN A CB  1 
ATOM   1129 C CG  . GLN A 1 138 ? 10.873  -25.636 -10.021 1.00 92.24  ? 569 GLN A CG  1 
ATOM   1130 C CD  . GLN A 1 138 ? 12.216  -26.305 -10.239 1.00 92.24  ? 569 GLN A CD  1 
ATOM   1131 O OE1 . GLN A 1 138 ? 12.350  -27.193 -11.082 1.00 92.24  ? 569 GLN A OE1 1 
ATOM   1132 N NE2 . GLN A 1 138 ? 13.224  -25.873 -9.488  1.00 92.24  ? 569 GLN A NE2 1 
ATOM   1133 N N   . LEU A 1 139 ? 9.666   -23.649 -13.941 1.00 69.47  ? 570 LEU A N   1 
ATOM   1134 C CA  . LEU A 1 139 ? 9.170   -23.579 -15.310 1.00 69.47  ? 570 LEU A CA  1 
ATOM   1135 C C   . LEU A 1 139 ? 10.243  -23.093 -16.276 1.00 69.47  ? 570 LEU A C   1 
ATOM   1136 O O   . LEU A 1 139 ? 10.403  -23.658 -17.353 1.00 69.47  ? 570 LEU A O   1 
ATOM   1137 C CB  . LEU A 1 139 ? 7.924   -22.701 -15.406 1.00 69.47  ? 570 LEU A CB  1 
ATOM   1138 C CG  . LEU A 1 139 ? 6.585   -23.399 -15.164 1.00 69.47  ? 570 LEU A CG  1 
ATOM   1139 C CD1 . LEU A 1 139 ? 6.461   -23.802 -13.714 1.00 69.47  ? 570 LEU A CD1 1 
ATOM   1140 C CD2 . LEU A 1 139 ? 5.423   -22.502 -15.563 1.00 69.47  ? 570 LEU A CD2 1 
ATOM   1141 N N   . ARG A 1 140 ? 10.982  -22.057 -15.896 1.00 81.71  ? 571 ARG A N   1 
ATOM   1142 C CA  . ARG A 1 140 ? 12.071  -21.578 -16.735 1.00 81.71  ? 571 ARG A CA  1 
ATOM   1143 C C   . ARG A 1 140 ? 13.089  -22.686 -16.990 1.00 81.71  ? 571 ARG A C   1 
ATOM   1144 O O   . ARG A 1 140 ? 13.445  -22.956 -18.134 1.00 81.71  ? 571 ARG A O   1 
ATOM   1145 C CB  . ARG A 1 140 ? 12.751  -20.370 -16.104 1.00 81.71  ? 571 ARG A CB  1 
ATOM   1146 C CG  . ARG A 1 140 ? 14.210  -20.252 -16.470 1.00 81.71  ? 571 ARG A CG  1 
ATOM   1147 C CD  . ARG A 1 140 ? 15.087  -20.423 -15.248 1.00 81.71  ? 571 ARG A CD  1 
ATOM   1148 N NE  . ARG A 1 140 ? 16.396  -20.962 -15.593 1.00 81.71  ? 571 ARG A NE  1 
ATOM   1149 C CZ  . ARG A 1 140 ? 17.417  -21.034 -14.747 1.00 81.71  ? 571 ARG A CZ  1 
ATOM   1150 N NH1 . ARG A 1 140 ? 17.287  -20.586 -13.502 1.00 81.71  ? 571 ARG A NH1 1 
ATOM   1151 N NH2 . ARG A 1 140 ? 18.572  -21.546 -15.150 1.00 81.71  ? 571 ARG A NH2 1 
ATOM   1152 N N   . LYS A 1 141 ? 13.543  -23.328 -15.915 1.00 80.70  ? 572 LYS A N   1 
ATOM   1153 C CA  . LYS A 1 141 ? 14.469  -24.452 -16.006 1.00 80.70  ? 572 LYS A CA  1 
ATOM   1154 C C   . LYS A 1 141 ? 13.936  -25.520 -16.952 1.00 80.70  ? 572 LYS A C   1 
ATOM   1155 O O   . LYS A 1 141 ? 14.614  -25.918 -17.899 1.00 80.70  ? 572 LYS A O   1 
ATOM   1156 C CB  . LYS A 1 141 ? 14.693  -25.065 -14.623 1.00 80.70  ? 572 LYS A CB  1 
ATOM   1157 C CG  . LYS A 1 141 ? 15.602  -24.267 -13.703 1.00 80.70  ? 572 LYS A CG  1 
ATOM   1158 C CD  . LYS A 1 141 ? 15.689  -24.945 -12.334 1.00 80.70  ? 572 LYS A CD  1 
ATOM   1159 C CE  . LYS A 1 141 ? 16.739  -24.301 -11.433 1.00 80.70  ? 572 LYS A CE  1 
ATOM   1160 N NZ  . LYS A 1 141 ? 16.667  -24.804 -10.027 1.00 80.70  ? 572 LYS A NZ  1 
ATOM   1161 N N   . ILE A 1 142 ? 12.721  -25.985 -16.673 1.00 65.19  ? 573 ILE A N   1 
ATOM   1162 C CA  . ILE A 1 142 ? 12.048  -26.978 -17.504 1.00 65.19  ? 573 ILE A CA  1 
ATOM   1163 C C   . ILE A 1 142 ? 12.044  -26.597 -18.980 1.00 65.19  ? 573 ILE A C   1 
ATOM   1164 O O   . ILE A 1 142 ? 12.545  -27.338 -19.827 1.00 65.19  ? 573 ILE A O   1 
ATOM   1165 C CB  . ILE A 1 142 ? 10.590  -27.161 -17.063 1.00 65.19  ? 573 ILE A CB  1 
ATOM   1166 C CG1 . ILE A 1 142 ? 10.520  -27.894 -15.723 1.00 65.19  ? 573 ILE A CG1 1 
ATOM   1167 C CG2 . ILE A 1 142 ? 9.814   -27.927 -18.122 1.00 65.19  ? 573 ILE A CG2 1 
ATOM   1168 C CD1 . ILE A 1 142 ? 10.821  -29.372 -15.830 1.00 65.19  ? 573 ILE A CD1 1 
ATOM   1169 N N   . ARG A 1 143 ? 11.462  -25.441 -19.280 1.00 83.97  ? 574 ARG A N   1 
ATOM   1170 C CA  . ARG A 1 143 ? 11.372  -24.957 -20.649 1.00 83.97  ? 574 ARG A CA  1 
ATOM   1171 C C   . ARG A 1 143 ? 12.743  -24.938 -21.315 1.00 83.97  ? 574 ARG A C   1 
ATOM   1172 O O   . ARG A 1 143 ? 12.882  -25.323 -22.474 1.00 83.97  ? 574 ARG A O   1 
ATOM   1173 C CB  . ARG A 1 143 ? 10.728  -23.568 -20.679 1.00 83.97  ? 574 ARG A CB  1 
ATOM   1174 C CG  . ARG A 1 143 ? 10.616  -22.972 -22.068 1.00 83.97  ? 574 ARG A CG  1 
ATOM   1175 C CD  . ARG A 1 143 ? 11.687  -21.929 -22.311 1.00 83.97  ? 574 ARG A CD  1 
ATOM   1176 N NE  . ARG A 1 143 ? 11.316  -20.639 -21.744 1.00 83.97  ? 574 ARG A NE  1 
ATOM   1177 C CZ  . ARG A 1 143 ? 12.188  -19.717 -21.354 1.00 83.97  ? 574 ARG A CZ  1 
ATOM   1178 N NH1 . ARG A 1 143 ? 13.492  -19.946 -21.462 1.00 83.97  ? 574 ARG A NH1 1 
ATOM   1179 N NH2 . ARG A 1 143 ? 11.761  -18.567 -20.848 1.00 83.97  ? 574 ARG A NH2 1 
ATOM   1180 N N   . ASP A 1 144 ? 13.753  -24.505 -20.567 1.00 93.47  ? 575 ASP A N   1 
ATOM   1181 C CA  . ASP A 1 144 ? 15.122  -24.495 -21.064 1.00 93.47  ? 575 ASP A CA  1 
ATOM   1182 C C   . ASP A 1 144 ? 15.588  -25.907 -21.398 1.00 93.47  ? 575 ASP A C   1 
ATOM   1183 O O   . ASP A 1 144 ? 16.386  -26.104 -22.312 1.00 93.47  ? 575 ASP A O   1 
ATOM   1184 C CB  . ASP A 1 144 ? 16.070  -23.877 -20.032 1.00 93.47  ? 575 ASP A CB  1 
ATOM   1185 C CG  . ASP A 1 144 ? 15.935  -22.367 -19.936 1.00 93.47  ? 575 ASP A CG  1 
ATOM   1186 O OD1 . ASP A 1 144 ? 14.844  -21.841 -20.245 1.00 93.47  ? 575 ASP A OD1 1 
ATOM   1187 O OD2 . ASP A 1 144 ? 16.923  -21.706 -19.545 1.00 93.47  ? 575 ASP A OD2 1 
ATOM   1188 N N   . GLN A 1 145 ? 15.087  -26.887 -20.656 1.00 84.92  ? 576 GLN A N   1 
ATOM   1189 C CA  . GLN A 1 145 ? 15.491  -28.271 -20.865 1.00 84.92  ? 576 GLN A CA  1 
ATOM   1190 C C   . GLN A 1 145 ? 14.936  -28.818 -22.177 1.00 84.92  ? 576 GLN A C   1 
ATOM   1191 O O   . GLN A 1 145 ? 15.663  -29.439 -22.952 1.00 84.92  ? 576 GLN A O   1 
ATOM   1192 C CB  . GLN A 1 145 ? 15.066  -29.142 -19.683 1.00 84.92  ? 576 GLN A CB  1 
ATOM   1193 C CG  . GLN A 1 145 ? 16.027  -30.275 -19.391 1.00 84.92  ? 576 GLN A CG  1 
ATOM   1194 C CD  . GLN A 1 145 ? 17.425  -29.781 -19.066 1.00 84.92  ? 576 GLN A CD  1 
ATOM   1195 O OE1 . GLN A 1 145 ? 17.666  -29.245 -17.982 1.00 84.92  ? 576 GLN A OE1 1 
ATOM   1196 N NE2 . GLN A 1 145 ? 18.355  -29.963 -20.004 1.00 84.92  ? 576 GLN A NE2 1 
ATOM   1197 N N   . TYR A 1 146 ? 13.651  -28.580 -22.423 1.00 90.28  ? 577 TYR A N   1 
ATOM   1198 C CA  . TYR A 1 146 ? 13.034  -28.964 -23.686 1.00 90.28  ? 577 TYR A CA  1 
ATOM   1199 C C   . TYR A 1 146 ? 13.753  -28.314 -24.858 1.00 90.28  ? 577 TYR A C   1 
ATOM   1200 O O   . TYR A 1 146 ? 13.908  -28.922 -25.914 1.00 90.28  ? 577 TYR A O   1 
ATOM   1201 C CB  . TYR A 1 146 ? 11.564  -28.559 -23.709 1.00 90.28  ? 577 TYR A CB  1 
ATOM   1202 C CG  . TYR A 1 146 ? 10.668  -29.477 -22.923 1.00 90.28  ? 577 TYR A CG  1 
ATOM   1203 C CD1 . TYR A 1 146 ? 10.064  -30.567 -23.524 1.00 90.28  ? 577 TYR A CD1 1 
ATOM   1204 C CD2 . TYR A 1 146 ? 10.423  -29.253 -21.581 1.00 90.28  ? 577 TYR A CD2 1 
ATOM   1205 C CE1 . TYR A 1 146 ? 9.241   -31.411 -22.807 1.00 90.28  ? 577 TYR A CE1 1 
ATOM   1206 C CE2 . TYR A 1 146 ? 9.600   -30.092 -20.856 1.00 90.28  ? 577 TYR A CE2 1 
ATOM   1207 C CZ  . TYR A 1 146 ? 9.011   -31.171 -21.475 1.00 90.28  ? 577 TYR A CZ  1 
ATOM   1208 O OH  . TYR A 1 146 ? 8.189   -32.013 -20.761 1.00 90.28  ? 577 TYR A OH  1 
ATOM   1209 N N   . LEU A 1 147 ? 14.177  -27.068 -24.671 1.00 80.42  ? 578 LEU A N   1 
ATOM   1210 C CA  . LEU A 1 147 ? 14.918  -26.348 -25.698 1.00 80.42  ? 578 LEU A CA  1 
ATOM   1211 C C   . LEU A 1 147 ? 16.204  -27.084 -26.060 1.00 80.42  ? 578 LEU A C   1 
ATOM   1212 O O   . LEU A 1 147 ? 16.472  -27.331 -27.233 1.00 80.42  ? 578 LEU A O   1 
ATOM   1213 C CB  . LEU A 1 147 ? 15.237  -24.924 -25.240 1.00 80.42  ? 578 LEU A CB  1 
ATOM   1214 C CG  . LEU A 1 147 ? 14.079  -23.931 -25.126 1.00 80.42  ? 578 LEU A CG  1 
ATOM   1215 C CD1 . LEU A 1 147 ? 14.598  -22.534 -24.809 1.00 80.42  ? 578 LEU A CD1 1 
ATOM   1216 C CD2 . LEU A 1 147 ? 13.265  -23.911 -26.407 1.00 80.42  ? 578 LEU A CD2 1 
ATOM   1217 N N   . VAL A 1 148 ? 16.994  -27.431 -25.046 1.00 88.34  ? 579 VAL A N   1 
ATOM   1218 C CA  . VAL A 1 148 ? 18.234  -28.173 -25.250 1.00 88.34  ? 579 VAL A CA  1 
ATOM   1219 C C   . VAL A 1 148 ? 17.949  -29.492 -25.948 1.00 88.34  ? 579 VAL A C   1 
ATOM   1220 O O   . VAL A 1 148 ? 18.658  -29.890 -26.869 1.00 88.34  ? 579 VAL A O   1 
ATOM   1221 C CB  . VAL A 1 148 ? 18.931  -28.475 -23.911 1.00 88.34  ? 579 VAL A CB  1 
ATOM   1222 C CG1 . VAL A 1 148 ? 20.219  -29.257 -24.141 1.00 88.34  ? 579 VAL A CG1 1 
ATOM   1223 C CG2 . VAL A 1 148 ? 19.208  -27.188 -23.154 1.00 88.34  ? 579 VAL A CG2 1 
ATOM   1224 N N   . TRP A 1 149 ? 16.898  -30.164 -25.493 1.00 99.36  ? 580 TRP A N   1 
ATOM   1225 C CA  . TRP A 1 149 ? 16.500  -31.450 -26.036 1.00 99.36  ? 580 TRP A CA  1 
ATOM   1226 C C   . TRP A 1 149 ? 16.169  -31.328 -27.515 1.00 99.36  ? 580 TRP A C   1 
ATOM   1227 O O   . TRP A 1 149 ? 16.795  -31.970 -28.355 1.00 99.36  ? 580 TRP A O   1 
ATOM   1228 C CB  . TRP A 1 149 ? 15.288  -31.970 -25.272 1.00 99.36  ? 580 TRP A CB  1 
ATOM   1229 C CG  . TRP A 1 149 ? 15.053  -33.431 -25.453 1.00 99.36  ? 580 TRP A CG  1 
ATOM   1230 C CD1 . TRP A 1 149 ? 15.857  -34.315 -26.114 1.00 99.36  ? 580 TRP A CD1 1 
ATOM   1231 C CD2 . TRP A 1 149 ? 13.938  -34.190 -24.966 1.00 99.36  ? 580 TRP A CD2 1 
ATOM   1232 N NE1 . TRP A 1 149 ? 15.312  -35.577 -26.069 1.00 99.36  ? 580 TRP A NE1 1 
ATOM   1233 C CE2 . TRP A 1 149 ? 14.135  -35.525 -25.371 1.00 99.36  ? 580 TRP A CE2 1 
ATOM   1234 C CE3 . TRP A 1 149 ? 12.796  -33.866 -24.228 1.00 99.36  ? 580 TRP A CE3 1 
ATOM   1235 C CZ2 . TRP A 1 149 ? 13.225  -36.539 -25.063 1.00 99.36  ? 580 TRP A CZ2 1 
ATOM   1236 C CZ3 . TRP A 1 149 ? 11.897  -34.874 -23.923 1.00 99.36  ? 580 TRP A CZ3 1 
ATOM   1237 C CH2 . TRP A 1 149 ? 12.117  -36.193 -24.338 1.00 99.36  ? 580 TRP A CH2 1 
ATOM   1238 N N   . LEU A 1 150 ? 15.171  -30.510 -27.826 1.00 82.88  ? 581 LEU A N   1 
ATOM   1239 C CA  . LEU A 1 150 ? 14.793  -30.257 -29.208 1.00 82.88  ? 581 LEU A CA  1 
ATOM   1240 C C   . LEU A 1 150 ? 15.983  -29.755 -30.021 1.00 82.88  ? 581 LEU A C   1 
ATOM   1241 O O   . LEU A 1 150 ? 16.110  -30.070 -31.202 1.00 82.88  ? 581 LEU A O   1 
ATOM   1242 C CB  . LEU A 1 150 ? 13.638  -29.254 -29.272 1.00 82.88  ? 581 LEU A CB  1 
ATOM   1243 C CG  . LEU A 1 150 ? 12.284  -29.753 -28.759 1.00 82.88  ? 581 LEU A CG  1 
ATOM   1244 C CD1 . LEU A 1 150 ? 11.271  -28.624 -28.661 1.00 82.88  ? 581 LEU A CD1 1 
ATOM   1245 C CD2 . LEU A 1 150 ? 11.762  -30.851 -29.661 1.00 82.88  ? 581 LEU A CD2 1 
ATOM   1246 N N   . THR A 1 151 ? 16.862  -28.988 -29.385 1.00 91.09  ? 582 THR A N   1 
ATOM   1247 C CA  . THR A 1 151 ? 18.017  -28.434 -30.084 1.00 91.09  ? 582 THR A CA  1 
ATOM   1248 C C   . THR A 1 151 ? 19.006  -29.510 -30.522 1.00 91.09  ? 582 THR A C   1 
ATOM   1249 O O   . THR A 1 151 ? 19.495  -29.479 -31.649 1.00 91.09  ? 582 THR A O   1 
ATOM   1250 C CB  . THR A 1 151 ? 18.745  -27.380 -29.233 1.00 91.09  ? 582 THR A CB  1 
ATOM   1251 O OG1 . THR A 1 151 ? 17.935  -26.201 -29.141 1.00 91.09  ? 582 THR A OG1 1 
ATOM   1252 C CG2 . THR A 1 151 ? 20.092  -27.032 -29.845 1.00 91.09  ? 582 THR A CG2 1 
ATOM   1253 N N   . GLN A 1 152 ? 19.308  -30.450 -29.632 1.00 125.29 ? 583 GLN A N   1 
ATOM   1254 C CA  . GLN A 1 152 ? 20.210  -31.545 -29.969 1.00 125.29 ? 583 GLN A CA  1 
ATOM   1255 C C   . GLN A 1 152 ? 19.494  -32.516 -30.896 1.00 125.29 ? 583 GLN A C   1 
ATOM   1256 O O   . GLN A 1 152 ? 20.112  -33.131 -31.760 1.00 125.29 ? 583 GLN A O   1 
ATOM   1257 C CB  . GLN A 1 152 ? 20.691  -32.269 -28.711 1.00 125.29 ? 583 GLN A CB  1 
ATOM   1258 C CG  . GLN A 1 152 ? 19.652  -33.178 -28.077 1.00 125.29 ? 583 GLN A CG  1 
ATOM   1259 C CD  . GLN A 1 152 ? 20.170  -33.880 -26.832 1.00 125.29 ? 583 GLN A CD  1 
ATOM   1260 O OE1 . GLN A 1 152 ? 21.229  -33.534 -26.304 1.00 125.29 ? 583 GLN A OE1 1 
ATOM   1261 N NE2 . GLN A 1 152 ? 19.424  -34.875 -26.361 1.00 125.29 ? 583 GLN A NE2 1 
ATOM   1262 N N   . LYS A 1 153 ? 18.183  -32.643 -30.708 1.00 93.89  ? 584 LYS A N   1 
ATOM   1263 C CA  . LYS A 1 153 ? 17.341  -33.360 -31.653 1.00 93.89  ? 584 LYS A CA  1 
ATOM   1264 C C   . LYS A 1 153 ? 17.454  -32.665 -32.998 1.00 93.89  ? 584 LYS A C   1 
ATOM   1265 O O   . LYS A 1 153 ? 17.888  -31.516 -33.075 1.00 93.89  ? 584 LYS A O   1 
ATOM   1266 C CB  . LYS A 1 153 ? 15.887  -33.355 -31.180 1.00 93.89  ? 584 LYS A CB  1 
ATOM   1267 C CG  . LYS A 1 153 ? 15.455  -34.633 -30.491 1.00 93.89  ? 584 LYS A CG  1 
ATOM   1268 C CD  . LYS A 1 153 ? 14.077  -34.479 -29.862 1.00 93.89  ? 584 LYS A CD  1 
ATOM   1269 C CE  . LYS A 1 153 ? 13.395  -35.833 -29.674 1.00 93.89  ? 584 LYS A CE  1 
ATOM   1270 N NZ  . LYS A 1 153 ? 14.249  -36.821 -28.955 1.00 93.89  ? 584 LYS A NZ  1 
ATOM   1271 N N   . GLY A 1 154 ? 17.062  -33.356 -34.060 1.00 134.66 ? 585 GLY A N   1 
ATOM   1272 C CA  . GLY A 1 154 ? 17.060  -32.752 -35.379 1.00 134.66 ? 585 GLY A CA  1 
ATOM   1273 C C   . GLY A 1 154 ? 16.261  -31.463 -35.371 1.00 134.66 ? 585 GLY A C   1 
ATOM   1274 O O   . GLY A 1 154 ? 16.516  -30.548 -36.158 1.00 134.66 ? 585 GLY A O   1 
ATOM   1275 N N   . ALA A 1 155 ? 15.288  -31.407 -34.463 1.00 150.06 ? 586 ALA A N   1 
ATOM   1276 C CA  . ALA A 1 155 ? 14.407  -30.253 -34.322 1.00 150.06 ? 586 ALA A CA  1 
ATOM   1277 C C   . ALA A 1 155 ? 15.221  -28.979 -34.328 1.00 150.06 ? 586 ALA A C   1 
ATOM   1278 O O   . ALA A 1 155 ? 16.349  -28.952 -33.824 1.00 150.06 ? 586 ALA A O   1 
ATOM   1279 C CB  . ALA A 1 155 ? 13.588  -30.347 -33.047 1.00 150.06 ? 586 ALA A CB  1 
ATOM   1280 N N   . ARG A 1 156 ? 14.645  -27.918 -34.889 1.00 126.22 ? 587 ARG A N   1 
ATOM   1281 C CA  . ARG A 1 156 ? 15.422  -26.713 -35.156 1.00 126.22 ? 587 ARG A CA  1 
ATOM   1282 C C   . ARG A 1 156 ? 14.621  -25.393 -35.328 1.00 126.22 ? 587 ARG A C   1 
ATOM   1283 O O   . ARG A 1 156 ? 13.390  -25.380 -35.294 1.00 126.22 ? 587 ARG A O   1 
ATOM   1284 C CB  . ARG A 1 156 ? 16.329  -26.962 -36.360 1.00 126.22 ? 587 ARG A CB  1 
ATOM   1285 C CG  . ARG A 1 156 ? 17.472  -27.969 -36.180 1.00 126.22 ? 587 ARG A CG  1 
ATOM   1286 C CD  . ARG A 1 156 ? 18.346  -28.038 -37.438 1.00 126.22 ? 587 ARG A CD  1 
ATOM   1287 N NE  . ARG A 1 156 ? 18.821  -29.381 -37.792 1.00 126.22 ? 587 ARG A NE  1 
ATOM   1288 C CZ  . ARG A 1 156 ? 18.300  -30.139 -38.760 1.00 126.22 ? 587 ARG A CZ  1 
ATOM   1289 N NH1 . ARG A 1 156 ? 17.268  -29.703 -39.457 1.00 126.22 ? 587 ARG A NH1 1 
ATOM   1290 N NH2 . ARG A 1 156 ? 18.803  -31.337 -39.038 1.00 126.22 ? 587 ARG A NH2 1 
ATOM   1291 N N   . GLN A 1 157 ? 15.355  -24.304 -35.560 1.00 122.80 ? 588 GLN A N   1 
ATOM   1292 C CA  . GLN A 1 157 ? 14.899  -22.927 -35.327 1.00 122.80 ? 588 GLN A CA  1 
ATOM   1293 C C   . GLN A 1 157 ? 13.441  -22.561 -35.611 1.00 122.80 ? 588 GLN A C   1 
ATOM   1294 O O   . GLN A 1 157 ? 12.642  -22.447 -34.687 1.00 122.80 ? 588 GLN A O   1 
ATOM   1295 C CB  . GLN A 1 157 ? 15.834  -21.930 -36.017 1.00 122.80 ? 588 GLN A CB  1 
ATOM   1296 C CG  . GLN A 1 157 ? 15.643  -20.490 -35.559 1.00 122.80 ? 588 GLN A CG  1 
ATOM   1297 C CD  . GLN A 1 157 ? 16.149  -20.220 -34.135 1.00 122.80 ? 588 GLN A CD  1 
ATOM   1298 O OE1 . GLN A 1 157 ? 16.703  -19.153 -33.861 1.00 122.80 ? 588 GLN A OE1 1 
ATOM   1299 N NE2 . GLN A 1 157 ? 15.971  -21.187 -33.231 1.00 122.80 ? 588 GLN A NE2 1 
ATOM   1300 N N   . LYS A 1 158 ? 13.103  -22.349 -36.877 1.00 116.32 ? 589 LYS A N   1 
ATOM   1301 C CA  . LYS A 1 158 ? 11.802  -21.772 -37.211 1.00 116.32 ? 589 LYS A CA  1 
ATOM   1302 C C   . LYS A 1 158 ? 10.636  -22.304 -36.374 1.00 116.32 ? 589 LYS A C   1 
ATOM   1303 O O   . LYS A 1 158 ? 9.830   -21.527 -35.861 1.00 116.32 ? 589 LYS A O   1 
ATOM   1304 C CB  . LYS A 1 158 ? 11.481  -21.948 -38.692 1.00 116.32 ? 589 LYS A CB  1 
ATOM   1305 C CG  . LYS A 1 158 ? 10.126  -21.372 -39.061 1.00 116.32 ? 589 LYS A CG  1 
ATOM   1306 C CD  . LYS A 1 158 ? 9.586   -21.955 -40.352 1.00 116.32 ? 589 LYS A CD  1 
ATOM   1307 C CE  . LYS A 1 158 ? 10.386  -21.495 -41.554 1.00 116.32 ? 589 LYS A CE  1 
ATOM   1308 N NZ  . LYS A 1 158 ? 9.730   -21.926 -42.822 1.00 116.32 ? 589 LYS A NZ  1 
ATOM   1309 N N   . LYS A 1 159 ? 10.544  -23.623 -36.241 1.00 105.69 ? 590 LYS A N   1 
ATOM   1310 C CA  . LYS A 1 159 ? 9.441   -24.232 -35.508 1.00 105.69 ? 590 LYS A CA  1 
ATOM   1311 C C   . LYS A 1 159 ? 9.574   -23.944 -34.014 1.00 105.69 ? 590 LYS A C   1 
ATOM   1312 O O   . LYS A 1 159 ? 8.579   -23.743 -33.321 1.00 105.69 ? 590 LYS A O   1 
ATOM   1313 C CB  . LYS A 1 159 ? 9.379   -25.736 -35.775 1.00 105.69 ? 590 LYS A CB  1 
ATOM   1314 C CG  . LYS A 1 159 ? 8.000   -26.341 -35.573 1.00 105.69 ? 590 LYS A CG  1 
ATOM   1315 C CD  . LYS A 1 159 ? 7.596   -27.194 -36.772 1.00 105.69 ? 590 LYS A CD  1 
ATOM   1316 C CE  . LYS A 1 159 ? 6.185   -27.751 -36.632 1.00 105.69 ? 590 LYS A CE  1 
ATOM   1317 N NZ  . LYS A 1 159 ? 5.153   -26.682 -36.521 1.00 105.69 ? 590 LYS A NZ  1 
ATOM   1318 N N   . ILE A 1 160 ? 10.810  -23.924 -33.523 1.00 96.58  ? 591 ILE A N   1 
ATOM   1319 C CA  . ILE A 1 160 ? 11.075  -23.506 -32.153 1.00 96.58  ? 591 ILE A CA  1 
ATOM   1320 C C   . ILE A 1 160 ? 10.399  -22.159 -31.894 1.00 96.58  ? 591 ILE A C   1 
ATOM   1321 O O   . ILE A 1 160 ? 9.670   -21.996 -30.916 1.00 96.58  ? 591 ILE A O   1 
ATOM   1322 C CB  . ILE A 1 160 ? 12.594  -23.392 -31.880 1.00 96.58  ? 591 ILE A CB  1 
ATOM   1323 C CG1 . ILE A 1 160 ? 13.240  -24.781 -31.829 1.00 96.58  ? 591 ILE A CG1 1 
ATOM   1324 C CG2 . ILE A 1 160 ? 12.853  -22.630 -30.592 1.00 96.58  ? 591 ILE A CG2 1 
ATOM   1325 C CD1 . ILE A 1 160 ? 14.747  -24.753 -31.623 1.00 96.58  ? 591 ILE A CD1 1 
ATOM   1326 N N   . ASN A 1 161 ? 10.643  -21.199 -32.782 1.00 86.39  ? 592 ASN A N   1 
ATOM   1327 C CA  . ASN A 1 161 ? 10.036  -19.877 -32.671 1.00 86.39  ? 592 ASN A CA  1 
ATOM   1328 C C   . ASN A 1 161 ? 8.513   -19.953 -32.694 1.00 86.39  ? 592 ASN A C   1 
ATOM   1329 O O   . ASN A 1 161 ? 7.839   -19.218 -31.976 1.00 86.39  ? 592 ASN A O   1 
ATOM   1330 C CB  . ASN A 1 161 ? 10.542  -18.945 -33.776 1.00 86.39  ? 592 ASN A CB  1 
ATOM   1331 C CG  . ASN A 1 161 ? 12.031  -18.673 -33.674 1.00 86.39  ? 592 ASN A CG  1 
ATOM   1332 O OD1 . ASN A 1 161 ? 12.801  -19.528 -33.239 1.00 86.39  ? 592 ASN A OD1 1 
ATOM   1333 N ND2 . ASN A 1 161 ? 12.442  -17.474 -34.071 1.00 86.39  ? 592 ASN A ND2 1 
ATOM   1334 N N   . GLU A 1 162 ? 7.976   -20.843 -33.524 1.00 120.24 ? 593 GLU A N   1 
ATOM   1335 C CA  . GLU A 1 162 ? 6.539   -21.088 -33.555 1.00 120.24 ? 593 GLU A CA  1 
ATOM   1336 C C   . GLU A 1 162 ? 6.058   -21.461 -32.163 1.00 120.24 ? 593 GLU A C   1 
ATOM   1337 O O   . GLU A 1 162 ? 5.065   -20.924 -31.670 1.00 120.24 ? 593 GLU A O   1 
ATOM   1338 C CB  . GLU A 1 162 ? 6.202   -22.224 -34.524 1.00 120.24 ? 593 GLU A CB  1 
ATOM   1339 C CG  . GLU A 1 162 ? 6.543   -21.955 -35.982 1.00 120.24 ? 593 GLU A CG  1 
ATOM   1340 C CD  . GLU A 1 162 ? 5.994   -23.034 -36.904 1.00 120.24 ? 593 GLU A CD  1 
ATOM   1341 O OE1 . GLU A 1 162 ? 6.282   -22.985 -38.121 1.00 120.24 ? 593 GLU A OE1 1 
ATOM   1342 O OE2 . GLU A 1 162 ? 5.269   -23.927 -36.408 1.00 120.24 ? 593 GLU A OE2 1 
ATOM   1343 N N   . TRP A 1 163 ? 6.778   -22.384 -31.536 1.00 105.30 ? 594 TRP A N   1 
ATOM   1344 C CA  . TRP A 1 163 ? 6.402   -22.919 -30.232 1.00 105.30 ? 594 TRP A CA  1 
ATOM   1345 C C   . TRP A 1 163 ? 6.565   -21.904 -29.106 1.00 105.30 ? 594 TRP A C   1 
ATOM   1346 O O   . TRP A 1 163 ? 6.010   -22.071 -28.020 1.00 105.30 ? 594 TRP A O   1 
ATOM   1347 C CB  . TRP A 1 163 ? 7.209   -24.182 -29.935 1.00 105.30 ? 594 TRP A CB  1 
ATOM   1348 C CG  . TRP A 1 163 ? 6.764   -25.361 -30.754 1.00 105.30 ? 594 TRP A CG  1 
ATOM   1349 C CD1 . TRP A 1 163 ? 5.486   -25.687 -31.077 1.00 105.30 ? 594 TRP A CD1 1 
ATOM   1350 C CD2 . TRP A 1 163 ? 7.610   -26.355 -31.359 1.00 105.30 ? 594 TRP A CD2 1 
ATOM   1351 N NE1 . TRP A 1 163 ? 5.471   -26.832 -31.843 1.00 105.30 ? 594 TRP A NE1 1 
ATOM   1352 C CE2 . TRP A 1 163 ? 6.747   -27.260 -32.030 1.00 105.30 ? 594 TRP A CE2 1 
ATOM   1353 C CE3 . TRP A 1 163 ? 8.982   -26.574 -31.399 1.00 105.30 ? 594 TRP A CE3 1 
ATOM   1354 C CZ2 . TRP A 1 163 ? 7.244   -28.364 -32.730 1.00 105.30 ? 594 TRP A CZ2 1 
ATOM   1355 C CZ3 . TRP A 1 163 ? 9.465   -27.669 -32.094 1.00 105.30 ? 594 TRP A CZ3 1 
ATOM   1356 C CH2 . TRP A 1 163 ? 8.595   -28.550 -32.751 1.00 105.30 ? 594 TRP A CH2 1 
ATOM   1357 N N   . LEU A 1 164 ? 7.313   -20.842 -29.379 1.00 105.06 ? 595 LEU A N   1 
ATOM   1358 C CA  . LEU A 1 164 ? 7.516   -19.778 -28.405 1.00 105.06 ? 595 LEU A CA  1 
ATOM   1359 C C   . LEU A 1 164 ? 6.691   -18.544 -28.767 1.00 105.06 ? 595 LEU A C   1 
ATOM   1360 O O   . LEU A 1 164 ? 6.837   -17.485 -28.155 1.00 105.06 ? 595 LEU A O   1 
ATOM   1361 C CB  . LEU A 1 164 ? 8.999   -19.423 -28.317 1.00 105.06 ? 595 LEU A CB  1 
ATOM   1362 C CG  . LEU A 1 164 ? 9.898   -20.593 -27.921 1.00 105.06 ? 595 LEU A CG  1 
ATOM   1363 C CD1 . LEU A 1 164 ? 11.354  -20.168 -27.870 1.00 105.06 ? 595 LEU A CD1 1 
ATOM   1364 C CD2 . LEU A 1 164 ? 9.455   -21.155 -26.583 1.00 105.06 ? 595 LEU A CD2 1 
ATOM   1365 N N   . GLY A 1 165 ? 5.818   -18.696 -29.759 1.00 136.95 ? 596 GLY A N   1 
ATOM   1366 C CA  . GLY A 1 165 ? 4.984   -17.603 -30.221 1.00 136.95 ? 596 GLY A CA  1 
ATOM   1367 C C   . GLY A 1 165 ? 5.778   -16.372 -30.607 1.00 136.95 ? 596 GLY A C   1 
ATOM   1368 O O   . GLY A 1 165 ? 5.541   -15.283 -30.081 1.00 136.95 ? 596 GLY A O   1 
ATOM   1369 N N   . ILE A 1 166 ? 6.716   -16.539 -31.534 1.00 109.34 ? 597 ILE A N   1 
ATOM   1370 C CA  . ILE A 1 166 ? 7.534   -15.425 -31.998 1.00 109.34 ? 597 ILE A CA  1 
ATOM   1371 C C   . ILE A 1 166 ? 7.196   -15.040 -33.441 1.00 109.34 ? 597 ILE A C   1 
ATOM   1372 O O   . ILE A 1 166 ? 7.037   -15.907 -34.303 1.00 109.34 ? 597 ILE A O   1 
ATOM   1373 C CB  . ILE A 1 166 ? 9.039   -15.734 -31.868 1.00 109.34 ? 597 ILE A CB  1 
ATOM   1374 C CG1 . ILE A 1 166 ? 9.402   -15.979 -30.403 1.00 109.34 ? 597 ILE A CG1 1 
ATOM   1375 C CG2 . ILE A 1 166 ? 9.873   -14.593 -32.440 1.00 109.34 ? 597 ILE A CG2 1 
ATOM   1376 C CD1 . ILE A 1 166 ? 10.890  -16.081 -30.156 1.00 109.34 ? 597 ILE A CD1 1 
ATOM   1377 N N   . LYS A 1 167 ? 7.084   -13.737 -33.694 1.00 148.91 ? 598 LYS A N   1 
ATOM   1378 C CA  . LYS A 1 167 ? 6.732   -13.230 -35.018 1.00 148.91 ? 598 LYS A CA  1 
ATOM   1379 C C   . LYS A 1 167 ? 7.746   -12.192 -35.501 1.00 148.91 ? 598 LYS A C   1 
ATOM   1380 O O   . LYS A 1 167 ? 7.461   -11.397 -36.400 1.00 148.91 ? 598 LYS A O   1 
ATOM   1381 C CB  . LYS A 1 167 ? 5.325   -12.622 -34.999 1.00 148.91 ? 598 LYS A CB  1 
ATOM   1382 C CG  . LYS A 1 167 ? 4.255   -13.560 -34.461 1.00 148.91 ? 598 LYS A CG  1 
ATOM   1383 C CD  . LYS A 1 167 ? 2.905   -12.866 -34.345 1.00 148.91 ? 598 LYS A CD  1 
ATOM   1384 C CE  . LYS A 1 167 ? 1.843   -13.809 -33.789 1.00 148.91 ? 598 LYS A CE  1 
ATOM   1385 N NZ  . LYS A 1 167 ? 0.518   -13.139 -33.636 1.00 148.91 ? 598 LYS A NZ  1 
HETATM 1386 O O   . HOH B 2 .   ? -5.788  37.020  37.593  1.00 69.95  ? 1   HOH A O   1 
HETATM 1387 O O   . HOH B 2 .   ? -3.751  39.094  30.951  1.00 64.02  ? 2   HOH A O   1 
HETATM 1388 O O   . HOH B 2 .   ? -20.710 48.955  32.188  1.00 64.82  ? 3   HOH A O   1 
HETATM 1389 O O   . HOH B 2 .   ? -23.241 45.836  37.373  1.00 55.10  ? 4   HOH A O   1 
HETATM 1390 O O   . HOH B 2 .   ? -24.271 48.766  36.290  1.00 64.55  ? 5   HOH A O   1 
HETATM 1391 O O   . HOH B 2 .   ? -23.327 46.583  34.755  0.50 40.22  ? 6   HOH A O   1 
HETATM 1392 O O   . HOH B 2 .   ? -25.069 43.528  35.087  1.00 77.45  ? 7   HOH A O   1 
HETATM 1393 O O   . HOH B 2 .   ? -23.421 44.757  32.940  1.00 55.53  ? 8   HOH A O   1 
HETATM 1394 O O   . HOH B 2 .   ? 20.316  -28.071 -14.728 0.50 70.98  ? 9   HOH A O   1 
HETATM 1395 O O   . HOH B 2 .   ? -7.193  4.929   -7.026  1.00 67.36  ? 10  HOH A O   1 
HETATM 1396 O O   . HOH B 2 .   ? -21.758 54.055  34.972  1.00 71.72  ? 11  HOH A O   1 
HETATM 1397 O O   . HOH B 2 .   ? -14.090 36.767  26.991  1.00 89.70  ? 12  HOH A O   1 
HETATM 1398 O O   . HOH B 2 .   ? 5.885   -13.504 -26.711 1.00 72.77  ? 13  HOH A O   1 
HETATM 1399 O O   . HOH B 2 .   ? 5.286   -7.990  -35.798 1.00 69.83  ? 14  HOH A O   1 
# 
